data_5YAD
# 
_entry.id   5YAD 
# 
_audit_conform.dict_name       mmcif_pdbx.dic 
_audit_conform.dict_version    5.397 
_audit_conform.dict_location   http://mmcif.pdb.org/dictionaries/ascii/mmcif_pdbx.dic 
# 
loop_
_database_2.database_id 
_database_2.database_code 
_database_2.pdbx_database_accession 
_database_2.pdbx_DOI 
PDB   5YAD         pdb_00005yad 10.2210/pdb5yad/pdb 
WWPDB D_1300004944 ?            ?                   
# 
loop_
_pdbx_audit_revision_history.ordinal 
_pdbx_audit_revision_history.data_content_type 
_pdbx_audit_revision_history.major_revision 
_pdbx_audit_revision_history.minor_revision 
_pdbx_audit_revision_history.revision_date 
1 'Structure model' 1 0 2018-10-03 
2 'Structure model' 1 1 2018-11-14 
3 'Structure model' 1 2 2024-10-16 
# 
_pdbx_audit_revision_details.ordinal             1 
_pdbx_audit_revision_details.revision_ordinal    1 
_pdbx_audit_revision_details.data_content_type   'Structure model' 
_pdbx_audit_revision_details.provider            repository 
_pdbx_audit_revision_details.type                'Initial release' 
_pdbx_audit_revision_details.description         ? 
_pdbx_audit_revision_details.details             ? 
# 
loop_
_pdbx_audit_revision_group.ordinal 
_pdbx_audit_revision_group.revision_ordinal 
_pdbx_audit_revision_group.data_content_type 
_pdbx_audit_revision_group.group 
1 2 'Structure model' 'Data collection'     
2 2 'Structure model' 'Database references' 
3 3 'Structure model' 'Data collection'     
4 3 'Structure model' 'Database references' 
5 3 'Structure model' 'Structure summary'   
# 
loop_
_pdbx_audit_revision_category.ordinal 
_pdbx_audit_revision_category.revision_ordinal 
_pdbx_audit_revision_category.data_content_type 
_pdbx_audit_revision_category.category 
1 2 'Structure model' citation                  
2 2 'Structure model' citation_author           
3 3 'Structure model' chem_comp_atom            
4 3 'Structure model' chem_comp_bond            
5 3 'Structure model' database_2                
6 3 'Structure model' pdbx_entry_details        
7 3 'Structure model' pdbx_modification_feature 
# 
loop_
_pdbx_audit_revision_item.ordinal 
_pdbx_audit_revision_item.revision_ordinal 
_pdbx_audit_revision_item.data_content_type 
_pdbx_audit_revision_item.item 
1  2 'Structure model' '_citation.country'                   
2  2 'Structure model' '_citation.journal_abbrev'            
3  2 'Structure model' '_citation.journal_id_ASTM'           
4  2 'Structure model' '_citation.journal_id_CSD'            
5  2 'Structure model' '_citation.journal_id_ISSN'           
6  2 'Structure model' '_citation.journal_volume'            
7  2 'Structure model' '_citation.page_first'                
8  2 'Structure model' '_citation.page_last'                 
9  2 'Structure model' '_citation.pdbx_database_id_DOI'      
10 2 'Structure model' '_citation.pdbx_database_id_PubMed'   
11 2 'Structure model' '_citation.title'                     
12 2 'Structure model' '_citation.year'                      
13 3 'Structure model' '_database_2.pdbx_DOI'                
14 3 'Structure model' '_database_2.pdbx_database_accession' 
# 
_pdbx_database_status.status_code                     REL 
_pdbx_database_status.status_code_sf                  REL 
_pdbx_database_status.status_code_mr                  ? 
_pdbx_database_status.entry_id                        5YAD 
_pdbx_database_status.recvd_initial_deposition_date   2017-08-31 
_pdbx_database_status.SG_entry                        N 
_pdbx_database_status.deposit_site                    PDBJ 
_pdbx_database_status.process_site                    PDBJ 
_pdbx_database_status.status_code_cs                  ? 
_pdbx_database_status.methods_development_category    ? 
_pdbx_database_status.pdb_format_compatible           Y 
_pdbx_database_status.status_code_nmr_data            ? 
# 
loop_
_audit_author.name 
_audit_author.pdbx_ordinal 
_audit_author.identifier_ORCID 
'Yao, Q.Q.' 1 ? 
'Wu, B.X.'  2 ? 
'Ma, J.B.'  3 ? 
# 
_citation.abstract                  ? 
_citation.abstract_id_CAS           ? 
_citation.book_id_ISBN              ? 
_citation.book_publisher            ? 
_citation.book_publisher_city       ? 
_citation.book_title                ? 
_citation.coordinate_linkage        ? 
_citation.country                   US 
_citation.database_id_Medline       ? 
_citation.details                   ? 
_citation.id                        primary 
_citation.journal_abbrev            'Proc. Natl. Acad. Sci. U.S.A.' 
_citation.journal_id_ASTM           PNASA6 
_citation.journal_id_CSD            0040 
_citation.journal_id_ISSN           1091-6490 
_citation.journal_full              ? 
_citation.journal_issue             ? 
_citation.journal_volume            115 
_citation.language                  ? 
_citation.page_first                11250 
_citation.page_last                 11255 
_citation.title                     'Ribonuclease activity of MARF1 controls oocyte RNA homeostasis and genome integrity in mice.' 
_citation.year                      2018 
_citation.database_id_CSD           ? 
_citation.pdbx_database_id_DOI      10.1073/pnas.1809744115 
_citation.pdbx_database_id_PubMed   30333187 
_citation.unpublished_flag          ? 
# 
loop_
_citation_author.citation_id 
_citation_author.name 
_citation_author.ordinal 
_citation_author.identifier_ORCID 
primary 'Yao, Q.'   1  ?                   
primary 'Cao, G.'   2  ?                   
primary 'Li, M.'    3  ?                   
primary 'Wu, B.'    4  ?                   
primary 'Zhang, X.' 5  ?                   
primary 'Zhang, T.' 6  ?                   
primary 'Guo, J.'   7  ?                   
primary 'Yin, H.'   8  ?                   
primary 'Shi, L.'   9  ?                   
primary 'Chen, J.'  10 ?                   
primary 'Yu, X.'    11 ?                   
primary 'Zheng, L.' 12 ?                   
primary 'Ma, J.'    13 0000-0002-0232-1786 
primary 'Su, Y.Q.'  14 0000-0003-3537-6246 
# 
loop_
_entity.id 
_entity.type 
_entity.src_method 
_entity.pdbx_description 
_entity.formula_weight 
_entity.pdbx_number_of_molecules 
_entity.pdbx_ec 
_entity.pdbx_mutation 
_entity.pdbx_fragment 
_entity.details 
1 polymer     man 'Meiosis regulator and mRNA stability factor 1' 8317.453 2   ? ? 'Lotus domain, UNP residues 858-932' ? 
2 non-polymer syn 'SULFATE ION'                                   96.063   3   ? ? ?                                    ? 
3 non-polymer syn GLYCEROL                                        92.094   1   ? ? ?                                    ? 
4 water       nat water                                           18.015   127 ? ? ?                                    ? 
# 
_entity_name_com.entity_id   1 
_entity_name_com.name        'Limkain-b1,Meiosis arrest female protein 1' 
# 
_entity_poly.entity_id                      1 
_entity_poly.type                           'polypeptide(L)' 
_entity_poly.nstd_linkage                   no 
_entity_poly.nstd_monomer                   yes 
_entity_poly.pdbx_seq_one_letter_code       'STGAANKSLSLLSTET(MSE)SILQDAPACCLPLFKFIDIYEKKYGHKLNVSDLYKLTDTIAIREQGNGRLVCLLPSNQ' 
_entity_poly.pdbx_seq_one_letter_code_can   STGAANKSLSLLSTETMSILQDAPACCLPLFKFIDIYEKKYGHKLNVSDLYKLTDTIAIREQGNGRLVCLLPSNQ 
_entity_poly.pdbx_strand_id                 A,B 
_entity_poly.pdbx_target_identifier         ? 
# 
loop_
_pdbx_entity_nonpoly.entity_id 
_pdbx_entity_nonpoly.name 
_pdbx_entity_nonpoly.comp_id 
2 'SULFATE ION' SO4 
3 GLYCEROL      GOL 
4 water         HOH 
# 
loop_
_entity_poly_seq.entity_id 
_entity_poly_seq.num 
_entity_poly_seq.mon_id 
_entity_poly_seq.hetero 
1 1  SER n 
1 2  THR n 
1 3  GLY n 
1 4  ALA n 
1 5  ALA n 
1 6  ASN n 
1 7  LYS n 
1 8  SER n 
1 9  LEU n 
1 10 SER n 
1 11 LEU n 
1 12 LEU n 
1 13 SER n 
1 14 THR n 
1 15 GLU n 
1 16 THR n 
1 17 MSE n 
1 18 SER n 
1 19 ILE n 
1 20 LEU n 
1 21 GLN n 
1 22 ASP n 
1 23 ALA n 
1 24 PRO n 
1 25 ALA n 
1 26 CYS n 
1 27 CYS n 
1 28 LEU n 
1 29 PRO n 
1 30 LEU n 
1 31 PHE n 
1 32 LYS n 
1 33 PHE n 
1 34 ILE n 
1 35 ASP n 
1 36 ILE n 
1 37 TYR n 
1 38 GLU n 
1 39 LYS n 
1 40 LYS n 
1 41 TYR n 
1 42 GLY n 
1 43 HIS n 
1 44 LYS n 
1 45 LEU n 
1 46 ASN n 
1 47 VAL n 
1 48 SER n 
1 49 ASP n 
1 50 LEU n 
1 51 TYR n 
1 52 LYS n 
1 53 LEU n 
1 54 THR n 
1 55 ASP n 
1 56 THR n 
1 57 ILE n 
1 58 ALA n 
1 59 ILE n 
1 60 ARG n 
1 61 GLU n 
1 62 GLN n 
1 63 GLY n 
1 64 ASN n 
1 65 GLY n 
1 66 ARG n 
1 67 LEU n 
1 68 VAL n 
1 69 CYS n 
1 70 LEU n 
1 71 LEU n 
1 72 PRO n 
1 73 SER n 
1 74 ASN n 
1 75 GLN n 
# 
_entity_src_gen.entity_id                          1 
_entity_src_gen.pdbx_src_id                        1 
_entity_src_gen.pdbx_alt_source_flag               sample 
_entity_src_gen.pdbx_seq_type                      'Biological sequence' 
_entity_src_gen.pdbx_beg_seq_num                   1 
_entity_src_gen.pdbx_end_seq_num                   75 
_entity_src_gen.gene_src_common_name               Mouse 
_entity_src_gen.gene_src_genus                     ? 
_entity_src_gen.pdbx_gene_src_gene                 'Marf1, Kiaa0430, Lkap' 
_entity_src_gen.gene_src_species                   ? 
_entity_src_gen.gene_src_strain                    ? 
_entity_src_gen.gene_src_tissue                    ? 
_entity_src_gen.gene_src_tissue_fraction           ? 
_entity_src_gen.gene_src_details                   ? 
_entity_src_gen.pdbx_gene_src_fragment             ? 
_entity_src_gen.pdbx_gene_src_scientific_name      'Mus musculus' 
_entity_src_gen.pdbx_gene_src_ncbi_taxonomy_id     10090 
_entity_src_gen.pdbx_gene_src_variant              ? 
_entity_src_gen.pdbx_gene_src_cell_line            ? 
_entity_src_gen.pdbx_gene_src_atcc                 ? 
_entity_src_gen.pdbx_gene_src_organ                ? 
_entity_src_gen.pdbx_gene_src_organelle            ? 
_entity_src_gen.pdbx_gene_src_cell                 ? 
_entity_src_gen.pdbx_gene_src_cellular_location    ? 
_entity_src_gen.host_org_common_name               ? 
_entity_src_gen.pdbx_host_org_scientific_name      'Escherichia coli' 
_entity_src_gen.pdbx_host_org_ncbi_taxonomy_id     562 
_entity_src_gen.host_org_genus                     ? 
_entity_src_gen.pdbx_host_org_gene                 ? 
_entity_src_gen.pdbx_host_org_organ                ? 
_entity_src_gen.host_org_species                   ? 
_entity_src_gen.pdbx_host_org_tissue               ? 
_entity_src_gen.pdbx_host_org_tissue_fraction      ? 
_entity_src_gen.pdbx_host_org_strain               ? 
_entity_src_gen.pdbx_host_org_variant              ? 
_entity_src_gen.pdbx_host_org_cell_line            ? 
_entity_src_gen.pdbx_host_org_atcc                 ? 
_entity_src_gen.pdbx_host_org_culture_collection   ? 
_entity_src_gen.pdbx_host_org_cell                 ? 
_entity_src_gen.pdbx_host_org_organelle            ? 
_entity_src_gen.pdbx_host_org_cellular_location    ? 
_entity_src_gen.pdbx_host_org_vector_type          ? 
_entity_src_gen.pdbx_host_org_vector               ? 
_entity_src_gen.host_org_details                   ? 
_entity_src_gen.expression_system_id               ? 
_entity_src_gen.plasmid_name                       ? 
_entity_src_gen.plasmid_details                    ? 
_entity_src_gen.pdbx_description                   ? 
# 
loop_
_chem_comp.id 
_chem_comp.type 
_chem_comp.mon_nstd_flag 
_chem_comp.name 
_chem_comp.pdbx_synonyms 
_chem_comp.formula 
_chem_comp.formula_weight 
ALA 'L-peptide linking' y ALANINE          ?                               'C3 H7 N O2'     89.093  
ARG 'L-peptide linking' y ARGININE         ?                               'C6 H15 N4 O2 1' 175.209 
ASN 'L-peptide linking' y ASPARAGINE       ?                               'C4 H8 N2 O3'    132.118 
ASP 'L-peptide linking' y 'ASPARTIC ACID'  ?                               'C4 H7 N O4'     133.103 
CYS 'L-peptide linking' y CYSTEINE         ?                               'C3 H7 N O2 S'   121.158 
GLN 'L-peptide linking' y GLUTAMINE        ?                               'C5 H10 N2 O3'   146.144 
GLU 'L-peptide linking' y 'GLUTAMIC ACID'  ?                               'C5 H9 N O4'     147.129 
GLY 'peptide linking'   y GLYCINE          ?                               'C2 H5 N O2'     75.067  
GOL non-polymer         . GLYCEROL         'GLYCERIN; PROPANE-1,2,3-TRIOL' 'C3 H8 O3'       92.094  
HIS 'L-peptide linking' y HISTIDINE        ?                               'C6 H10 N3 O2 1' 156.162 
HOH non-polymer         . WATER            ?                               'H2 O'           18.015  
ILE 'L-peptide linking' y ISOLEUCINE       ?                               'C6 H13 N O2'    131.173 
LEU 'L-peptide linking' y LEUCINE          ?                               'C6 H13 N O2'    131.173 
LYS 'L-peptide linking' y LYSINE           ?                               'C6 H15 N2 O2 1' 147.195 
MSE 'L-peptide linking' n SELENOMETHIONINE ?                               'C5 H11 N O2 Se' 196.106 
PHE 'L-peptide linking' y PHENYLALANINE    ?                               'C9 H11 N O2'    165.189 
PRO 'L-peptide linking' y PROLINE          ?                               'C5 H9 N O2'     115.130 
SER 'L-peptide linking' y SERINE           ?                               'C3 H7 N O3'     105.093 
SO4 non-polymer         . 'SULFATE ION'    ?                               'O4 S -2'        96.063  
THR 'L-peptide linking' y THREONINE        ?                               'C4 H9 N O3'     119.119 
TYR 'L-peptide linking' y TYROSINE         ?                               'C9 H11 N O3'    181.189 
VAL 'L-peptide linking' y VALINE           ?                               'C5 H11 N O2'    117.146 
# 
loop_
_pdbx_poly_seq_scheme.asym_id 
_pdbx_poly_seq_scheme.entity_id 
_pdbx_poly_seq_scheme.seq_id 
_pdbx_poly_seq_scheme.mon_id 
_pdbx_poly_seq_scheme.ndb_seq_num 
_pdbx_poly_seq_scheme.pdb_seq_num 
_pdbx_poly_seq_scheme.auth_seq_num 
_pdbx_poly_seq_scheme.pdb_mon_id 
_pdbx_poly_seq_scheme.auth_mon_id 
_pdbx_poly_seq_scheme.pdb_strand_id 
_pdbx_poly_seq_scheme.pdb_ins_code 
_pdbx_poly_seq_scheme.hetero 
A 1 1  SER 1  1  ?  ?   ?   A . n 
A 1 2  THR 2  2  ?  ?   ?   A . n 
A 1 3  GLY 3  3  3  GLY GLY A . n 
A 1 4  ALA 4  4  4  ALA ALA A . n 
A 1 5  ALA 5  5  5  ALA ALA A . n 
A 1 6  ASN 6  6  6  ASN ASN A . n 
A 1 7  LYS 7  7  7  LYS LYS A . n 
A 1 8  SER 8  8  8  SER SER A . n 
A 1 9  LEU 9  9  9  LEU LEU A . n 
A 1 10 SER 10 10 10 SER SER A . n 
A 1 11 LEU 11 11 11 LEU LEU A . n 
A 1 12 LEU 12 12 12 LEU LEU A . n 
A 1 13 SER 13 13 13 SER SER A . n 
A 1 14 THR 14 14 14 THR THR A . n 
A 1 15 GLU 15 15 15 GLU GLU A . n 
A 1 16 THR 16 16 16 THR THR A . n 
A 1 17 MSE 17 17 17 MSE MSE A . n 
A 1 18 SER 18 18 18 SER SER A . n 
A 1 19 ILE 19 19 19 ILE ILE A . n 
A 1 20 LEU 20 20 20 LEU LEU A . n 
A 1 21 GLN 21 21 21 GLN GLN A . n 
A 1 22 ASP 22 22 22 ASP ASP A . n 
A 1 23 ALA 23 23 23 ALA ALA A . n 
A 1 24 PRO 24 24 24 PRO PRO A . n 
A 1 25 ALA 25 25 25 ALA ALA A . n 
A 1 26 CYS 26 26 26 CYS CYS A . n 
A 1 27 CYS 27 27 27 CYS CYS A . n 
A 1 28 LEU 28 28 28 LEU LEU A . n 
A 1 29 PRO 29 29 29 PRO PRO A . n 
A 1 30 LEU 30 30 30 LEU LEU A . n 
A 1 31 PHE 31 31 31 PHE PHE A . n 
A 1 32 LYS 32 32 32 LYS LYS A . n 
A 1 33 PHE 33 33 33 PHE PHE A . n 
A 1 34 ILE 34 34 34 ILE ILE A . n 
A 1 35 ASP 35 35 35 ASP ASP A . n 
A 1 36 ILE 36 36 36 ILE ILE A . n 
A 1 37 TYR 37 37 37 TYR TYR A . n 
A 1 38 GLU 38 38 38 GLU GLU A . n 
A 1 39 LYS 39 39 39 LYS LYS A . n 
A 1 40 LYS 40 40 40 LYS LYS A . n 
A 1 41 TYR 41 41 41 TYR TYR A . n 
A 1 42 GLY 42 42 42 GLY GLY A . n 
A 1 43 HIS 43 43 43 HIS HIS A . n 
A 1 44 LYS 44 44 44 LYS LYS A . n 
A 1 45 LEU 45 45 45 LEU LEU A . n 
A 1 46 ASN 46 46 46 ASN ASN A . n 
A 1 47 VAL 47 47 47 VAL VAL A . n 
A 1 48 SER 48 48 48 SER SER A . n 
A 1 49 ASP 49 49 49 ASP ASP A . n 
A 1 50 LEU 50 50 50 LEU LEU A . n 
A 1 51 TYR 51 51 51 TYR TYR A . n 
A 1 52 LYS 52 52 52 LYS LYS A . n 
A 1 53 LEU 53 53 53 LEU LEU A . n 
A 1 54 THR 54 54 54 THR THR A . n 
A 1 55 ASP 55 55 55 ASP ASP A . n 
A 1 56 THR 56 56 56 THR THR A . n 
A 1 57 ILE 57 57 57 ILE ILE A . n 
A 1 58 ALA 58 58 58 ALA ALA A . n 
A 1 59 ILE 59 59 59 ILE ILE A . n 
A 1 60 ARG 60 60 60 ARG ARG A . n 
A 1 61 GLU 61 61 61 GLU GLU A . n 
A 1 62 GLN 62 62 62 GLN GLN A . n 
A 1 63 GLY 63 63 63 GLY GLY A . n 
A 1 64 ASN 64 64 64 ASN ASN A . n 
A 1 65 GLY 65 65 65 GLY GLY A . n 
A 1 66 ARG 66 66 66 ARG ARG A . n 
A 1 67 LEU 67 67 67 LEU LEU A . n 
A 1 68 VAL 68 68 68 VAL VAL A . n 
A 1 69 CYS 69 69 69 CYS CYS A . n 
A 1 70 LEU 70 70 70 LEU LEU A . n 
A 1 71 LEU 71 71 71 LEU LEU A . n 
A 1 72 PRO 72 72 72 PRO PRO A . n 
A 1 73 SER 73 73 73 SER SER A . n 
A 1 74 ASN 74 74 74 ASN ASN A . n 
A 1 75 GLN 75 75 75 GLN GLN A . n 
B 1 1  SER 1  1  ?  ?   ?   B . n 
B 1 2  THR 2  2  ?  ?   ?   B . n 
B 1 3  GLY 3  3  3  GLY GLY B . n 
B 1 4  ALA 4  4  4  ALA ALA B . n 
B 1 5  ALA 5  5  5  ALA ALA B . n 
B 1 6  ASN 6  6  6  ASN ASN B . n 
B 1 7  LYS 7  7  7  LYS LYS B . n 
B 1 8  SER 8  8  8  SER SER B . n 
B 1 9  LEU 9  9  9  LEU LEU B . n 
B 1 10 SER 10 10 10 SER SER B . n 
B 1 11 LEU 11 11 11 LEU LEU B . n 
B 1 12 LEU 12 12 12 LEU LEU B . n 
B 1 13 SER 13 13 13 SER SER B . n 
B 1 14 THR 14 14 14 THR THR B . n 
B 1 15 GLU 15 15 15 GLU GLU B . n 
B 1 16 THR 16 16 16 THR THR B . n 
B 1 17 MSE 17 17 17 MSE MSE B . n 
B 1 18 SER 18 18 18 SER SER B . n 
B 1 19 ILE 19 19 19 ILE ILE B . n 
B 1 20 LEU 20 20 20 LEU LEU B . n 
B 1 21 GLN 21 21 21 GLN GLN B . n 
B 1 22 ASP 22 22 22 ASP ASP B . n 
B 1 23 ALA 23 23 23 ALA ALA B . n 
B 1 24 PRO 24 24 24 PRO PRO B . n 
B 1 25 ALA 25 25 25 ALA ALA B . n 
B 1 26 CYS 26 26 26 CYS CYS B . n 
B 1 27 CYS 27 27 27 CYS CYS B . n 
B 1 28 LEU 28 28 28 LEU LEU B . n 
B 1 29 PRO 29 29 29 PRO PRO B . n 
B 1 30 LEU 30 30 30 LEU LEU B . n 
B 1 31 PHE 31 31 31 PHE PHE B . n 
B 1 32 LYS 32 32 32 LYS LYS B . n 
B 1 33 PHE 33 33 33 PHE PHE B . n 
B 1 34 ILE 34 34 34 ILE ILE B . n 
B 1 35 ASP 35 35 35 ASP ASP B . n 
B 1 36 ILE 36 36 36 ILE ILE B . n 
B 1 37 TYR 37 37 37 TYR TYR B . n 
B 1 38 GLU 38 38 38 GLU GLU B . n 
B 1 39 LYS 39 39 39 LYS LYS B . n 
B 1 40 LYS 40 40 40 LYS LYS B . n 
B 1 41 TYR 41 41 41 TYR TYR B . n 
B 1 42 GLY 42 42 42 GLY GLY B . n 
B 1 43 HIS 43 43 43 HIS HIS B . n 
B 1 44 LYS 44 44 44 LYS LYS B . n 
B 1 45 LEU 45 45 45 LEU LEU B . n 
B 1 46 ASN 46 46 46 ASN ASN B . n 
B 1 47 VAL 47 47 47 VAL VAL B . n 
B 1 48 SER 48 48 48 SER SER B . n 
B 1 49 ASP 49 49 49 ASP ASP B . n 
B 1 50 LEU 50 50 50 LEU LEU B . n 
B 1 51 TYR 51 51 51 TYR TYR B . n 
B 1 52 LYS 52 52 52 LYS LYS B . n 
B 1 53 LEU 53 53 53 LEU LEU B . n 
B 1 54 THR 54 54 54 THR THR B . n 
B 1 55 ASP 55 55 55 ASP ASP B . n 
B 1 56 THR 56 56 56 THR THR B . n 
B 1 57 ILE 57 57 57 ILE ILE B . n 
B 1 58 ALA 58 58 58 ALA ALA B . n 
B 1 59 ILE 59 59 59 ILE ILE B . n 
B 1 60 ARG 60 60 60 ARG ARG B . n 
B 1 61 GLU 61 61 61 GLU GLU B . n 
B 1 62 GLN 62 62 62 GLN GLN B . n 
B 1 63 GLY 63 63 63 GLY GLY B . n 
B 1 64 ASN 64 64 64 ASN ASN B . n 
B 1 65 GLY 65 65 65 GLY GLY B . n 
B 1 66 ARG 66 66 66 ARG ARG B . n 
B 1 67 LEU 67 67 67 LEU LEU B . n 
B 1 68 VAL 68 68 68 VAL VAL B . n 
B 1 69 CYS 69 69 69 CYS CYS B . n 
B 1 70 LEU 70 70 70 LEU LEU B . n 
B 1 71 LEU 71 71 71 LEU LEU B . n 
B 1 72 PRO 72 72 72 PRO PRO B . n 
B 1 73 SER 73 73 73 SER ALA B . n 
B 1 74 ASN 74 74 ?  ?   ?   B . n 
B 1 75 GLN 75 75 ?  ?   ?   B . n 
# 
loop_
_pdbx_nonpoly_scheme.asym_id 
_pdbx_nonpoly_scheme.entity_id 
_pdbx_nonpoly_scheme.mon_id 
_pdbx_nonpoly_scheme.ndb_seq_num 
_pdbx_nonpoly_scheme.pdb_seq_num 
_pdbx_nonpoly_scheme.auth_seq_num 
_pdbx_nonpoly_scheme.pdb_mon_id 
_pdbx_nonpoly_scheme.auth_mon_id 
_pdbx_nonpoly_scheme.pdb_strand_id 
_pdbx_nonpoly_scheme.pdb_ins_code 
C 2 SO4 1  101 2   SO4 SO4 A . 
D 3 GOL 1  102 303 GOL GOL A . 
E 2 SO4 1  101 3   SO4 SO4 B . 
F 2 SO4 1  102 4   SO4 SO4 B . 
G 4 HOH 1  201 13  HOH HOH A . 
G 4 HOH 2  202 1   HOH HOH A . 
G 4 HOH 3  203 69  HOH HOH A . 
G 4 HOH 4  204 85  HOH HOH A . 
G 4 HOH 5  205 100 HOH HOH A . 
G 4 HOH 6  206 6   HOH HOH A . 
G 4 HOH 7  207 48  HOH HOH A . 
G 4 HOH 8  208 71  HOH HOH A . 
G 4 HOH 9  209 38  HOH HOH A . 
G 4 HOH 10 210 88  HOH HOH A . 
G 4 HOH 11 211 164 HOH HOH A . 
G 4 HOH 12 212 97  HOH HOH A . 
G 4 HOH 13 213 72  HOH HOH A . 
G 4 HOH 14 214 33  HOH HOH A . 
G 4 HOH 15 215 166 HOH HOH A . 
G 4 HOH 16 216 82  HOH HOH A . 
G 4 HOH 17 217 138 HOH HOH A . 
G 4 HOH 18 218 124 HOH HOH A . 
G 4 HOH 19 219 111 HOH HOH A . 
G 4 HOH 20 220 54  HOH HOH A . 
G 4 HOH 21 221 56  HOH HOH A . 
G 4 HOH 22 222 43  HOH HOH A . 
G 4 HOH 23 223 140 HOH HOH A . 
G 4 HOH 24 224 25  HOH HOH A . 
G 4 HOH 25 225 7   HOH HOH A . 
G 4 HOH 26 226 35  HOH HOH A . 
G 4 HOH 27 227 37  HOH HOH A . 
G 4 HOH 28 228 42  HOH HOH A . 
G 4 HOH 29 229 84  HOH HOH A . 
G 4 HOH 30 230 113 HOH HOH A . 
G 4 HOH 31 231 168 HOH HOH A . 
G 4 HOH 32 232 65  HOH HOH A . 
G 4 HOH 33 233 9   HOH HOH A . 
G 4 HOH 34 234 162 HOH HOH A . 
G 4 HOH 35 235 87  HOH HOH A . 
G 4 HOH 36 236 94  HOH HOH A . 
G 4 HOH 37 237 19  HOH HOH A . 
G 4 HOH 38 238 118 HOH HOH A . 
G 4 HOH 39 239 119 HOH HOH A . 
G 4 HOH 40 240 16  HOH HOH A . 
G 4 HOH 41 241 95  HOH HOH A . 
G 4 HOH 42 242 146 HOH HOH A . 
G 4 HOH 43 243 141 HOH HOH A . 
G 4 HOH 44 244 67  HOH HOH A . 
G 4 HOH 45 245 34  HOH HOH A . 
G 4 HOH 46 246 26  HOH HOH A . 
G 4 HOH 47 247 169 HOH HOH A . 
G 4 HOH 48 248 170 HOH HOH A . 
G 4 HOH 49 249 153 HOH HOH A . 
G 4 HOH 50 250 142 HOH HOH A . 
G 4 HOH 51 251 145 HOH HOH A . 
G 4 HOH 52 252 128 HOH HOH A . 
G 4 HOH 53 253 154 HOH HOH A . 
G 4 HOH 54 254 133 HOH HOH A . 
G 4 HOH 55 255 172 HOH HOH A . 
G 4 HOH 56 256 80  HOH HOH A . 
G 4 HOH 57 257 86  HOH HOH A . 
G 4 HOH 58 258 61  HOH HOH A . 
G 4 HOH 59 259 122 HOH HOH A . 
G 4 HOH 60 260 55  HOH HOH A . 
G 4 HOH 61 261 90  HOH HOH A . 
G 4 HOH 62 262 116 HOH HOH A . 
H 4 HOH 1  201 32  HOH HOH B . 
H 4 HOH 2  202 171 HOH HOH B . 
H 4 HOH 3  203 58  HOH HOH B . 
H 4 HOH 4  204 28  HOH HOH B . 
H 4 HOH 5  205 39  HOH HOH B . 
H 4 HOH 6  206 59  HOH HOH B . 
H 4 HOH 7  207 75  HOH HOH B . 
H 4 HOH 8  208 22  HOH HOH B . 
H 4 HOH 9  209 60  HOH HOH B . 
H 4 HOH 10 210 24  HOH HOH B . 
H 4 HOH 11 211 89  HOH HOH B . 
H 4 HOH 12 212 83  HOH HOH B . 
H 4 HOH 13 213 165 HOH HOH B . 
H 4 HOH 14 214 12  HOH HOH B . 
H 4 HOH 15 215 91  HOH HOH B . 
H 4 HOH 16 216 126 HOH HOH B . 
H 4 HOH 17 217 137 HOH HOH B . 
H 4 HOH 18 218 68  HOH HOH B . 
H 4 HOH 19 219 136 HOH HOH B . 
H 4 HOH 20 220 62  HOH HOH B . 
H 4 HOH 21 221 44  HOH HOH B . 
H 4 HOH 22 222 103 HOH HOH B . 
H 4 HOH 23 223 74  HOH HOH B . 
H 4 HOH 24 224 63  HOH HOH B . 
H 4 HOH 25 225 15  HOH HOH B . 
H 4 HOH 26 226 29  HOH HOH B . 
H 4 HOH 27 227 158 HOH HOH B . 
H 4 HOH 28 228 132 HOH HOH B . 
H 4 HOH 29 229 41  HOH HOH B . 
H 4 HOH 30 230 27  HOH HOH B . 
H 4 HOH 31 231 17  HOH HOH B . 
H 4 HOH 32 232 152 HOH HOH B . 
H 4 HOH 33 233 66  HOH HOH B . 
H 4 HOH 34 234 114 HOH HOH B . 
H 4 HOH 35 235 45  HOH HOH B . 
H 4 HOH 36 236 130 HOH HOH B . 
H 4 HOH 37 237 70  HOH HOH B . 
H 4 HOH 38 238 73  HOH HOH B . 
H 4 HOH 39 239 47  HOH HOH B . 
H 4 HOH 40 240 53  HOH HOH B . 
H 4 HOH 41 241 110 HOH HOH B . 
H 4 HOH 42 242 20  HOH HOH B . 
H 4 HOH 43 243 143 HOH HOH B . 
H 4 HOH 44 244 92  HOH HOH B . 
H 4 HOH 45 245 46  HOH HOH B . 
H 4 HOH 46 246 52  HOH HOH B . 
H 4 HOH 47 247 160 HOH HOH B . 
H 4 HOH 48 248 102 HOH HOH B . 
H 4 HOH 49 249 31  HOH HOH B . 
H 4 HOH 50 250 156 HOH HOH B . 
H 4 HOH 51 251 163 HOH HOH B . 
H 4 HOH 52 252 81  HOH HOH B . 
H 4 HOH 53 253 167 HOH HOH B . 
H 4 HOH 54 254 99  HOH HOH B . 
H 4 HOH 55 255 30  HOH HOH B . 
H 4 HOH 56 256 123 HOH HOH B . 
H 4 HOH 57 257 129 HOH HOH B . 
H 4 HOH 58 258 112 HOH HOH B . 
H 4 HOH 59 259 77  HOH HOH B . 
H 4 HOH 60 260 127 HOH HOH B . 
H 4 HOH 61 261 131 HOH HOH B . 
H 4 HOH 62 262 117 HOH HOH B . 
H 4 HOH 63 263 51  HOH HOH B . 
H 4 HOH 64 264 64  HOH HOH B . 
H 4 HOH 65 265 98  HOH HOH B . 
# 
_pdbx_unobs_or_zero_occ_atoms.id               1 
_pdbx_unobs_or_zero_occ_atoms.PDB_model_num    1 
_pdbx_unobs_or_zero_occ_atoms.polymer_flag     Y 
_pdbx_unobs_or_zero_occ_atoms.occupancy_flag   1 
_pdbx_unobs_or_zero_occ_atoms.auth_asym_id     B 
_pdbx_unobs_or_zero_occ_atoms.auth_comp_id     SER 
_pdbx_unobs_or_zero_occ_atoms.auth_seq_id      73 
_pdbx_unobs_or_zero_occ_atoms.PDB_ins_code     ? 
_pdbx_unobs_or_zero_occ_atoms.auth_atom_id     OG 
_pdbx_unobs_or_zero_occ_atoms.label_alt_id     ? 
_pdbx_unobs_or_zero_occ_atoms.label_asym_id    B 
_pdbx_unobs_or_zero_occ_atoms.label_comp_id    SER 
_pdbx_unobs_or_zero_occ_atoms.label_seq_id     73 
_pdbx_unobs_or_zero_occ_atoms.label_atom_id    OG 
# 
loop_
_software.citation_id 
_software.classification 
_software.compiler_name 
_software.compiler_version 
_software.contact_author 
_software.contact_author_email 
_software.date 
_software.description 
_software.dependencies 
_software.hardware 
_software.language 
_software.location 
_software.mods 
_software.name 
_software.os 
_software.os_version 
_software.type 
_software.version 
_software.pdbx_ordinal 
? refinement       ? ? ? ? ? ? ? ? ? ? ? REFMAC   ? ? ? 5.8.0158 1 
? 'data reduction' ? ? ? ? ? ? ? ? ? ? ? HKL-3000 ? ? ? .        2 
? 'data scaling'   ? ? ? ? ? ? ? ? ? ? ? HKL-3000 ? ? ? .        3 
? phasing          ? ? ? ? ? ? ? ? ? ? ? PHENIX   ? ? ? .        4 
# 
_cell.angle_alpha                  90.00 
_cell.angle_alpha_esd              ? 
_cell.angle_beta                   90.00 
_cell.angle_beta_esd               ? 
_cell.angle_gamma                  90.00 
_cell.angle_gamma_esd              ? 
_cell.entry_id                     5YAD 
_cell.details                      ? 
_cell.formula_units_Z              ? 
_cell.length_a                     54.974 
_cell.length_a_esd                 ? 
_cell.length_b                     53.959 
_cell.length_b_esd                 ? 
_cell.length_c                     67.450 
_cell.length_c_esd                 ? 
_cell.volume                       ? 
_cell.volume_esd                   ? 
_cell.Z_PDB                        8 
_cell.reciprocal_angle_alpha       ? 
_cell.reciprocal_angle_beta        ? 
_cell.reciprocal_angle_gamma       ? 
_cell.reciprocal_angle_alpha_esd   ? 
_cell.reciprocal_angle_beta_esd    ? 
_cell.reciprocal_angle_gamma_esd   ? 
_cell.reciprocal_length_a          ? 
_cell.reciprocal_length_b          ? 
_cell.reciprocal_length_c          ? 
_cell.reciprocal_length_a_esd      ? 
_cell.reciprocal_length_b_esd      ? 
_cell.reciprocal_length_c_esd      ? 
_cell.pdbx_unique_axis             ? 
# 
_symmetry.entry_id                         5YAD 
_symmetry.cell_setting                     ? 
_symmetry.Int_Tables_number                19 
_symmetry.space_group_name_Hall            ? 
_symmetry.space_group_name_H-M             'P 21 21 21' 
_symmetry.pdbx_full_space_group_name_H-M   ? 
# 
_exptl.absorpt_coefficient_mu     ? 
_exptl.absorpt_correction_T_max   ? 
_exptl.absorpt_correction_T_min   ? 
_exptl.absorpt_correction_type    ? 
_exptl.absorpt_process_details    ? 
_exptl.entry_id                   5YAD 
_exptl.crystals_number            1 
_exptl.details                    ? 
_exptl.method                     'X-RAY DIFFRACTION' 
_exptl.method_details             ? 
# 
_exptl_crystal.colour                      ? 
_exptl_crystal.density_diffrn              ? 
_exptl_crystal.density_Matthews            3.09 
_exptl_crystal.density_method              ? 
_exptl_crystal.density_percent_sol         60.19 
_exptl_crystal.description                 ? 
_exptl_crystal.F_000                       ? 
_exptl_crystal.id                          1 
_exptl_crystal.preparation                 ? 
_exptl_crystal.size_max                    ? 
_exptl_crystal.size_mid                    ? 
_exptl_crystal.size_min                    ? 
_exptl_crystal.size_rad                    ? 
_exptl_crystal.colour_lustre               ? 
_exptl_crystal.colour_modifier             ? 
_exptl_crystal.colour_primary              ? 
_exptl_crystal.density_meas                ? 
_exptl_crystal.density_meas_esd            ? 
_exptl_crystal.density_meas_gt             ? 
_exptl_crystal.density_meas_lt             ? 
_exptl_crystal.density_meas_temp           ? 
_exptl_crystal.density_meas_temp_esd       ? 
_exptl_crystal.density_meas_temp_gt        ? 
_exptl_crystal.density_meas_temp_lt        ? 
_exptl_crystal.pdbx_crystal_image_url      ? 
_exptl_crystal.pdbx_crystal_image_format   ? 
_exptl_crystal.pdbx_mosaicity              ? 
_exptl_crystal.pdbx_mosaicity_esd          ? 
# 
_exptl_crystal_grow.apparatus       ? 
_exptl_crystal_grow.atmosphere      ? 
_exptl_crystal_grow.crystal_id      1 
_exptl_crystal_grow.details         ? 
_exptl_crystal_grow.method          'VAPOR DIFFUSION, HANGING DROP' 
_exptl_crystal_grow.method_ref      ? 
_exptl_crystal_grow.pH              ? 
_exptl_crystal_grow.pressure        ? 
_exptl_crystal_grow.pressure_esd    ? 
_exptl_crystal_grow.seeding         ? 
_exptl_crystal_grow.seeding_ref     ? 
_exptl_crystal_grow.temp            293 
_exptl_crystal_grow.temp_details    ? 
_exptl_crystal_grow.temp_esd        ? 
_exptl_crystal_grow.time            ? 
_exptl_crystal_grow.pdbx_details    '1.5M (NH4)2SO4, 0.1M Citrate pH5.5' 
_exptl_crystal_grow.pdbx_pH_range   ? 
# 
_diffrn.ambient_environment    ? 
_diffrn.ambient_temp           100 
_diffrn.ambient_temp_details   ? 
_diffrn.ambient_temp_esd       ? 
_diffrn.crystal_id             1 
_diffrn.crystal_support        ? 
_diffrn.crystal_treatment      ? 
_diffrn.details                ? 
_diffrn.id                     1 
_diffrn.ambient_pressure       ? 
_diffrn.ambient_pressure_esd   ? 
_diffrn.ambient_pressure_gt    ? 
_diffrn.ambient_pressure_lt    ? 
_diffrn.ambient_temp_gt        ? 
_diffrn.ambient_temp_lt        ? 
# 
_diffrn_detector.details                      ? 
_diffrn_detector.detector                     PIXEL 
_diffrn_detector.diffrn_id                    1 
_diffrn_detector.type                         'DECTRIS PILATUS3 6M' 
_diffrn_detector.area_resol_mean              ? 
_diffrn_detector.dtime                        ? 
_diffrn_detector.pdbx_frames_total            ? 
_diffrn_detector.pdbx_collection_time_total   ? 
_diffrn_detector.pdbx_collection_date         2015-04-13 
# 
_diffrn_radiation.collimation                      ? 
_diffrn_radiation.diffrn_id                        1 
_diffrn_radiation.filter_edge                      ? 
_diffrn_radiation.inhomogeneity                    ? 
_diffrn_radiation.monochromator                    ? 
_diffrn_radiation.polarisn_norm                    ? 
_diffrn_radiation.polarisn_ratio                   ? 
_diffrn_radiation.probe                            ? 
_diffrn_radiation.type                             ? 
_diffrn_radiation.xray_symbol                      ? 
_diffrn_radiation.wavelength_id                    1 
_diffrn_radiation.pdbx_monochromatic_or_laue_m_l   M 
_diffrn_radiation.pdbx_wavelength_list             ? 
_diffrn_radiation.pdbx_wavelength                  ? 
_diffrn_radiation.pdbx_diffrn_protocol             'SINGLE WAVELENGTH' 
_diffrn_radiation.pdbx_analyzer                    ? 
_diffrn_radiation.pdbx_scattering_type             x-ray 
# 
_diffrn_radiation_wavelength.id           1 
_diffrn_radiation_wavelength.wavelength   0.97853 
_diffrn_radiation_wavelength.wt           1.0 
# 
_diffrn_source.current                     ? 
_diffrn_source.details                     ? 
_diffrn_source.diffrn_id                   1 
_diffrn_source.power                       ? 
_diffrn_source.size                        ? 
_diffrn_source.source                      SYNCHROTRON 
_diffrn_source.target                      ? 
_diffrn_source.type                        'SSRF BEAMLINE BL19U1' 
_diffrn_source.voltage                     ? 
_diffrn_source.take-off_angle              ? 
_diffrn_source.pdbx_wavelength_list        0.97853 
_diffrn_source.pdbx_wavelength             ? 
_diffrn_source.pdbx_synchrotron_beamline   BL19U1 
_diffrn_source.pdbx_synchrotron_site       SSRF 
# 
_reflns.B_iso_Wilson_estimate            ? 
_reflns.entry_id                         5YAD 
_reflns.data_reduction_details           ? 
_reflns.data_reduction_method            ? 
_reflns.d_resolution_high                1.76 
_reflns.d_resolution_low                 50 
_reflns.details                          ? 
_reflns.limit_h_max                      ? 
_reflns.limit_h_min                      ? 
_reflns.limit_k_max                      ? 
_reflns.limit_k_min                      ? 
_reflns.limit_l_max                      ? 
_reflns.limit_l_min                      ? 
_reflns.number_all                       ? 
_reflns.number_obs                       37069 
_reflns.observed_criterion               ? 
_reflns.observed_criterion_F_max         ? 
_reflns.observed_criterion_F_min         ? 
_reflns.observed_criterion_I_max         ? 
_reflns.observed_criterion_I_min         ? 
_reflns.observed_criterion_sigma_F       ? 
_reflns.observed_criterion_sigma_I       ? 
_reflns.percent_possible_obs             95.9 
_reflns.R_free_details                   ? 
_reflns.Rmerge_F_all                     ? 
_reflns.Rmerge_F_obs                     ? 
_reflns.Friedel_coverage                 ? 
_reflns.number_gt                        ? 
_reflns.threshold_expression             ? 
_reflns.pdbx_redundancy                  6.5 
_reflns.pdbx_Rmerge_I_obs                ? 
_reflns.pdbx_Rmerge_I_all                ? 
_reflns.pdbx_Rsym_value                  ? 
_reflns.pdbx_netI_over_av_sigmaI         ? 
_reflns.pdbx_netI_over_sigmaI            2.545 
_reflns.pdbx_res_netI_over_av_sigmaI_2   ? 
_reflns.pdbx_res_netI_over_sigmaI_2      ? 
_reflns.pdbx_chi_squared                 ? 
_reflns.pdbx_scaling_rejects             ? 
_reflns.pdbx_d_res_high_opt              ? 
_reflns.pdbx_d_res_low_opt               ? 
_reflns.pdbx_d_res_opt_method            ? 
_reflns.phase_calculation_details        ? 
_reflns.pdbx_Rrim_I_all                  ? 
_reflns.pdbx_Rpim_I_all                  ? 
_reflns.pdbx_d_opt                       ? 
_reflns.pdbx_number_measured_all         ? 
_reflns.pdbx_diffrn_id                   1 
_reflns.pdbx_ordinal                     1 
_reflns.pdbx_CC_half                     ? 
_reflns.pdbx_R_split                     ? 
# 
_reflns_shell.d_res_high                  1.76 
_reflns_shell.d_res_low                   ? 
_reflns_shell.meanI_over_sigI_all         ? 
_reflns_shell.meanI_over_sigI_obs         ? 
_reflns_shell.number_measured_all         ? 
_reflns_shell.number_measured_obs         ? 
_reflns_shell.number_possible             ? 
_reflns_shell.number_unique_all           ? 
_reflns_shell.number_unique_obs           ? 
_reflns_shell.percent_possible_all        ? 
_reflns_shell.percent_possible_obs        ? 
_reflns_shell.Rmerge_F_all                ? 
_reflns_shell.Rmerge_F_obs                ? 
_reflns_shell.Rmerge_I_all                ? 
_reflns_shell.Rmerge_I_obs                ? 
_reflns_shell.meanI_over_sigI_gt          ? 
_reflns_shell.meanI_over_uI_all           ? 
_reflns_shell.meanI_over_uI_gt            ? 
_reflns_shell.number_measured_gt          ? 
_reflns_shell.number_unique_gt            ? 
_reflns_shell.percent_possible_gt         ? 
_reflns_shell.Rmerge_F_gt                 ? 
_reflns_shell.Rmerge_I_gt                 ? 
_reflns_shell.pdbx_redundancy             ? 
_reflns_shell.pdbx_Rsym_value             ? 
_reflns_shell.pdbx_chi_squared            ? 
_reflns_shell.pdbx_netI_over_sigmaI_all   ? 
_reflns_shell.pdbx_netI_over_sigmaI_obs   ? 
_reflns_shell.pdbx_Rrim_I_all             ? 
_reflns_shell.pdbx_Rpim_I_all             ? 
_reflns_shell.pdbx_rejects                ? 
_reflns_shell.pdbx_ordinal                1 
_reflns_shell.pdbx_diffrn_id              1 
_reflns_shell.pdbx_CC_half                ? 
_reflns_shell.pdbx_R_split                ? 
# 
_refine.aniso_B[1][1]                            0.26 
_refine.aniso_B[1][2]                            0.00 
_refine.aniso_B[1][3]                            0.00 
_refine.aniso_B[2][2]                            -0.66 
_refine.aniso_B[2][3]                            0.00 
_refine.aniso_B[3][3]                            0.40 
_refine.B_iso_max                                ? 
_refine.B_iso_mean                               32.134 
_refine.B_iso_min                                ? 
_refine.correlation_coeff_Fo_to_Fc               0.963 
_refine.correlation_coeff_Fo_to_Fc_free          0.952 
_refine.details                                  'HYDROGENS HAVE BEEN ADDED IN THE RIDING POSITIONS' 
_refine.diff_density_max                         ? 
_refine.diff_density_max_esd                     ? 
_refine.diff_density_min                         ? 
_refine.diff_density_min_esd                     ? 
_refine.diff_density_rms                         ? 
_refine.diff_density_rms_esd                     ? 
_refine.entry_id                                 5YAD 
_refine.pdbx_refine_id                           'X-RAY DIFFRACTION' 
_refine.ls_abs_structure_details                 ? 
_refine.ls_abs_structure_Flack                   ? 
_refine.ls_abs_structure_Flack_esd               ? 
_refine.ls_abs_structure_Rogers                  ? 
_refine.ls_abs_structure_Rogers_esd              ? 
_refine.ls_d_res_high                            1.76 
_refine.ls_d_res_low                             30.00 
_refine.ls_extinction_coef                       ? 
_refine.ls_extinction_coef_esd                   ? 
_refine.ls_extinction_expression                 ? 
_refine.ls_extinction_method                     ? 
_refine.ls_goodness_of_fit_all                   ? 
_refine.ls_goodness_of_fit_all_esd               ? 
_refine.ls_goodness_of_fit_obs                   ? 
_refine.ls_goodness_of_fit_obs_esd               ? 
_refine.ls_hydrogen_treatment                    ? 
_refine.ls_matrix_type                           ? 
_refine.ls_number_constraints                    ? 
_refine.ls_number_parameters                     ? 
_refine.ls_number_reflns_all                     ? 
_refine.ls_number_reflns_obs                     18760 
_refine.ls_number_reflns_R_free                  1008 
_refine.ls_number_reflns_R_work                  ? 
_refine.ls_number_restraints                     ? 
_refine.ls_percent_reflns_obs                    96.58 
_refine.ls_percent_reflns_R_free                 5.1 
_refine.ls_R_factor_all                          ? 
_refine.ls_R_factor_obs                          0.18159 
_refine.ls_R_factor_R_free                       0.21625 
_refine.ls_R_factor_R_free_error                 ? 
_refine.ls_R_factor_R_free_error_details         ? 
_refine.ls_R_factor_R_work                       0.17968 
_refine.ls_R_Fsqd_factor_obs                     ? 
_refine.ls_R_I_factor_obs                        ? 
_refine.ls_redundancy_reflns_all                 ? 
_refine.ls_redundancy_reflns_obs                 ? 
_refine.ls_restrained_S_all                      ? 
_refine.ls_restrained_S_obs                      ? 
_refine.ls_shift_over_esd_max                    ? 
_refine.ls_shift_over_esd_mean                   ? 
_refine.ls_structure_factor_coef                 ? 
_refine.ls_weighting_details                     ? 
_refine.ls_weighting_scheme                      ? 
_refine.ls_wR_factor_all                         ? 
_refine.ls_wR_factor_obs                         ? 
_refine.ls_wR_factor_R_free                      ? 
_refine.ls_wR_factor_R_work                      ? 
_refine.occupancy_max                            ? 
_refine.occupancy_min                            ? 
_refine.solvent_model_details                    ? 
_refine.solvent_model_param_bsol                 ? 
_refine.solvent_model_param_ksol                 ? 
_refine.ls_R_factor_gt                           ? 
_refine.ls_goodness_of_fit_gt                    ? 
_refine.ls_goodness_of_fit_ref                   ? 
_refine.ls_shift_over_su_max                     ? 
_refine.ls_shift_over_su_max_lt                  ? 
_refine.ls_shift_over_su_mean                    ? 
_refine.ls_shift_over_su_mean_lt                 ? 
_refine.pdbx_ls_sigma_I                          ? 
_refine.pdbx_ls_sigma_F                          ? 
_refine.pdbx_ls_sigma_Fsqd                       ? 
_refine.pdbx_data_cutoff_high_absF               ? 
_refine.pdbx_data_cutoff_high_rms_absF           ? 
_refine.pdbx_data_cutoff_low_absF                ? 
_refine.pdbx_isotropic_thermal_model             ? 
_refine.pdbx_ls_cross_valid_method               THROUGHOUT 
_refine.pdbx_method_to_determine_struct          ? 
_refine.pdbx_starting_model                      ? 
_refine.pdbx_stereochemistry_target_values       ? 
_refine.pdbx_R_Free_selection_details            RANDOM 
_refine.pdbx_stereochem_target_val_spec_case     ? 
_refine.pdbx_overall_ESU_R                       0.099 
_refine.pdbx_overall_ESU_R_Free                  0.102 
_refine.pdbx_solvent_vdw_probe_radii             1.20 
_refine.pdbx_solvent_ion_probe_radii             0.80 
_refine.pdbx_solvent_shrinkage_radii             0.80 
_refine.pdbx_real_space_R                        ? 
_refine.pdbx_density_correlation                 ? 
_refine.pdbx_pd_number_of_powder_patterns        ? 
_refine.pdbx_pd_number_of_points                 ? 
_refine.pdbx_pd_meas_number_of_points            ? 
_refine.pdbx_pd_proc_ls_prof_R_factor            ? 
_refine.pdbx_pd_proc_ls_prof_wR_factor           ? 
_refine.pdbx_pd_Marquardt_correlation_coeff      ? 
_refine.pdbx_pd_Fsqrd_R_factor                   ? 
_refine.pdbx_pd_ls_matrix_band_width             ? 
_refine.pdbx_overall_phase_error                 ? 
_refine.pdbx_overall_SU_R_free_Cruickshank_DPI   ? 
_refine.pdbx_overall_SU_R_free_Blow_DPI          ? 
_refine.pdbx_overall_SU_R_Blow_DPI               ? 
_refine.pdbx_TLS_residual_ADP_flag               ? 
_refine.pdbx_diffrn_id                           1 
_refine.overall_SU_B                             2.088 
_refine.overall_SU_ML                            0.066 
_refine.overall_SU_R_Cruickshank_DPI             ? 
_refine.overall_SU_R_free                        ? 
_refine.overall_FOM_free_R_set                   ? 
_refine.overall_FOM_work_R_set                   ? 
_refine.pdbx_average_fsc_overall                 ? 
_refine.pdbx_average_fsc_work                    ? 
_refine.pdbx_average_fsc_free                    ? 
# 
_refine_hist.pdbx_refine_id                   'X-RAY DIFFRACTION' 
_refine_hist.cycle_id                         1 
_refine_hist.pdbx_number_atoms_protein        1110 
_refine_hist.pdbx_number_atoms_nucleic_acid   0 
_refine_hist.pdbx_number_atoms_ligand         21 
_refine_hist.number_atoms_solvent             127 
_refine_hist.number_atoms_total               1258 
_refine_hist.d_res_high                       1.76 
_refine_hist.d_res_low                        30.00 
# 
loop_
_refine_ls_restr.pdbx_refine_id 
_refine_ls_restr.criterion 
_refine_ls_restr.dev_ideal 
_refine_ls_restr.dev_ideal_target 
_refine_ls_restr.number 
_refine_ls_restr.rejects 
_refine_ls_restr.type 
_refine_ls_restr.weight 
_refine_ls_restr.pdbx_restraint_function 
'X-RAY DIFFRACTION' ? 0.023  0.019  1154 ? r_bond_refined_d             ? ? 
'X-RAY DIFFRACTION' ? 0.004  0.020  1112 ? r_bond_other_d               ? ? 
'X-RAY DIFFRACTION' ? 2.104  2.027  1561 ? r_angle_refined_deg          ? ? 
'X-RAY DIFFRACTION' ? 1.080  3.000  2596 ? r_angle_other_deg            ? ? 
'X-RAY DIFFRACTION' ? 6.401  5.000  146  ? r_dihedral_angle_1_deg       ? ? 
'X-RAY DIFFRACTION' ? 27.256 25.238 42   ? r_dihedral_angle_2_deg       ? ? 
'X-RAY DIFFRACTION' ? 12.250 15.000 208  ? r_dihedral_angle_3_deg       ? ? 
'X-RAY DIFFRACTION' ? 14.010 15.000 4    ? r_dihedral_angle_4_deg       ? ? 
'X-RAY DIFFRACTION' ? 0.135  0.200  188  ? r_chiral_restr               ? ? 
'X-RAY DIFFRACTION' ? 0.011  0.021  1233 ? r_gen_planes_refined         ? ? 
'X-RAY DIFFRACTION' ? 0.002  0.020  203  ? r_gen_planes_other           ? ? 
'X-RAY DIFFRACTION' ? ?      ?      ?    ? r_nbd_refined                ? ? 
'X-RAY DIFFRACTION' ? ?      ?      ?    ? r_nbd_other                  ? ? 
'X-RAY DIFFRACTION' ? ?      ?      ?    ? r_nbtor_refined              ? ? 
'X-RAY DIFFRACTION' ? ?      ?      ?    ? r_nbtor_other                ? ? 
'X-RAY DIFFRACTION' ? ?      ?      ?    ? r_xyhbond_nbd_refined        ? ? 
'X-RAY DIFFRACTION' ? ?      ?      ?    ? r_xyhbond_nbd_other          ? ? 
'X-RAY DIFFRACTION' ? ?      ?      ?    ? r_metal_ion_refined          ? ? 
'X-RAY DIFFRACTION' ? ?      ?      ?    ? r_metal_ion_other            ? ? 
'X-RAY DIFFRACTION' ? ?      ?      ?    ? r_symmetry_vdw_refined       ? ? 
'X-RAY DIFFRACTION' ? ?      ?      ?    ? r_symmetry_vdw_other         ? ? 
'X-RAY DIFFRACTION' ? ?      ?      ?    ? r_symmetry_hbond_refined     ? ? 
'X-RAY DIFFRACTION' ? ?      ?      ?    ? r_symmetry_hbond_other       ? ? 
'X-RAY DIFFRACTION' ? ?      ?      ?    ? r_symmetry_metal_ion_refined ? ? 
'X-RAY DIFFRACTION' ? ?      ?      ?    ? r_symmetry_metal_ion_other   ? ? 
'X-RAY DIFFRACTION' ? 3.391  2.987  581  ? r_mcbond_it                  ? ? 
'X-RAY DIFFRACTION' ? 3.338  2.978  580  ? r_mcbond_other               ? ? 
'X-RAY DIFFRACTION' ? 4.703  4.435  725  ? r_mcangle_it                 ? ? 
'X-RAY DIFFRACTION' ? 4.699  4.447  726  ? r_mcangle_other              ? ? 
'X-RAY DIFFRACTION' ? 4.477  3.331  573  ? r_scbond_it                  ? ? 
'X-RAY DIFFRACTION' ? 4.478  3.330  573  ? r_scbond_other               ? ? 
'X-RAY DIFFRACTION' ? ?      ?      ?    ? r_scangle_it                 ? ? 
'X-RAY DIFFRACTION' ? 6.476  4.827  836  ? r_scangle_other              ? ? 
'X-RAY DIFFRACTION' ? 8.417  36.776 1310 ? r_long_range_B_refined       ? ? 
'X-RAY DIFFRACTION' ? 8.451  36.815 1311 ? r_long_range_B_other         ? ? 
'X-RAY DIFFRACTION' ? ?      ?      ?    ? r_rigid_bond_restr           ? ? 
'X-RAY DIFFRACTION' ? ?      ?      ?    ? r_sphericity_free            ? ? 
'X-RAY DIFFRACTION' ? ?      ?      ?    ? r_sphericity_bonded          ? ? 
# 
_refine_ls_shell.pdbx_refine_id                   'X-RAY DIFFRACTION' 
_refine_ls_shell.d_res_high                       1.761 
_refine_ls_shell.d_res_low                        1.807 
_refine_ls_shell.number_reflns_all                ? 
_refine_ls_shell.number_reflns_obs                ? 
_refine_ls_shell.number_reflns_R_free             75 
_refine_ls_shell.number_reflns_R_work             1167 
_refine_ls_shell.percent_reflns_obs               83.81 
_refine_ls_shell.percent_reflns_R_free            ? 
_refine_ls_shell.R_factor_all                     ? 
_refine_ls_shell.R_factor_obs                     ? 
_refine_ls_shell.R_factor_R_free                  0.355 
_refine_ls_shell.R_factor_R_free_error            ? 
_refine_ls_shell.R_factor_R_work                  0.283 
_refine_ls_shell.redundancy_reflns_all            ? 
_refine_ls_shell.redundancy_reflns_obs            ? 
_refine_ls_shell.wR_factor_all                    ? 
_refine_ls_shell.wR_factor_obs                    ? 
_refine_ls_shell.wR_factor_R_free                 ? 
_refine_ls_shell.wR_factor_R_work                 ? 
_refine_ls_shell.pdbx_total_number_of_bins_used   20 
_refine_ls_shell.pdbx_phase_error                 ? 
_refine_ls_shell.pdbx_fsc_work                    ? 
_refine_ls_shell.pdbx_fsc_free                    ? 
# 
_struct.entry_id                     5YAD 
_struct.title                        'Crystal structure of Marf1 Lotus domain from Mus musculus' 
_struct.pdbx_model_details           ? 
_struct.pdbx_formula_weight          ? 
_struct.pdbx_formula_weight_method   ? 
_struct.pdbx_model_type_details      ? 
_struct.pdbx_CASP_flag               N 
# 
_struct_keywords.entry_id        5YAD 
_struct_keywords.text            'Lotus domain, Marf1, meiosis, RNA binding, RNA BINDING PROTEIN' 
_struct_keywords.pdbx_keywords   'RNA BINDING PROTEIN' 
# 
loop_
_struct_asym.id 
_struct_asym.pdbx_blank_PDB_chainid_flag 
_struct_asym.pdbx_modified 
_struct_asym.entity_id 
_struct_asym.details 
A N N 1 ? 
B N N 1 ? 
C N N 2 ? 
D N N 3 ? 
E N N 2 ? 
F N N 2 ? 
G N N 4 ? 
H N N 4 ? 
# 
_struct_ref.id                         1 
_struct_ref.db_name                    UNP 
_struct_ref.db_code                    MARF1_MOUSE 
_struct_ref.pdbx_db_accession          Q8BJ34 
_struct_ref.pdbx_db_isoform            ? 
_struct_ref.entity_id                  1 
_struct_ref.pdbx_seq_one_letter_code   STGAANKSLSLLSTETMSILQDAPACCLPLFKFIDIYEKKYGHKLNVSDLYKLTDTIAIREQGNGRLVCLLPSNQ 
_struct_ref.pdbx_align_begin           858 
# 
loop_
_struct_ref_seq.align_id 
_struct_ref_seq.ref_id 
_struct_ref_seq.pdbx_PDB_id_code 
_struct_ref_seq.pdbx_strand_id 
_struct_ref_seq.seq_align_beg 
_struct_ref_seq.pdbx_seq_align_beg_ins_code 
_struct_ref_seq.seq_align_end 
_struct_ref_seq.pdbx_seq_align_end_ins_code 
_struct_ref_seq.pdbx_db_accession 
_struct_ref_seq.db_align_beg 
_struct_ref_seq.pdbx_db_align_beg_ins_code 
_struct_ref_seq.db_align_end 
_struct_ref_seq.pdbx_db_align_end_ins_code 
_struct_ref_seq.pdbx_auth_seq_align_beg 
_struct_ref_seq.pdbx_auth_seq_align_end 
1 1 5YAD A 1 ? 75 ? Q8BJ34 858 ? 932 ? 1 75 
2 1 5YAD B 1 ? 75 ? Q8BJ34 858 ? 932 ? 1 75 
# 
_pdbx_struct_assembly.id                   1 
_pdbx_struct_assembly.details              author_and_software_defined_assembly 
_pdbx_struct_assembly.method_details       PISA 
_pdbx_struct_assembly.oligomeric_details   dimeric 
_pdbx_struct_assembly.oligomeric_count     2 
# 
loop_
_pdbx_struct_assembly_prop.biol_id 
_pdbx_struct_assembly_prop.type 
_pdbx_struct_assembly_prop.value 
_pdbx_struct_assembly_prop.details 
1 'ABSA (A^2)' 930  ? 
1 MORE         -35  ? 
1 'SSA (A^2)'  8870 ? 
# 
_pdbx_struct_assembly_gen.assembly_id       1 
_pdbx_struct_assembly_gen.oper_expression   1 
_pdbx_struct_assembly_gen.asym_id_list      A,B,C,D,E,F,G,H 
# 
_pdbx_struct_assembly_auth_evidence.id                     1 
_pdbx_struct_assembly_auth_evidence.assembly_id            1 
_pdbx_struct_assembly_auth_evidence.experimental_support   'gel filtration' 
_pdbx_struct_assembly_auth_evidence.details                ? 
# 
_pdbx_struct_oper_list.id                   1 
_pdbx_struct_oper_list.type                 'identity operation' 
_pdbx_struct_oper_list.name                 1_555 
_pdbx_struct_oper_list.symmetry_operation   x,y,z 
_pdbx_struct_oper_list.matrix[1][1]         1.0000000000 
_pdbx_struct_oper_list.matrix[1][2]         0.0000000000 
_pdbx_struct_oper_list.matrix[1][3]         0.0000000000 
_pdbx_struct_oper_list.vector[1]            0.0000000000 
_pdbx_struct_oper_list.matrix[2][1]         0.0000000000 
_pdbx_struct_oper_list.matrix[2][2]         1.0000000000 
_pdbx_struct_oper_list.matrix[2][3]         0.0000000000 
_pdbx_struct_oper_list.vector[2]            0.0000000000 
_pdbx_struct_oper_list.matrix[3][1]         0.0000000000 
_pdbx_struct_oper_list.matrix[3][2]         0.0000000000 
_pdbx_struct_oper_list.matrix[3][3]         1.0000000000 
_pdbx_struct_oper_list.vector[3]            0.0000000000 
# 
loop_
_struct_conf.conf_type_id 
_struct_conf.id 
_struct_conf.pdbx_PDB_helix_id 
_struct_conf.beg_label_comp_id 
_struct_conf.beg_label_asym_id 
_struct_conf.beg_label_seq_id 
_struct_conf.pdbx_beg_PDB_ins_code 
_struct_conf.end_label_comp_id 
_struct_conf.end_label_asym_id 
_struct_conf.end_label_seq_id 
_struct_conf.pdbx_end_PDB_ins_code 
_struct_conf.beg_auth_comp_id 
_struct_conf.beg_auth_asym_id 
_struct_conf.beg_auth_seq_id 
_struct_conf.end_auth_comp_id 
_struct_conf.end_auth_asym_id 
_struct_conf.end_auth_seq_id 
_struct_conf.pdbx_PDB_helix_class 
_struct_conf.details 
_struct_conf.pdbx_PDB_helix_length 
HELX_P HELX_P1 AA1 GLY A 3  ? ASP A 22 ? GLY A 3  ASP A 22 1 ? 20 
HELX_P HELX_P2 AA2 ALA A 23 ? ALA A 25 ? ALA A 23 ALA A 25 5 ? 3  
HELX_P HELX_P3 AA3 LEU A 30 ? GLY A 42 ? LEU A 30 GLY A 42 1 ? 13 
HELX_P HELX_P4 AA4 ASN A 46 ? TYR A 51 ? ASN A 46 TYR A 51 1 ? 6  
HELX_P HELX_P5 AA5 PRO A 72 ? GLN A 75 ? PRO A 72 GLN A 75 5 ? 4  
HELX_P HELX_P6 AA6 ALA B 4  ? GLN B 21 ? ALA B 4  GLN B 21 1 ? 18 
HELX_P HELX_P7 AA7 ALA B 23 ? ALA B 25 ? ALA B 23 ALA B 25 5 ? 3  
HELX_P HELX_P8 AA8 LEU B 30 ? GLY B 42 ? LEU B 30 GLY B 42 1 ? 13 
HELX_P HELX_P9 AA9 ASN B 46 ? TYR B 51 ? ASN B 46 TYR B 51 1 ? 6  
# 
_struct_conf_type.id          HELX_P 
_struct_conf_type.criteria    ? 
_struct_conf_type.reference   ? 
# 
loop_
_struct_conn.id 
_struct_conn.conn_type_id 
_struct_conn.pdbx_leaving_atom_flag 
_struct_conn.pdbx_PDB_id 
_struct_conn.ptnr1_label_asym_id 
_struct_conn.ptnr1_label_comp_id 
_struct_conn.ptnr1_label_seq_id 
_struct_conn.ptnr1_label_atom_id 
_struct_conn.pdbx_ptnr1_label_alt_id 
_struct_conn.pdbx_ptnr1_PDB_ins_code 
_struct_conn.pdbx_ptnr1_standard_comp_id 
_struct_conn.ptnr1_symmetry 
_struct_conn.ptnr2_label_asym_id 
_struct_conn.ptnr2_label_comp_id 
_struct_conn.ptnr2_label_seq_id 
_struct_conn.ptnr2_label_atom_id 
_struct_conn.pdbx_ptnr2_label_alt_id 
_struct_conn.pdbx_ptnr2_PDB_ins_code 
_struct_conn.ptnr1_auth_asym_id 
_struct_conn.ptnr1_auth_comp_id 
_struct_conn.ptnr1_auth_seq_id 
_struct_conn.ptnr2_auth_asym_id 
_struct_conn.ptnr2_auth_comp_id 
_struct_conn.ptnr2_auth_seq_id 
_struct_conn.ptnr2_symmetry 
_struct_conn.pdbx_ptnr3_label_atom_id 
_struct_conn.pdbx_ptnr3_label_seq_id 
_struct_conn.pdbx_ptnr3_label_comp_id 
_struct_conn.pdbx_ptnr3_label_asym_id 
_struct_conn.pdbx_ptnr3_label_alt_id 
_struct_conn.pdbx_ptnr3_PDB_ins_code 
_struct_conn.details 
_struct_conn.pdbx_dist_value 
_struct_conn.pdbx_value_order 
_struct_conn.pdbx_role 
covale1 covale both ? A THR 16 C ? ? ? 1_555 A MSE 17 N ? ? A THR 16 A MSE 17 1_555 ? ? ? ? ? ? ? 1.326 ? ? 
covale2 covale both ? A MSE 17 C ? ? ? 1_555 A SER 18 N ? ? A MSE 17 A SER 18 1_555 ? ? ? ? ? ? ? 1.286 ? ? 
covale3 covale both ? B THR 16 C ? ? ? 1_555 B MSE 17 N ? ? B THR 16 B MSE 17 1_555 ? ? ? ? ? ? ? 1.345 ? ? 
covale4 covale both ? B MSE 17 C ? ? ? 1_555 B SER 18 N ? ? B MSE 17 B SER 18 1_555 ? ? ? ? ? ? ? 1.332 ? ? 
# 
_struct_conn_type.id          covale 
_struct_conn_type.criteria    ? 
_struct_conn_type.reference   ? 
# 
loop_
_pdbx_modification_feature.ordinal 
_pdbx_modification_feature.label_comp_id 
_pdbx_modification_feature.label_asym_id 
_pdbx_modification_feature.label_seq_id 
_pdbx_modification_feature.label_alt_id 
_pdbx_modification_feature.modified_residue_label_comp_id 
_pdbx_modification_feature.modified_residue_label_asym_id 
_pdbx_modification_feature.modified_residue_label_seq_id 
_pdbx_modification_feature.modified_residue_label_alt_id 
_pdbx_modification_feature.auth_comp_id 
_pdbx_modification_feature.auth_asym_id 
_pdbx_modification_feature.auth_seq_id 
_pdbx_modification_feature.PDB_ins_code 
_pdbx_modification_feature.symmetry 
_pdbx_modification_feature.modified_residue_auth_comp_id 
_pdbx_modification_feature.modified_residue_auth_asym_id 
_pdbx_modification_feature.modified_residue_auth_seq_id 
_pdbx_modification_feature.modified_residue_PDB_ins_code 
_pdbx_modification_feature.modified_residue_symmetry 
_pdbx_modification_feature.comp_id_linking_atom 
_pdbx_modification_feature.modified_residue_id_linking_atom 
_pdbx_modification_feature.modified_residue_id 
_pdbx_modification_feature.ref_pcm_id 
_pdbx_modification_feature.ref_comp_id 
_pdbx_modification_feature.type 
_pdbx_modification_feature.category 
1 MSE A 17 ? . . . . MSE A 17 ? 1_555 . . . . . . . MET 1 MSE Selenomethionine 'Named protein modification' 
2 MSE B 17 ? . . . . MSE B 17 ? 1_555 . . . . . . . MET 1 MSE Selenomethionine 'Named protein modification' 
# 
loop_
_struct_sheet.id 
_struct_sheet.type 
_struct_sheet.number_strands 
_struct_sheet.details 
AA1 ? 3 ? 
AA2 ? 3 ? 
# 
loop_
_struct_sheet_order.sheet_id 
_struct_sheet_order.range_id_1 
_struct_sheet_order.range_id_2 
_struct_sheet_order.offset 
_struct_sheet_order.sense 
AA1 1 2 ? anti-parallel 
AA1 2 3 ? anti-parallel 
AA2 1 2 ? anti-parallel 
AA2 2 3 ? anti-parallel 
# 
loop_
_struct_sheet_range.sheet_id 
_struct_sheet_range.id 
_struct_sheet_range.beg_label_comp_id 
_struct_sheet_range.beg_label_asym_id 
_struct_sheet_range.beg_label_seq_id 
_struct_sheet_range.pdbx_beg_PDB_ins_code 
_struct_sheet_range.end_label_comp_id 
_struct_sheet_range.end_label_asym_id 
_struct_sheet_range.end_label_seq_id 
_struct_sheet_range.pdbx_end_PDB_ins_code 
_struct_sheet_range.beg_auth_comp_id 
_struct_sheet_range.beg_auth_asym_id 
_struct_sheet_range.beg_auth_seq_id 
_struct_sheet_range.end_auth_comp_id 
_struct_sheet_range.end_auth_asym_id 
_struct_sheet_range.end_auth_seq_id 
AA1 1 CYS A 27 ? PRO A 29 ? CYS A 27 PRO A 29 
AA1 2 LEU A 67 ? LEU A 70 ? LEU A 67 LEU A 70 
AA1 3 ILE A 57 ? ARG A 60 ? ILE A 57 ARG A 60 
AA2 1 CYS B 27 ? PRO B 29 ? CYS B 27 PRO B 29 
AA2 2 LEU B 67 ? LEU B 70 ? LEU B 67 LEU B 70 
AA2 3 ILE B 57 ? ARG B 60 ? ILE B 57 ARG B 60 
# 
loop_
_pdbx_struct_sheet_hbond.sheet_id 
_pdbx_struct_sheet_hbond.range_id_1 
_pdbx_struct_sheet_hbond.range_id_2 
_pdbx_struct_sheet_hbond.range_1_label_atom_id 
_pdbx_struct_sheet_hbond.range_1_label_comp_id 
_pdbx_struct_sheet_hbond.range_1_label_asym_id 
_pdbx_struct_sheet_hbond.range_1_label_seq_id 
_pdbx_struct_sheet_hbond.range_1_PDB_ins_code 
_pdbx_struct_sheet_hbond.range_1_auth_atom_id 
_pdbx_struct_sheet_hbond.range_1_auth_comp_id 
_pdbx_struct_sheet_hbond.range_1_auth_asym_id 
_pdbx_struct_sheet_hbond.range_1_auth_seq_id 
_pdbx_struct_sheet_hbond.range_2_label_atom_id 
_pdbx_struct_sheet_hbond.range_2_label_comp_id 
_pdbx_struct_sheet_hbond.range_2_label_asym_id 
_pdbx_struct_sheet_hbond.range_2_label_seq_id 
_pdbx_struct_sheet_hbond.range_2_PDB_ins_code 
_pdbx_struct_sheet_hbond.range_2_auth_atom_id 
_pdbx_struct_sheet_hbond.range_2_auth_comp_id 
_pdbx_struct_sheet_hbond.range_2_auth_asym_id 
_pdbx_struct_sheet_hbond.range_2_auth_seq_id 
AA1 1 2 N LEU A 28 ? N LEU A 28 O VAL A 68 ? O VAL A 68 
AA1 2 3 O CYS A 69 ? O CYS A 69 N ALA A 58 ? N ALA A 58 
AA2 1 2 N LEU B 28 ? N LEU B 28 O VAL B 68 ? O VAL B 68 
AA2 2 3 O LEU B 67 ? O LEU B 67 N ARG B 60 ? N ARG B 60 
# 
loop_
_struct_site.id 
_struct_site.pdbx_evidence_code 
_struct_site.pdbx_auth_asym_id 
_struct_site.pdbx_auth_comp_id 
_struct_site.pdbx_auth_seq_id 
_struct_site.pdbx_auth_ins_code 
_struct_site.pdbx_num_residues 
_struct_site.details 
AC1 Software A SO4 101 ? 6 'binding site for residue SO4 A 101' 
AC2 Software A GOL 102 ? 7 'binding site for residue GOL A 102' 
AC3 Software B SO4 101 ? 2 'binding site for residue SO4 B 101' 
AC4 Software B SO4 102 ? 5 'binding site for residue SO4 B 102' 
# 
loop_
_struct_site_gen.id 
_struct_site_gen.site_id 
_struct_site_gen.pdbx_num_res 
_struct_site_gen.label_comp_id 
_struct_site_gen.label_asym_id 
_struct_site_gen.label_seq_id 
_struct_site_gen.pdbx_auth_ins_code 
_struct_site_gen.auth_comp_id 
_struct_site_gen.auth_asym_id 
_struct_site_gen.auth_seq_id 
_struct_site_gen.label_atom_id 
_struct_site_gen.label_alt_id 
_struct_site_gen.symmetry 
_struct_site_gen.details 
1  AC1 6 GLY A 65 ? GLY A 65  . ? 1_555 ? 
2  AC1 6 ARG A 66 ? ARG A 66  . ? 1_555 ? 
3  AC1 6 HOH G .  ? HOH A 202 . ? 1_555 ? 
4  AC1 6 HOH G .  ? HOH A 223 . ? 1_555 ? 
5  AC1 6 HOH G .  ? HOH A 228 . ? 1_555 ? 
6  AC1 6 HOH H .  ? HOH B 212 . ? 1_555 ? 
7  AC2 7 ASN A 46 ? ASN A 46  . ? 1_555 ? 
8  AC2 7 SER A 48 ? SER A 48  . ? 1_555 ? 
9  AC2 7 HOH G .  ? HOH A 201 . ? 1_555 ? 
10 AC2 7 HOH G .  ? HOH A 205 . ? 1_555 ? 
11 AC2 7 ARG B 60 ? ARG B 60  . ? 1_555 ? 
12 AC2 7 GLU B 61 ? GLU B 61  . ? 1_555 ? 
13 AC2 7 HOH H .  ? HOH B 236 . ? 1_555 ? 
14 AC3 2 PRO A 24 ? PRO A 24  . ? 3_646 ? 
15 AC3 2 ALA A 25 ? ALA A 25  . ? 3_646 ? 
16 AC4 5 HOH G .  ? HOH A 223 . ? 1_555 ? 
17 AC4 5 ARG B 66 ? ARG B 66  . ? 1_555 ? 
18 AC4 5 HOH H .  ? HOH B 201 . ? 1_555 ? 
19 AC4 5 HOH H .  ? HOH B 212 . ? 1_555 ? 
20 AC4 5 HOH H .  ? HOH B 232 . ? 1_555 ? 
# 
_pdbx_entry_details.entry_id                   5YAD 
_pdbx_entry_details.compound_details           ? 
_pdbx_entry_details.source_details             ? 
_pdbx_entry_details.nonpolymer_details         ? 
_pdbx_entry_details.sequence_details           ? 
_pdbx_entry_details.has_ligand_of_interest     ? 
_pdbx_entry_details.has_protein_modification   Y 
# 
loop_
_pdbx_validate_rmsd_bond.id 
_pdbx_validate_rmsd_bond.PDB_model_num 
_pdbx_validate_rmsd_bond.auth_atom_id_1 
_pdbx_validate_rmsd_bond.auth_asym_id_1 
_pdbx_validate_rmsd_bond.auth_comp_id_1 
_pdbx_validate_rmsd_bond.auth_seq_id_1 
_pdbx_validate_rmsd_bond.PDB_ins_code_1 
_pdbx_validate_rmsd_bond.label_alt_id_1 
_pdbx_validate_rmsd_bond.auth_atom_id_2 
_pdbx_validate_rmsd_bond.auth_asym_id_2 
_pdbx_validate_rmsd_bond.auth_comp_id_2 
_pdbx_validate_rmsd_bond.auth_seq_id_2 
_pdbx_validate_rmsd_bond.PDB_ins_code_2 
_pdbx_validate_rmsd_bond.label_alt_id_2 
_pdbx_validate_rmsd_bond.bond_value 
_pdbx_validate_rmsd_bond.bond_target_value 
_pdbx_validate_rmsd_bond.bond_deviation 
_pdbx_validate_rmsd_bond.bond_standard_deviation 
_pdbx_validate_rmsd_bond.linker_flag 
1 1 CD B GLU 61 ? ? OE1 B GLU 61 ? ? 1.334 1.252 0.082 0.011 N 
2 1 CD B GLN 62 ? ? OE1 B GLN 62 ? ? 1.383 1.235 0.148 0.022 N 
# 
_pdbx_validate_torsion.id              1 
_pdbx_validate_torsion.PDB_model_num   1 
_pdbx_validate_torsion.auth_comp_id    PRO 
_pdbx_validate_torsion.auth_asym_id    B 
_pdbx_validate_torsion.auth_seq_id     72 
_pdbx_validate_torsion.PDB_ins_code    ? 
_pdbx_validate_torsion.label_alt_id    ? 
_pdbx_validate_torsion.phi             -28.61 
_pdbx_validate_torsion.psi             101.58 
# 
loop_
_pdbx_struct_mod_residue.id 
_pdbx_struct_mod_residue.label_asym_id 
_pdbx_struct_mod_residue.label_comp_id 
_pdbx_struct_mod_residue.label_seq_id 
_pdbx_struct_mod_residue.auth_asym_id 
_pdbx_struct_mod_residue.auth_comp_id 
_pdbx_struct_mod_residue.auth_seq_id 
_pdbx_struct_mod_residue.PDB_ins_code 
_pdbx_struct_mod_residue.parent_comp_id 
_pdbx_struct_mod_residue.details 
1 A MSE 17 A MSE 17 ? MET 'modified residue' 
2 B MSE 17 B MSE 17 ? MET 'modified residue' 
# 
loop_
_pdbx_unobs_or_zero_occ_residues.id 
_pdbx_unobs_or_zero_occ_residues.PDB_model_num 
_pdbx_unobs_or_zero_occ_residues.polymer_flag 
_pdbx_unobs_or_zero_occ_residues.occupancy_flag 
_pdbx_unobs_or_zero_occ_residues.auth_asym_id 
_pdbx_unobs_or_zero_occ_residues.auth_comp_id 
_pdbx_unobs_or_zero_occ_residues.auth_seq_id 
_pdbx_unobs_or_zero_occ_residues.PDB_ins_code 
_pdbx_unobs_or_zero_occ_residues.label_asym_id 
_pdbx_unobs_or_zero_occ_residues.label_comp_id 
_pdbx_unobs_or_zero_occ_residues.label_seq_id 
1 1 Y 1 A SER 1  ? A SER 1  
2 1 Y 1 A THR 2  ? A THR 2  
3 1 Y 1 B SER 1  ? B SER 1  
4 1 Y 1 B THR 2  ? B THR 2  
5 1 Y 1 B ASN 74 ? B ASN 74 
6 1 Y 1 B GLN 75 ? B GLN 75 
# 
loop_
_chem_comp_atom.comp_id 
_chem_comp_atom.atom_id 
_chem_comp_atom.type_symbol 
_chem_comp_atom.pdbx_aromatic_flag 
_chem_comp_atom.pdbx_stereo_config 
_chem_comp_atom.pdbx_ordinal 
ALA N    N  N N 1   
ALA CA   C  N S 2   
ALA C    C  N N 3   
ALA O    O  N N 4   
ALA CB   C  N N 5   
ALA OXT  O  N N 6   
ALA H    H  N N 7   
ALA H2   H  N N 8   
ALA HA   H  N N 9   
ALA HB1  H  N N 10  
ALA HB2  H  N N 11  
ALA HB3  H  N N 12  
ALA HXT  H  N N 13  
ARG N    N  N N 14  
ARG CA   C  N S 15  
ARG C    C  N N 16  
ARG O    O  N N 17  
ARG CB   C  N N 18  
ARG CG   C  N N 19  
ARG CD   C  N N 20  
ARG NE   N  N N 21  
ARG CZ   C  N N 22  
ARG NH1  N  N N 23  
ARG NH2  N  N N 24  
ARG OXT  O  N N 25  
ARG H    H  N N 26  
ARG H2   H  N N 27  
ARG HA   H  N N 28  
ARG HB2  H  N N 29  
ARG HB3  H  N N 30  
ARG HG2  H  N N 31  
ARG HG3  H  N N 32  
ARG HD2  H  N N 33  
ARG HD3  H  N N 34  
ARG HE   H  N N 35  
ARG HH11 H  N N 36  
ARG HH12 H  N N 37  
ARG HH21 H  N N 38  
ARG HH22 H  N N 39  
ARG HXT  H  N N 40  
ASN N    N  N N 41  
ASN CA   C  N S 42  
ASN C    C  N N 43  
ASN O    O  N N 44  
ASN CB   C  N N 45  
ASN CG   C  N N 46  
ASN OD1  O  N N 47  
ASN ND2  N  N N 48  
ASN OXT  O  N N 49  
ASN H    H  N N 50  
ASN H2   H  N N 51  
ASN HA   H  N N 52  
ASN HB2  H  N N 53  
ASN HB3  H  N N 54  
ASN HD21 H  N N 55  
ASN HD22 H  N N 56  
ASN HXT  H  N N 57  
ASP N    N  N N 58  
ASP CA   C  N S 59  
ASP C    C  N N 60  
ASP O    O  N N 61  
ASP CB   C  N N 62  
ASP CG   C  N N 63  
ASP OD1  O  N N 64  
ASP OD2  O  N N 65  
ASP OXT  O  N N 66  
ASP H    H  N N 67  
ASP H2   H  N N 68  
ASP HA   H  N N 69  
ASP HB2  H  N N 70  
ASP HB3  H  N N 71  
ASP HD2  H  N N 72  
ASP HXT  H  N N 73  
CYS N    N  N N 74  
CYS CA   C  N R 75  
CYS C    C  N N 76  
CYS O    O  N N 77  
CYS CB   C  N N 78  
CYS SG   S  N N 79  
CYS OXT  O  N N 80  
CYS H    H  N N 81  
CYS H2   H  N N 82  
CYS HA   H  N N 83  
CYS HB2  H  N N 84  
CYS HB3  H  N N 85  
CYS HG   H  N N 86  
CYS HXT  H  N N 87  
GLN N    N  N N 88  
GLN CA   C  N S 89  
GLN C    C  N N 90  
GLN O    O  N N 91  
GLN CB   C  N N 92  
GLN CG   C  N N 93  
GLN CD   C  N N 94  
GLN OE1  O  N N 95  
GLN NE2  N  N N 96  
GLN OXT  O  N N 97  
GLN H    H  N N 98  
GLN H2   H  N N 99  
GLN HA   H  N N 100 
GLN HB2  H  N N 101 
GLN HB3  H  N N 102 
GLN HG2  H  N N 103 
GLN HG3  H  N N 104 
GLN HE21 H  N N 105 
GLN HE22 H  N N 106 
GLN HXT  H  N N 107 
GLU N    N  N N 108 
GLU CA   C  N S 109 
GLU C    C  N N 110 
GLU O    O  N N 111 
GLU CB   C  N N 112 
GLU CG   C  N N 113 
GLU CD   C  N N 114 
GLU OE1  O  N N 115 
GLU OE2  O  N N 116 
GLU OXT  O  N N 117 
GLU H    H  N N 118 
GLU H2   H  N N 119 
GLU HA   H  N N 120 
GLU HB2  H  N N 121 
GLU HB3  H  N N 122 
GLU HG2  H  N N 123 
GLU HG3  H  N N 124 
GLU HE2  H  N N 125 
GLU HXT  H  N N 126 
GLY N    N  N N 127 
GLY CA   C  N N 128 
GLY C    C  N N 129 
GLY O    O  N N 130 
GLY OXT  O  N N 131 
GLY H    H  N N 132 
GLY H2   H  N N 133 
GLY HA2  H  N N 134 
GLY HA3  H  N N 135 
GLY HXT  H  N N 136 
GOL C1   C  N N 137 
GOL O1   O  N N 138 
GOL C2   C  N N 139 
GOL O2   O  N N 140 
GOL C3   C  N N 141 
GOL O3   O  N N 142 
GOL H11  H  N N 143 
GOL H12  H  N N 144 
GOL HO1  H  N N 145 
GOL H2   H  N N 146 
GOL HO2  H  N N 147 
GOL H31  H  N N 148 
GOL H32  H  N N 149 
GOL HO3  H  N N 150 
HIS N    N  N N 151 
HIS CA   C  N S 152 
HIS C    C  N N 153 
HIS O    O  N N 154 
HIS CB   C  N N 155 
HIS CG   C  Y N 156 
HIS ND1  N  Y N 157 
HIS CD2  C  Y N 158 
HIS CE1  C  Y N 159 
HIS NE2  N  Y N 160 
HIS OXT  O  N N 161 
HIS H    H  N N 162 
HIS H2   H  N N 163 
HIS HA   H  N N 164 
HIS HB2  H  N N 165 
HIS HB3  H  N N 166 
HIS HD1  H  N N 167 
HIS HD2  H  N N 168 
HIS HE1  H  N N 169 
HIS HE2  H  N N 170 
HIS HXT  H  N N 171 
HOH O    O  N N 172 
HOH H1   H  N N 173 
HOH H2   H  N N 174 
ILE N    N  N N 175 
ILE CA   C  N S 176 
ILE C    C  N N 177 
ILE O    O  N N 178 
ILE CB   C  N S 179 
ILE CG1  C  N N 180 
ILE CG2  C  N N 181 
ILE CD1  C  N N 182 
ILE OXT  O  N N 183 
ILE H    H  N N 184 
ILE H2   H  N N 185 
ILE HA   H  N N 186 
ILE HB   H  N N 187 
ILE HG12 H  N N 188 
ILE HG13 H  N N 189 
ILE HG21 H  N N 190 
ILE HG22 H  N N 191 
ILE HG23 H  N N 192 
ILE HD11 H  N N 193 
ILE HD12 H  N N 194 
ILE HD13 H  N N 195 
ILE HXT  H  N N 196 
LEU N    N  N N 197 
LEU CA   C  N S 198 
LEU C    C  N N 199 
LEU O    O  N N 200 
LEU CB   C  N N 201 
LEU CG   C  N N 202 
LEU CD1  C  N N 203 
LEU CD2  C  N N 204 
LEU OXT  O  N N 205 
LEU H    H  N N 206 
LEU H2   H  N N 207 
LEU HA   H  N N 208 
LEU HB2  H  N N 209 
LEU HB3  H  N N 210 
LEU HG   H  N N 211 
LEU HD11 H  N N 212 
LEU HD12 H  N N 213 
LEU HD13 H  N N 214 
LEU HD21 H  N N 215 
LEU HD22 H  N N 216 
LEU HD23 H  N N 217 
LEU HXT  H  N N 218 
LYS N    N  N N 219 
LYS CA   C  N S 220 
LYS C    C  N N 221 
LYS O    O  N N 222 
LYS CB   C  N N 223 
LYS CG   C  N N 224 
LYS CD   C  N N 225 
LYS CE   C  N N 226 
LYS NZ   N  N N 227 
LYS OXT  O  N N 228 
LYS H    H  N N 229 
LYS H2   H  N N 230 
LYS HA   H  N N 231 
LYS HB2  H  N N 232 
LYS HB3  H  N N 233 
LYS HG2  H  N N 234 
LYS HG3  H  N N 235 
LYS HD2  H  N N 236 
LYS HD3  H  N N 237 
LYS HE2  H  N N 238 
LYS HE3  H  N N 239 
LYS HZ1  H  N N 240 
LYS HZ2  H  N N 241 
LYS HZ3  H  N N 242 
LYS HXT  H  N N 243 
MSE N    N  N N 244 
MSE CA   C  N S 245 
MSE C    C  N N 246 
MSE O    O  N N 247 
MSE OXT  O  N N 248 
MSE CB   C  N N 249 
MSE CG   C  N N 250 
MSE SE   SE N N 251 
MSE CE   C  N N 252 
MSE H    H  N N 253 
MSE H2   H  N N 254 
MSE HA   H  N N 255 
MSE HXT  H  N N 256 
MSE HB2  H  N N 257 
MSE HB3  H  N N 258 
MSE HG2  H  N N 259 
MSE HG3  H  N N 260 
MSE HE1  H  N N 261 
MSE HE2  H  N N 262 
MSE HE3  H  N N 263 
PHE N    N  N N 264 
PHE CA   C  N S 265 
PHE C    C  N N 266 
PHE O    O  N N 267 
PHE CB   C  N N 268 
PHE CG   C  Y N 269 
PHE CD1  C  Y N 270 
PHE CD2  C  Y N 271 
PHE CE1  C  Y N 272 
PHE CE2  C  Y N 273 
PHE CZ   C  Y N 274 
PHE OXT  O  N N 275 
PHE H    H  N N 276 
PHE H2   H  N N 277 
PHE HA   H  N N 278 
PHE HB2  H  N N 279 
PHE HB3  H  N N 280 
PHE HD1  H  N N 281 
PHE HD2  H  N N 282 
PHE HE1  H  N N 283 
PHE HE2  H  N N 284 
PHE HZ   H  N N 285 
PHE HXT  H  N N 286 
PRO N    N  N N 287 
PRO CA   C  N S 288 
PRO C    C  N N 289 
PRO O    O  N N 290 
PRO CB   C  N N 291 
PRO CG   C  N N 292 
PRO CD   C  N N 293 
PRO OXT  O  N N 294 
PRO H    H  N N 295 
PRO HA   H  N N 296 
PRO HB2  H  N N 297 
PRO HB3  H  N N 298 
PRO HG2  H  N N 299 
PRO HG3  H  N N 300 
PRO HD2  H  N N 301 
PRO HD3  H  N N 302 
PRO HXT  H  N N 303 
SER N    N  N N 304 
SER CA   C  N S 305 
SER C    C  N N 306 
SER O    O  N N 307 
SER CB   C  N N 308 
SER OG   O  N N 309 
SER OXT  O  N N 310 
SER H    H  N N 311 
SER H2   H  N N 312 
SER HA   H  N N 313 
SER HB2  H  N N 314 
SER HB3  H  N N 315 
SER HG   H  N N 316 
SER HXT  H  N N 317 
SO4 S    S  N N 318 
SO4 O1   O  N N 319 
SO4 O2   O  N N 320 
SO4 O3   O  N N 321 
SO4 O4   O  N N 322 
THR N    N  N N 323 
THR CA   C  N S 324 
THR C    C  N N 325 
THR O    O  N N 326 
THR CB   C  N R 327 
THR OG1  O  N N 328 
THR CG2  C  N N 329 
THR OXT  O  N N 330 
THR H    H  N N 331 
THR H2   H  N N 332 
THR HA   H  N N 333 
THR HB   H  N N 334 
THR HG1  H  N N 335 
THR HG21 H  N N 336 
THR HG22 H  N N 337 
THR HG23 H  N N 338 
THR HXT  H  N N 339 
TYR N    N  N N 340 
TYR CA   C  N S 341 
TYR C    C  N N 342 
TYR O    O  N N 343 
TYR CB   C  N N 344 
TYR CG   C  Y N 345 
TYR CD1  C  Y N 346 
TYR CD2  C  Y N 347 
TYR CE1  C  Y N 348 
TYR CE2  C  Y N 349 
TYR CZ   C  Y N 350 
TYR OH   O  N N 351 
TYR OXT  O  N N 352 
TYR H    H  N N 353 
TYR H2   H  N N 354 
TYR HA   H  N N 355 
TYR HB2  H  N N 356 
TYR HB3  H  N N 357 
TYR HD1  H  N N 358 
TYR HD2  H  N N 359 
TYR HE1  H  N N 360 
TYR HE2  H  N N 361 
TYR HH   H  N N 362 
TYR HXT  H  N N 363 
VAL N    N  N N 364 
VAL CA   C  N S 365 
VAL C    C  N N 366 
VAL O    O  N N 367 
VAL CB   C  N N 368 
VAL CG1  C  N N 369 
VAL CG2  C  N N 370 
VAL OXT  O  N N 371 
VAL H    H  N N 372 
VAL H2   H  N N 373 
VAL HA   H  N N 374 
VAL HB   H  N N 375 
VAL HG11 H  N N 376 
VAL HG12 H  N N 377 
VAL HG13 H  N N 378 
VAL HG21 H  N N 379 
VAL HG22 H  N N 380 
VAL HG23 H  N N 381 
VAL HXT  H  N N 382 
# 
loop_
_chem_comp_bond.comp_id 
_chem_comp_bond.atom_id_1 
_chem_comp_bond.atom_id_2 
_chem_comp_bond.value_order 
_chem_comp_bond.pdbx_aromatic_flag 
_chem_comp_bond.pdbx_stereo_config 
_chem_comp_bond.pdbx_ordinal 
ALA N   CA   sing N N 1   
ALA N   H    sing N N 2   
ALA N   H2   sing N N 3   
ALA CA  C    sing N N 4   
ALA CA  CB   sing N N 5   
ALA CA  HA   sing N N 6   
ALA C   O    doub N N 7   
ALA C   OXT  sing N N 8   
ALA CB  HB1  sing N N 9   
ALA CB  HB2  sing N N 10  
ALA CB  HB3  sing N N 11  
ALA OXT HXT  sing N N 12  
ARG N   CA   sing N N 13  
ARG N   H    sing N N 14  
ARG N   H2   sing N N 15  
ARG CA  C    sing N N 16  
ARG CA  CB   sing N N 17  
ARG CA  HA   sing N N 18  
ARG C   O    doub N N 19  
ARG C   OXT  sing N N 20  
ARG CB  CG   sing N N 21  
ARG CB  HB2  sing N N 22  
ARG CB  HB3  sing N N 23  
ARG CG  CD   sing N N 24  
ARG CG  HG2  sing N N 25  
ARG CG  HG3  sing N N 26  
ARG CD  NE   sing N N 27  
ARG CD  HD2  sing N N 28  
ARG CD  HD3  sing N N 29  
ARG NE  CZ   sing N N 30  
ARG NE  HE   sing N N 31  
ARG CZ  NH1  sing N N 32  
ARG CZ  NH2  doub N N 33  
ARG NH1 HH11 sing N N 34  
ARG NH1 HH12 sing N N 35  
ARG NH2 HH21 sing N N 36  
ARG NH2 HH22 sing N N 37  
ARG OXT HXT  sing N N 38  
ASN N   CA   sing N N 39  
ASN N   H    sing N N 40  
ASN N   H2   sing N N 41  
ASN CA  C    sing N N 42  
ASN CA  CB   sing N N 43  
ASN CA  HA   sing N N 44  
ASN C   O    doub N N 45  
ASN C   OXT  sing N N 46  
ASN CB  CG   sing N N 47  
ASN CB  HB2  sing N N 48  
ASN CB  HB3  sing N N 49  
ASN CG  OD1  doub N N 50  
ASN CG  ND2  sing N N 51  
ASN ND2 HD21 sing N N 52  
ASN ND2 HD22 sing N N 53  
ASN OXT HXT  sing N N 54  
ASP N   CA   sing N N 55  
ASP N   H    sing N N 56  
ASP N   H2   sing N N 57  
ASP CA  C    sing N N 58  
ASP CA  CB   sing N N 59  
ASP CA  HA   sing N N 60  
ASP C   O    doub N N 61  
ASP C   OXT  sing N N 62  
ASP CB  CG   sing N N 63  
ASP CB  HB2  sing N N 64  
ASP CB  HB3  sing N N 65  
ASP CG  OD1  doub N N 66  
ASP CG  OD2  sing N N 67  
ASP OD2 HD2  sing N N 68  
ASP OXT HXT  sing N N 69  
CYS N   CA   sing N N 70  
CYS N   H    sing N N 71  
CYS N   H2   sing N N 72  
CYS CA  C    sing N N 73  
CYS CA  CB   sing N N 74  
CYS CA  HA   sing N N 75  
CYS C   O    doub N N 76  
CYS C   OXT  sing N N 77  
CYS CB  SG   sing N N 78  
CYS CB  HB2  sing N N 79  
CYS CB  HB3  sing N N 80  
CYS SG  HG   sing N N 81  
CYS OXT HXT  sing N N 82  
GLN N   CA   sing N N 83  
GLN N   H    sing N N 84  
GLN N   H2   sing N N 85  
GLN CA  C    sing N N 86  
GLN CA  CB   sing N N 87  
GLN CA  HA   sing N N 88  
GLN C   O    doub N N 89  
GLN C   OXT  sing N N 90  
GLN CB  CG   sing N N 91  
GLN CB  HB2  sing N N 92  
GLN CB  HB3  sing N N 93  
GLN CG  CD   sing N N 94  
GLN CG  HG2  sing N N 95  
GLN CG  HG3  sing N N 96  
GLN CD  OE1  doub N N 97  
GLN CD  NE2  sing N N 98  
GLN NE2 HE21 sing N N 99  
GLN NE2 HE22 sing N N 100 
GLN OXT HXT  sing N N 101 
GLU N   CA   sing N N 102 
GLU N   H    sing N N 103 
GLU N   H2   sing N N 104 
GLU CA  C    sing N N 105 
GLU CA  CB   sing N N 106 
GLU CA  HA   sing N N 107 
GLU C   O    doub N N 108 
GLU C   OXT  sing N N 109 
GLU CB  CG   sing N N 110 
GLU CB  HB2  sing N N 111 
GLU CB  HB3  sing N N 112 
GLU CG  CD   sing N N 113 
GLU CG  HG2  sing N N 114 
GLU CG  HG3  sing N N 115 
GLU CD  OE1  doub N N 116 
GLU CD  OE2  sing N N 117 
GLU OE2 HE2  sing N N 118 
GLU OXT HXT  sing N N 119 
GLY N   CA   sing N N 120 
GLY N   H    sing N N 121 
GLY N   H2   sing N N 122 
GLY CA  C    sing N N 123 
GLY CA  HA2  sing N N 124 
GLY CA  HA3  sing N N 125 
GLY C   O    doub N N 126 
GLY C   OXT  sing N N 127 
GLY OXT HXT  sing N N 128 
GOL C1  O1   sing N N 129 
GOL C1  C2   sing N N 130 
GOL C1  H11  sing N N 131 
GOL C1  H12  sing N N 132 
GOL O1  HO1  sing N N 133 
GOL C2  O2   sing N N 134 
GOL C2  C3   sing N N 135 
GOL C2  H2   sing N N 136 
GOL O2  HO2  sing N N 137 
GOL C3  O3   sing N N 138 
GOL C3  H31  sing N N 139 
GOL C3  H32  sing N N 140 
GOL O3  HO3  sing N N 141 
HIS N   CA   sing N N 142 
HIS N   H    sing N N 143 
HIS N   H2   sing N N 144 
HIS CA  C    sing N N 145 
HIS CA  CB   sing N N 146 
HIS CA  HA   sing N N 147 
HIS C   O    doub N N 148 
HIS C   OXT  sing N N 149 
HIS CB  CG   sing N N 150 
HIS CB  HB2  sing N N 151 
HIS CB  HB3  sing N N 152 
HIS CG  ND1  sing Y N 153 
HIS CG  CD2  doub Y N 154 
HIS ND1 CE1  doub Y N 155 
HIS ND1 HD1  sing N N 156 
HIS CD2 NE2  sing Y N 157 
HIS CD2 HD2  sing N N 158 
HIS CE1 NE2  sing Y N 159 
HIS CE1 HE1  sing N N 160 
HIS NE2 HE2  sing N N 161 
HIS OXT HXT  sing N N 162 
HOH O   H1   sing N N 163 
HOH O   H2   sing N N 164 
ILE N   CA   sing N N 165 
ILE N   H    sing N N 166 
ILE N   H2   sing N N 167 
ILE CA  C    sing N N 168 
ILE CA  CB   sing N N 169 
ILE CA  HA   sing N N 170 
ILE C   O    doub N N 171 
ILE C   OXT  sing N N 172 
ILE CB  CG1  sing N N 173 
ILE CB  CG2  sing N N 174 
ILE CB  HB   sing N N 175 
ILE CG1 CD1  sing N N 176 
ILE CG1 HG12 sing N N 177 
ILE CG1 HG13 sing N N 178 
ILE CG2 HG21 sing N N 179 
ILE CG2 HG22 sing N N 180 
ILE CG2 HG23 sing N N 181 
ILE CD1 HD11 sing N N 182 
ILE CD1 HD12 sing N N 183 
ILE CD1 HD13 sing N N 184 
ILE OXT HXT  sing N N 185 
LEU N   CA   sing N N 186 
LEU N   H    sing N N 187 
LEU N   H2   sing N N 188 
LEU CA  C    sing N N 189 
LEU CA  CB   sing N N 190 
LEU CA  HA   sing N N 191 
LEU C   O    doub N N 192 
LEU C   OXT  sing N N 193 
LEU CB  CG   sing N N 194 
LEU CB  HB2  sing N N 195 
LEU CB  HB3  sing N N 196 
LEU CG  CD1  sing N N 197 
LEU CG  CD2  sing N N 198 
LEU CG  HG   sing N N 199 
LEU CD1 HD11 sing N N 200 
LEU CD1 HD12 sing N N 201 
LEU CD1 HD13 sing N N 202 
LEU CD2 HD21 sing N N 203 
LEU CD2 HD22 sing N N 204 
LEU CD2 HD23 sing N N 205 
LEU OXT HXT  sing N N 206 
LYS N   CA   sing N N 207 
LYS N   H    sing N N 208 
LYS N   H2   sing N N 209 
LYS CA  C    sing N N 210 
LYS CA  CB   sing N N 211 
LYS CA  HA   sing N N 212 
LYS C   O    doub N N 213 
LYS C   OXT  sing N N 214 
LYS CB  CG   sing N N 215 
LYS CB  HB2  sing N N 216 
LYS CB  HB3  sing N N 217 
LYS CG  CD   sing N N 218 
LYS CG  HG2  sing N N 219 
LYS CG  HG3  sing N N 220 
LYS CD  CE   sing N N 221 
LYS CD  HD2  sing N N 222 
LYS CD  HD3  sing N N 223 
LYS CE  NZ   sing N N 224 
LYS CE  HE2  sing N N 225 
LYS CE  HE3  sing N N 226 
LYS NZ  HZ1  sing N N 227 
LYS NZ  HZ2  sing N N 228 
LYS NZ  HZ3  sing N N 229 
LYS OXT HXT  sing N N 230 
MSE N   CA   sing N N 231 
MSE N   H    sing N N 232 
MSE N   H2   sing N N 233 
MSE CA  C    sing N N 234 
MSE CA  CB   sing N N 235 
MSE CA  HA   sing N N 236 
MSE C   O    doub N N 237 
MSE C   OXT  sing N N 238 
MSE OXT HXT  sing N N 239 
MSE CB  CG   sing N N 240 
MSE CB  HB2  sing N N 241 
MSE CB  HB3  sing N N 242 
MSE CG  SE   sing N N 243 
MSE CG  HG2  sing N N 244 
MSE CG  HG3  sing N N 245 
MSE SE  CE   sing N N 246 
MSE CE  HE1  sing N N 247 
MSE CE  HE2  sing N N 248 
MSE CE  HE3  sing N N 249 
PHE N   CA   sing N N 250 
PHE N   H    sing N N 251 
PHE N   H2   sing N N 252 
PHE CA  C    sing N N 253 
PHE CA  CB   sing N N 254 
PHE CA  HA   sing N N 255 
PHE C   O    doub N N 256 
PHE C   OXT  sing N N 257 
PHE CB  CG   sing N N 258 
PHE CB  HB2  sing N N 259 
PHE CB  HB3  sing N N 260 
PHE CG  CD1  doub Y N 261 
PHE CG  CD2  sing Y N 262 
PHE CD1 CE1  sing Y N 263 
PHE CD1 HD1  sing N N 264 
PHE CD2 CE2  doub Y N 265 
PHE CD2 HD2  sing N N 266 
PHE CE1 CZ   doub Y N 267 
PHE CE1 HE1  sing N N 268 
PHE CE2 CZ   sing Y N 269 
PHE CE2 HE2  sing N N 270 
PHE CZ  HZ   sing N N 271 
PHE OXT HXT  sing N N 272 
PRO N   CA   sing N N 273 
PRO N   CD   sing N N 274 
PRO N   H    sing N N 275 
PRO CA  C    sing N N 276 
PRO CA  CB   sing N N 277 
PRO CA  HA   sing N N 278 
PRO C   O    doub N N 279 
PRO C   OXT  sing N N 280 
PRO CB  CG   sing N N 281 
PRO CB  HB2  sing N N 282 
PRO CB  HB3  sing N N 283 
PRO CG  CD   sing N N 284 
PRO CG  HG2  sing N N 285 
PRO CG  HG3  sing N N 286 
PRO CD  HD2  sing N N 287 
PRO CD  HD3  sing N N 288 
PRO OXT HXT  sing N N 289 
SER N   CA   sing N N 290 
SER N   H    sing N N 291 
SER N   H2   sing N N 292 
SER CA  C    sing N N 293 
SER CA  CB   sing N N 294 
SER CA  HA   sing N N 295 
SER C   O    doub N N 296 
SER C   OXT  sing N N 297 
SER CB  OG   sing N N 298 
SER CB  HB2  sing N N 299 
SER CB  HB3  sing N N 300 
SER OG  HG   sing N N 301 
SER OXT HXT  sing N N 302 
SO4 S   O1   doub N N 303 
SO4 S   O2   doub N N 304 
SO4 S   O3   sing N N 305 
SO4 S   O4   sing N N 306 
THR N   CA   sing N N 307 
THR N   H    sing N N 308 
THR N   H2   sing N N 309 
THR CA  C    sing N N 310 
THR CA  CB   sing N N 311 
THR CA  HA   sing N N 312 
THR C   O    doub N N 313 
THR C   OXT  sing N N 314 
THR CB  OG1  sing N N 315 
THR CB  CG2  sing N N 316 
THR CB  HB   sing N N 317 
THR OG1 HG1  sing N N 318 
THR CG2 HG21 sing N N 319 
THR CG2 HG22 sing N N 320 
THR CG2 HG23 sing N N 321 
THR OXT HXT  sing N N 322 
TYR N   CA   sing N N 323 
TYR N   H    sing N N 324 
TYR N   H2   sing N N 325 
TYR CA  C    sing N N 326 
TYR CA  CB   sing N N 327 
TYR CA  HA   sing N N 328 
TYR C   O    doub N N 329 
TYR C   OXT  sing N N 330 
TYR CB  CG   sing N N 331 
TYR CB  HB2  sing N N 332 
TYR CB  HB3  sing N N 333 
TYR CG  CD1  doub Y N 334 
TYR CG  CD2  sing Y N 335 
TYR CD1 CE1  sing Y N 336 
TYR CD1 HD1  sing N N 337 
TYR CD2 CE2  doub Y N 338 
TYR CD2 HD2  sing N N 339 
TYR CE1 CZ   doub Y N 340 
TYR CE1 HE1  sing N N 341 
TYR CE2 CZ   sing Y N 342 
TYR CE2 HE2  sing N N 343 
TYR CZ  OH   sing N N 344 
TYR OH  HH   sing N N 345 
TYR OXT HXT  sing N N 346 
VAL N   CA   sing N N 347 
VAL N   H    sing N N 348 
VAL N   H2   sing N N 349 
VAL CA  C    sing N N 350 
VAL CA  CB   sing N N 351 
VAL CA  HA   sing N N 352 
VAL C   O    doub N N 353 
VAL C   OXT  sing N N 354 
VAL CB  CG1  sing N N 355 
VAL CB  CG2  sing N N 356 
VAL CB  HB   sing N N 357 
VAL CG1 HG11 sing N N 358 
VAL CG1 HG12 sing N N 359 
VAL CG1 HG13 sing N N 360 
VAL CG2 HG21 sing N N 361 
VAL CG2 HG22 sing N N 362 
VAL CG2 HG23 sing N N 363 
VAL OXT HXT  sing N N 364 
# 
_atom_sites.entry_id                    5YAD 
_atom_sites.fract_transf_matrix[1][1]   -0.00083377 
_atom_sites.fract_transf_matrix[1][2]   -0.01815913 
_atom_sites.fract_transf_matrix[1][3]   -0.00065343 
_atom_sites.fract_transf_matrix[2][1]   -0.00032259 
_atom_sites.fract_transf_matrix[2][2]   -0.00065156 
_atom_sites.fract_transf_matrix[2][3]   0.01851873 
_atom_sites.fract_transf_matrix[3][1]   -0.01480817 
_atom_sites.fract_transf_matrix[3][2]   0.00068832 
_atom_sites.fract_transf_matrix[3][3]   -0.00023373 
_atom_sites.fract_transf_vector[1]      0.601315 
_atom_sites.fract_transf_vector[2]      0.161930 
_atom_sites.fract_transf_vector[3]      0.569824 
# 
loop_
_atom_type.symbol 
C  
N  
O  
S  
SE 
# 
loop_
_atom_site.group_PDB 
_atom_site.id 
_atom_site.type_symbol 
_atom_site.label_atom_id 
_atom_site.label_alt_id 
_atom_site.label_comp_id 
_atom_site.label_asym_id 
_atom_site.label_entity_id 
_atom_site.label_seq_id 
_atom_site.pdbx_PDB_ins_code 
_atom_site.Cartn_x 
_atom_site.Cartn_y 
_atom_site.Cartn_z 
_atom_site.occupancy 
_atom_site.B_iso_or_equiv 
_atom_site.pdbx_formal_charge 
_atom_site.auth_seq_id 
_atom_site.auth_comp_id 
_atom_site.auth_asym_id 
_atom_site.auth_atom_id 
_atom_site.pdbx_PDB_model_num 
ATOM   1    N  N   . GLY A 1 3  ? 18.944  -11.695 7.784   1.00 70.35 ? 3   GLY A N   1 
ATOM   2    C  CA  . GLY A 1 3  ? 17.896  -10.757 7.387   1.00 58.57 ? 3   GLY A CA  1 
ATOM   3    C  C   . GLY A 1 3  ? 17.342  -10.096 8.630   1.00 52.56 ? 3   GLY A C   1 
ATOM   4    O  O   . GLY A 1 3  ? 16.324  -10.507 9.141   1.00 43.12 ? 3   GLY A O   1 
ATOM   5    N  N   . ALA A 1 4  ? 18.014  -9.051  9.095   1.00 45.91 ? 4   ALA A N   1 
ATOM   6    C  CA  . ALA A 1 4  ? 17.528  -8.181  10.177  1.00 49.48 ? 4   ALA A CA  1 
ATOM   7    C  C   . ALA A 1 4  ? 16.131  -7.622  9.810   1.00 43.90 ? 4   ALA A C   1 
ATOM   8    O  O   . ALA A 1 4  ? 15.259  -7.472  10.651  1.00 37.08 ? 4   ALA A O   1 
ATOM   9    C  CB  . ALA A 1 4  ? 18.486  -7.022  10.417  1.00 47.53 ? 4   ALA A CB  1 
ATOM   10   N  N   . ALA A 1 5  ? 15.950  -7.338  8.540   1.00 42.53 ? 5   ALA A N   1 
ATOM   11   C  CA  . ALA A 1 5  ? 14.715  -6.755  8.039   1.00 43.28 ? 5   ALA A CA  1 
ATOM   12   C  C   . ALA A 1 5  ? 13.617  -7.787  8.115   1.00 38.12 ? 5   ALA A C   1 
ATOM   13   O  O   . ALA A 1 5  ? 12.574  -7.444  8.616   1.00 34.43 ? 5   ALA A O   1 
ATOM   14   C  CB  . ALA A 1 5  ? 14.872  -6.317  6.586   1.00 51.93 ? 5   ALA A CB  1 
ATOM   15   N  N   . ASN A 1 6  ? 13.872  -9.002  7.600   1.00 35.29 ? 6   ASN A N   1 
ATOM   16   C  CA  . ASN A 1 6  ? 12.940  -10.102 7.692   1.00 37.08 ? 6   ASN A CA  1 
ATOM   17   C  C   . ASN A 1 6  ? 12.604  -10.376 9.153   1.00 36.01 ? 6   ASN A C   1 
ATOM   18   O  O   . ASN A 1 6  ? 11.427  -10.642 9.418   1.00 32.17 ? 6   ASN A O   1 
ATOM   19   C  CB  . ASN A 1 6  ? 13.422  -11.406 7.099   1.00 39.61 ? 6   ASN A CB  1 
ATOM   20   C  CG  . ASN A 1 6  ? 13.174  -11.490 5.627   1.00 43.48 ? 6   ASN A CG  1 
ATOM   21   O  OD1 . ASN A 1 6  ? 12.136  -11.067 5.139   1.00 48.39 ? 6   ASN A OD1 1 
ATOM   22   N  ND2 . ASN A 1 6  ? 14.130  -12.077 4.900   1.00 49.04 ? 6   ASN A ND2 1 
ATOM   23   N  N   . LYS A 1 7  ? 13.585  -10.336 10.059  1.00 31.26 ? 7   LYS A N   1 
ATOM   24   C  CA  . LYS A 1 7  ? 13.268  -10.591 11.499  1.00 31.68 ? 7   LYS A CA  1 
ATOM   25   C  C   . LYS A 1 7  ? 12.278  -9.546  12.038  1.00 29.67 ? 7   LYS A C   1 
ATOM   26   O  O   . LYS A 1 7  ? 11.336  -9.877  12.771  1.00 26.32 ? 7   LYS A O   1 
ATOM   27   C  CB  . LYS A 1 7  ? 14.506  -10.582 12.389  1.00 31.74 ? 7   LYS A CB  1 
ATOM   28   C  CG  . LYS A 1 7  ? 15.398  -11.789 12.192  1.00 38.74 ? 7   LYS A CG  1 
ATOM   29   C  CD  . LYS A 1 7  ? 16.641  -11.650 13.088  1.00 39.75 ? 7   LYS A CD  1 
ATOM   30   C  CE  . LYS A 1 7  ? 17.452  -12.946 13.205  1.00 46.03 ? 7   LYS A CE  1 
ATOM   31   N  NZ  . LYS A 1 7  ? 17.401  -13.781 11.995  1.00 51.14 ? 7   LYS A NZ  1 
ATOM   32   N  N   . SER A 1 8  ? 12.526  -8.263  11.744  1.00 29.15 ? 8   SER A N   1 
ATOM   33   C  CA  . SER A 1 8  ? 11.651  -7.195  12.178  1.00 30.54 ? 8   SER A CA  1 
ATOM   34   C  C   . SER A 1 8  ? 10.269  -7.282  11.579  1.00 25.02 ? 8   SER A C   1 
ATOM   35   O  O   . SER A 1 8  ? 9.283   -7.098  12.312  1.00 25.49 ? 8   SER A O   1 
ATOM   36   C  CB  . SER A 1 8  ? 12.242  -5.817  11.853  1.00 36.35 ? 8   SER A CB  1 
ATOM   37   O  OG  . SER A 1 8  ? 13.378  -5.715  12.692  1.00 43.52 ? 8   SER A OG  1 
ATOM   38   N  N   . LEU A 1 9  ? 10.189  -7.632  10.305  1.00 23.16 ? 9   LEU A N   1 
ATOM   39   C  CA  . LEU A 1 9  ? 8.920   -7.834  9.655   1.00 23.86 ? 9   LEU A CA  1 
ATOM   40   C  C   . LEU A 1 9  ? 8.147   -9.018  10.230  1.00 24.12 ? 9   LEU A C   1 
ATOM   41   O  O   . LEU A 1 9  ? 6.947   -8.937  10.417  1.00 22.10 ? 9   LEU A O   1 
ATOM   42   C  CB  . LEU A 1 9  ? 9.053   -7.958  8.176   1.00 23.91 ? 9   LEU A CB  1 
ATOM   43   C  CG  . LEU A 1 9  ? 9.500   -6.674  7.463   1.00 24.40 ? 9   LEU A CG  1 
ATOM   44   C  CD1 . LEU A 1 9  ? 10.072  -6.864  6.055   1.00 28.55 ? 9   LEU A CD1 1 
ATOM   45   C  CD2 . LEU A 1 9  ? 8.336   -5.650  7.371   1.00 28.24 ? 9   LEU A CD2 1 
ATOM   46   N  N   . SER A 1 10 ? 8.851   -10.098 10.524  1.00 22.80 ? 10  SER A N   1 
ATOM   47   C  CA  . SER A 1 10 ? 8.225   -11.257 11.178  1.00 23.38 ? 10  SER A CA  1 
ATOM   48   C  C   . SER A 1 10 ? 7.627   -10.896 12.571  1.00 22.13 ? 10  SER A C   1 
ATOM   49   O  O   . SER A 1 10 ? 6.496   -11.283 12.884  1.00 21.71 ? 10  SER A O   1 
ATOM   50   C  CB  . SER A 1 10 ? 9.230   -12.453 11.237  1.00 24.12 ? 10  SER A CB  1 
ATOM   51   O  OG  . SER A 1 10 ? 8.552   -13.594 11.603  1.00 26.43 ? 10  SER A OG  1 
ATOM   52   N  N   . LEU A 1 11 ? 8.363   -10.204 13.393  1.00 21.84 ? 11  LEU A N   1 
ATOM   53   C  CA  . LEU A 1 11 ? 7.841   -9.769  14.665  1.00 21.22 ? 11  LEU A CA  1 
ATOM   54   C  C   . LEU A 1 11 ? 6.640   -8.824  14.466  1.00 20.84 ? 11  LEU A C   1 
ATOM   55   O  O   . LEU A 1 11 ? 5.610   -8.968  15.104  1.00 21.71 ? 11  LEU A O   1 
ATOM   56   C  CB  . LEU A 1 11 ? 8.928   -9.026  15.429  1.00 22.39 ? 11  LEU A CB  1 
ATOM   57   C  CG  . LEU A 1 11 ? 10.070  -9.871  16.007  1.00 29.16 ? 11  LEU A CG  1 
ATOM   58   C  CD1 . LEU A 1 11 ? 11.272  -8.947  16.395  1.00 36.92 ? 11  LEU A CD1 1 
ATOM   59   C  CD2 . LEU A 1 11 ? 9.524   -10.627 17.199  1.00 31.10 ? 11  LEU A CD2 1 
ATOM   60   N  N   . LEU A 1 12 ? 6.761   -7.890  13.532  1.00 22.72 ? 12  LEU A N   1 
ATOM   61   C  CA  . LEU A 1 12 ? 5.615   -6.995  13.179  1.00 22.24 ? 12  LEU A CA  1 
ATOM   62   C  C   . LEU A 1 12 ? 4.381   -7.761  12.785  1.00 20.77 ? 12  LEU A C   1 
ATOM   63   O  O   . LEU A 1 12 ? 3.247   -7.386  13.127  1.00 21.27 ? 12  LEU A O   1 
ATOM   64   C  CB  . LEU A 1 12 ? 5.999   -6.034  12.049  1.00 23.18 ? 12  LEU A CB  1 
ATOM   65   C  CG  . LEU A 1 12 ? 4.897   -5.086  11.563  1.00 23.62 ? 12  LEU A CG  1 
ATOM   66   C  CD1 . LEU A 1 12 ? 4.420   -4.224  12.755  1.00 26.60 ? 12  LEU A CD1 1 
ATOM   67   C  CD2 . LEU A 1 12 ? 5.429   -4.236  10.457  1.00 24.58 ? 12  LEU A CD2 1 
ATOM   68   N  N   . SER A 1 13 ? 4.560   -8.871  12.046  1.00 19.08 ? 13  SER A N   1 
ATOM   69   C  CA  . SER A 1 13 ? 3.383   -9.701  11.683  1.00 21.21 ? 13  SER A CA  1 
ATOM   70   C  C   . SER A 1 13 ? 2.687   -10.237 12.909  1.00 21.51 ? 13  SER A C   1 
ATOM   71   O  O   . SER A 1 13 ? 1.474   -10.240 12.933  1.00 21.70 ? 13  SER A O   1 
ATOM   72   C  CB  . SER A 1 13 ? 3.661   -10.760 10.650  1.00 26.90 ? 13  SER A CB  1 
ATOM   73   O  OG  . SER A 1 13 ? 4.309   -11.785 11.236  1.00 28.51 ? 13  SER A OG  1 
ATOM   74   N  N   . THR A 1 14 ? 3.451   -10.643 13.926  1.00 19.96 ? 14  THR A N   1 
ATOM   75   C  CA  . THR A 1 14 ? 2.818   -11.131 15.167  1.00 21.99 ? 14  THR A CA  1 
ATOM   76   C  C   . THR A 1 14 ? 2.085   -10.040 15.979  1.00 21.52 ? 14  THR A C   1 
ATOM   77   O  O   . THR A 1 14 ? 0.999   -10.307 16.467  1.00 23.56 ? 14  THR A O   1 
ATOM   78   C  CB  . THR A 1 14 ? 3.786   -11.910 16.052  1.00 20.99 ? 14  THR A CB  1 
ATOM   79   O  OG1 . THR A 1 14 ? 4.665   -10.995 16.655  1.00 22.53 ? 14  THR A OG1 1 
ATOM   80   C  CG2 . THR A 1 14 ? 4.474   -12.993 15.217  1.00 23.40 ? 14  THR A CG2 1 
ATOM   81   N  N   . GLU A 1 15 ? 2.612   -8.860  15.949  1.00 21.89 ? 15  GLU A N   1 
ATOM   82   C  CA  . GLU A 1 15 ? 2.076   -7.700  16.655  1.00 23.19 ? 15  GLU A CA  1 
ATOM   83   C  C   . GLU A 1 15 ? 0.817   -7.280  15.936  1.00 24.44 ? 15  GLU A C   1 
ATOM   84   O  O   . GLU A 1 15 ? -0.179  -7.033  16.561  1.00 22.80 ? 15  GLU A O   1 
ATOM   85   C  CB  . GLU A 1 15 ? 3.069   -6.560  16.649  1.00 23.48 ? 15  GLU A CB  1 
ATOM   86   C  CG  . GLU A 1 15 ? 4.358   -6.845  17.425  1.00 28.49 ? 15  GLU A CG  1 
ATOM   87   C  CD  . GLU A 1 15 ? 5.404   -5.804  17.191  1.00 28.37 ? 15  GLU A CD  1 
ATOM   88   O  OE1 . GLU A 1 15 ? 5.451   -5.132  16.121  1.00 31.75 ? 15  GLU A OE1 1 
ATOM   89   O  OE2 . GLU A 1 15 ? 6.221   -5.575  18.129  1.00 42.01 ? 15  GLU A OE2 1 
ATOM   90   N  N   . THR A 1 16 ? 0.847   -7.304  14.562  1.00 23.37 ? 16  THR A N   1 
ATOM   91   C  CA  . THR A 1 16 ? -0.362  -7.084  13.760  1.00 21.72 ? 16  THR A CA  1 
ATOM   92   C  C   . THR A 1 16 ? -1.505  -8.079  14.066  1.00 24.53 ? 16  THR A C   1 
ATOM   93   O  O   . THR A 1 16 ? -2.667  -7.701  14.194  1.00 23.22 ? 16  THR A O   1 
ATOM   94   C  CB  . THR A 1 16 ? 0.035   -7.086  12.246  1.00 21.32 ? 16  THR A CB  1 
ATOM   95   O  OG1 . THR A 1 16 ? 0.965   -6.035  12.113  1.00 21.99 ? 16  THR A OG1 1 
ATOM   96   C  CG2 . THR A 1 16 ? -1.080  -6.900  11.326  1.00 21.81 ? 16  THR A CG2 1 
HETATM 97   N  N   . MSE A 1 17 ? -1.194  -9.367  14.116  1.00 21.62 ? 17  MSE A N   1 
HETATM 98   C  CA  . MSE A 1 17 ? -2.101  -10.423 14.490  1.00 22.68 ? 17  MSE A CA  1 
HETATM 99   C  C   . MSE A 1 17 ? -2.724  -10.131 15.851  1.00 24.47 ? 17  MSE A C   1 
HETATM 100  O  O   . MSE A 1 17 ? -3.945  -10.284 16.007  1.00 25.87 ? 17  MSE A O   1 
HETATM 101  C  CB  . MSE A 1 17 ? -1.370  -11.804 14.457  1.00 23.87 ? 17  MSE A CB  1 
HETATM 102  C  CG  . MSE A 1 17 ? -1.179  -12.231 12.977  1.00 22.70 ? 17  MSE A CG  1 
HETATM 103  SE SE  . MSE A 1 17 ? 0.229   -13.696 13.089  1.00 33.32 ? 17  MSE A SE  1 
HETATM 104  C  CE  . MSE A 1 17 ? -1.012  -15.142 13.636  1.00 32.46 ? 17  MSE A CE  1 
ATOM   105  N  N   . SER A 1 18 ? -1.916  -9.741  16.772  1.00 23.74 ? 18  SER A N   1 
ATOM   106  C  CA  . SER A 1 18 ? -2.360  -9.471  18.131  1.00 27.05 ? 18  SER A CA  1 
ATOM   107  C  C   . SER A 1 18 ? -3.377  -8.329  18.200  1.00 28.75 ? 18  SER A C   1 
ATOM   108  O  O   . SER A 1 18 ? -4.338  -8.430  18.942  1.00 30.22 ? 18  SER A O   1 
ATOM   109  C  CB  . SER A 1 18 ? -1.208  -9.226  19.097  1.00 27.32 ? 18  SER A CB  1 
ATOM   110  O  OG  . SER A 1 18 ? -0.728  -7.898  19.159  1.00 34.21 ? 18  SER A OG  1 
ATOM   111  N  N   . ILE A 1 19 ? -3.180  -7.303  17.394  1.00 23.42 ? 19  ILE A N   1 
ATOM   112  C  CA  . ILE A 1 19 ? -4.140  -6.190  17.364  1.00 25.07 ? 19  ILE A CA  1 
ATOM   113  C  C   . ILE A 1 19 ? -5.418  -6.615  16.680  1.00 25.61 ? 19  ILE A C   1 
ATOM   114  O  O   . ILE A 1 19 ? -6.556  -6.311  17.138  1.00 25.62 ? 19  ILE A O   1 
ATOM   115  C  CB  . ILE A 1 19 ? -3.461  -4.950  16.700  1.00 24.90 ? 19  ILE A CB  1 
ATOM   116  C  CG1 . ILE A 1 19 ? -2.364  -4.432  17.602  1.00 27.68 ? 19  ILE A CG1 1 
ATOM   117  C  CG2 . ILE A 1 19 ? -4.460  -3.879  16.329  1.00 25.96 ? 19  ILE A CG2 1 
ATOM   118  C  CD1 . ILE A 1 19 ? -1.508  -3.418  16.951  1.00 24.64 ? 19  ILE A CD1 1 
ATOM   119  N  N   . LEU A 1 20 ? -5.290  -7.228  15.517  1.00 21.43 ? 20  LEU A N   1 
ATOM   120  C  CA  . LEU A 1 20 ? -6.442  -7.487  14.695  1.00 19.80 ? 20  LEU A CA  1 
ATOM   121  C  C   . LEU A 1 20 ? -7.260  -8.699  15.138  1.00 23.05 ? 20  LEU A C   1 
ATOM   122  O  O   . LEU A 1 20 ? -8.436  -8.776  14.823  1.00 23.68 ? 20  LEU A O   1 
ATOM   123  C  CB  . LEU A 1 20 ? -6.039  -7.582  13.216  1.00 21.71 ? 20  LEU A CB  1 
ATOM   124  C  CG  . LEU A 1 20 ? -5.534  -6.296  12.577  1.00 21.99 ? 20  LEU A CG  1 
ATOM   125  C  CD1 . LEU A 1 20 ? -4.969  -6.691  11.193  1.00 23.39 ? 20  LEU A CD1 1 
ATOM   126  C  CD2 . LEU A 1 20 ? -6.694  -5.324  12.484  1.00 24.66 ? 20  LEU A CD2 1 
ATOM   127  N  N   . GLN A 1 21 ? -6.681  -9.659  15.871  1.00 23.24 ? 21  GLN A N   1 
ATOM   128  C  CA  . GLN A 1 21 ? -7.462  -10.786 16.300  1.00 28.72 ? 21  GLN A CA  1 
ATOM   129  C  C   . GLN A 1 21 ? -8.527  -10.265 17.337  1.00 32.41 ? 21  GLN A C   1 
ATOM   130  O  O   . GLN A 1 21 ? -9.530  -10.861 17.464  1.00 35.15 ? 21  GLN A O   1 
ATOM   131  C  CB  . GLN A 1 21 ? -6.607  -11.886 16.934  1.00 27.38 ? 21  GLN A CB  1 
ATOM   132  C  CG  . GLN A 1 21 ? -5.998  -12.835 15.913  1.00 28.32 ? 21  GLN A CG  1 
ATOM   133  C  CD  . GLN A 1 21 ? -5.059  -13.864 16.532  1.00 29.94 ? 21  GLN A CD  1 
ATOM   134  O  OE1 . GLN A 1 21 ? -4.928  -13.900 17.778  1.00 29.34 ? 21  GLN A OE1 1 
ATOM   135  N  NE2 . GLN A 1 21 ? -4.369  -14.672 15.678  1.00 30.63 ? 21  GLN A NE2 1 
ATOM   136  N  N   . ASP A 1 22 ? -8.256  -9.162  18.014  1.00 31.03 ? 22  ASP A N   1 
ATOM   137  C  CA  . ASP A 1 22 ? -9.261  -8.516  18.943  1.00 38.30 ? 22  ASP A CA  1 
ATOM   138  C  C   . ASP A 1 22 ? -10.210 -7.563  18.268  1.00 37.92 ? 22  ASP A C   1 
ATOM   139  O  O   . ASP A 1 22 ? -11.140 -7.150  18.900  1.00 39.75 ? 22  ASP A O   1 
ATOM   140  C  CB  . ASP A 1 22 ? -8.561  -7.733  20.068  1.00 40.70 ? 22  ASP A CB  1 
ATOM   141  C  CG  . ASP A 1 22 ? -7.867  -8.665  21.100  1.00 45.93 ? 22  ASP A CG  1 
ATOM   142  O  OD1 . ASP A 1 22 ? -8.206  -9.895  21.168  1.00 46.22 ? 22  ASP A OD1 1 
ATOM   143  O  OD2 . ASP A 1 22 ? -6.972  -8.141  21.783  1.00 53.24 ? 22  ASP A OD2 1 
ATOM   144  N  N   . ALA A 1 23 ? -10.033 -7.216  16.996  1.00 29.37 ? 23  ALA A N   1 
ATOM   145  C  CA  . ALA A 1 23 ? -11.011 -6.369  16.296  1.00 27.11 ? 23  ALA A CA  1 
ATOM   146  C  C   . ALA A 1 23 ? -12.172 -7.050  15.691  1.00 25.06 ? 23  ALA A C   1 
ATOM   147  O  O   . ALA A 1 23 ? -12.104 -8.221  15.253  1.00 27.76 ? 23  ALA A O   1 
ATOM   148  C  CB  . ALA A 1 23 ? -10.274 -5.635  15.129  1.00 28.39 ? 23  ALA A CB  1 
ATOM   149  N  N   . PRO A 1 24 ? -13.307 -6.304  15.535  1.00 28.88 ? 24  PRO A N   1 
ATOM   150  C  CA  . PRO A 1 24 ? -14.422 -6.851  14.836  1.00 29.99 ? 24  PRO A CA  1 
ATOM   151  C  C   . PRO A 1 24 ? -14.169 -7.185  13.429  1.00 32.22 ? 24  PRO A C   1 
ATOM   152  O  O   . PRO A 1 24 ? -13.495 -6.398  12.706  1.00 28.34 ? 24  PRO A O   1 
ATOM   153  C  CB  . PRO A 1 24 ? -15.511 -5.740  14.978  1.00 30.52 ? 24  PRO A CB  1 
ATOM   154  C  CG  . PRO A 1 24 ? -15.092 -4.911  16.065  1.00 34.63 ? 24  PRO A CG  1 
ATOM   155  C  CD  . PRO A 1 24 ? -13.600 -4.972  16.057  1.00 33.58 ? 24  PRO A CD  1 
ATOM   156  N  N   . ALA A 1 25 ? -14.582 -8.386  13.014  1.00 28.98 ? 25  ALA A N   1 
ATOM   157  C  CA  . ALA A 1 25 ? -14.225 -8.993  11.749  1.00 31.72 ? 25  ALA A CA  1 
ATOM   158  C  C   . ALA A 1 25 ? -12.720 -9.001  11.423  1.00 28.90 ? 25  ALA A C   1 
ATOM   159  O  O   . ALA A 1 25 ? -12.358 -9.107  10.256  1.00 30.78 ? 25  ALA A O   1 
ATOM   160  C  CB  . ALA A 1 25 ? -15.007 -8.380  10.555  1.00 38.07 ? 25  ALA A CB  1 
ATOM   161  N  N   . CYS A 1 26 ? -11.863 -8.869  12.451  1.00 29.36 ? 26  CYS A N   1 
ATOM   162  C  CA  . CYS A 1 26 ? -10.457 -8.925  12.316  1.00 26.59 ? 26  CYS A CA  1 
ATOM   163  C  C   . CYS A 1 26 ? -9.962  -7.856  11.351  1.00 24.81 ? 26  CYS A C   1 
ATOM   164  O  O   . CYS A 1 26 ? -8.986  -8.109  10.574  1.00 25.28 ? 26  CYS A O   1 
ATOM   165  C  CB  . CYS A 1 26 ? -9.946  -10.314 11.870  1.00 27.24 ? 26  CYS A CB  1 
ATOM   166  S  SG  . CYS A 1 26 ? -10.330 -11.516 13.249  1.00 31.40 ? 26  CYS A SG  1 
ATOM   167  N  N   . CYS A 1 27 ? -10.645 -6.706  11.337  1.00 21.71 ? 27  CYS A N   1 
ATOM   168  C  CA  . CYS A 1 27 ? -10.174 -5.612  10.526  1.00 22.38 ? 27  CYS A CA  1 
ATOM   169  C  C   . CYS A 1 27 ? -10.330 -4.276  11.257  1.00 22.74 ? 27  CYS A C   1 
ATOM   170  O  O   . CYS A 1 27 ? -11.108 -4.117  12.177  1.00 22.00 ? 27  CYS A O   1 
ATOM   171  C  CB  . CYS A 1 27 ? -10.838 -5.592  9.198   1.00 26.63 ? 27  CYS A CB  1 
ATOM   172  S  SG  . CYS A 1 27 ? -12.578 -5.325  9.183   1.00 33.53 ? 27  CYS A SG  1 
ATOM   173  N  N   . LEU A 1 28 ? -9.535  -3.290  10.847  1.00 20.42 ? 28  LEU A N   1 
ATOM   174  C  CA  . LEU A 1 28 ? -9.534  -1.967  11.488  1.00 19.16 ? 28  LEU A CA  1 
ATOM   175  C  C   . LEU A 1 28 ? -9.239  -0.927  10.386  1.00 20.89 ? 28  LEU A C   1 
ATOM   176  O  O   . LEU A 1 28 ? -8.515  -1.232  9.444   1.00 19.41 ? 28  LEU A O   1 
ATOM   177  C  CB  . LEU A 1 28 ? -8.468  -1.806  12.568  1.00 22.04 ? 28  LEU A CB  1 
ATOM   178  C  CG  . LEU A 1 28 ? -8.696  -2.489  13.886  1.00 23.32 ? 28  LEU A CG  1 
ATOM   179  C  CD1 . LEU A 1 28 ? -7.517  -2.275  14.871  1.00 25.77 ? 28  LEU A CD1 1 
ATOM   180  C  CD2 . LEU A 1 28 ? -10.025 -1.977  14.543  1.00 25.91 ? 28  LEU A CD2 1 
ATOM   181  N  N   . PRO A 1 29 ? -9.829  0.255   10.501  1.00 19.78 ? 29  PRO A N   1 
ATOM   182  C  CA  . PRO A 1 29 ? -9.347  1.337   9.625   1.00 20.55 ? 29  PRO A CA  1 
ATOM   183  C  C   . PRO A 1 29 ? -7.888  1.570   9.864   1.00 19.93 ? 29  PRO A C   1 
ATOM   184  O  O   . PRO A 1 29 ? -7.382  1.452   11.002  1.00 18.93 ? 29  PRO A O   1 
ATOM   185  C  CB  . PRO A 1 29 ? -10.134 2.574   10.138  1.00 22.84 ? 29  PRO A CB  1 
ATOM   186  C  CG  . PRO A 1 29 ? -11.111 2.109   11.187  1.00 23.06 ? 29  PRO A CG  1 
ATOM   187  C  CD  . PRO A 1 29 ? -10.714 0.711   11.625  1.00 20.84 ? 29  PRO A CD  1 
ATOM   188  N  N   . LEU A 1 30 ? -7.164  1.946   8.784   1.00 21.51 ? 30  LEU A N   1 
ATOM   189  C  CA  . LEU A 1 30 ? -5.760  2.177   8.932   1.00 20.17 ? 30  LEU A CA  1 
ATOM   190  C  C   . LEU A 1 30 ? -5.367  3.205   9.997   1.00 18.52 ? 30  LEU A C   1 
ATOM   191  O  O   . LEU A 1 30 ? -4.485  2.960   10.840  1.00 21.03 ? 30  LEU A O   1 
ATOM   192  C  CB  . LEU A 1 30 ? -5.138  2.505   7.558   1.00 20.77 ? 30  LEU A CB  1 
ATOM   193  C  CG  . LEU A 1 30 ? -3.634  2.797   7.589   1.00 21.22 ? 30  LEU A CG  1 
ATOM   194  C  CD1 . LEU A 1 30 ? -2.785  1.590   8.055   1.00 19.99 ? 30  LEU A CD1 1 
ATOM   195  C  CD2 . LEU A 1 30 ? -3.145  3.297   6.250   1.00 23.35 ? 30  LEU A CD2 1 
ATOM   196  N  N   . PHE A 1 31 ? -6.103  4.322   10.077  1.00 20.52 ? 31  PHE A N   1 
ATOM   197  C  CA  . PHE A 1 31 ? -5.734  5.365   11.043  1.00 22.78 ? 31  PHE A CA  1 
ATOM   198  C  C   . PHE A 1 31 ? -5.777  4.803   12.480  1.00 23.28 ? 31  PHE A C   1 
ATOM   199  O  O   . PHE A 1 31 ? -4.970  5.176   13.355  1.00 23.29 ? 31  PHE A O   1 
ATOM   200  C  CB  . PHE A 1 31 ? -6.631  6.663   10.859  1.00 24.44 ? 31  PHE A CB  1 
ATOM   201  C  CG  . PHE A 1 31 ? -7.985  6.561   11.534  1.00 21.63 ? 31  PHE A CG  1 
ATOM   202  C  CD1 . PHE A 1 31 ? -9.075  6.028   10.885  1.00 24.50 ? 31  PHE A CD1 1 
ATOM   203  C  CD2 . PHE A 1 31 ? -8.114  6.947   12.861  1.00 22.98 ? 31  PHE A CD2 1 
ATOM   204  C  CE1 . PHE A 1 31 ? -10.332 5.880   11.521  1.00 23.92 ? 31  PHE A CE1 1 
ATOM   205  C  CE2 . PHE A 1 31 ? -9.364  6.822   13.498  1.00 25.39 ? 31  PHE A CE2 1 
ATOM   206  C  CZ  . PHE A 1 31 ? -10.451 6.298   12.852  1.00 23.49 ? 31  PHE A CZ  1 
ATOM   207  N  N   . LYS A 1 32 ? -6.733  3.935   12.700  1.00 22.75 ? 32  LYS A N   1 
ATOM   208  C  CA  . LYS A 1 32 ? -6.997  3.350   14.020  1.00 23.08 ? 32  LYS A CA  1 
ATOM   209  C  C   . LYS A 1 32 ? -5.965  2.289   14.332  1.00 22.98 ? 32  LYS A C   1 
ATOM   210  O  O   . LYS A 1 32 ? -5.415  2.223   15.439  1.00 22.45 ? 32  LYS A O   1 
ATOM   211  C  CB  . LYS A 1 32 ? -8.397  2.778   14.095  1.00 26.34 ? 32  LYS A CB  1 
ATOM   212  C  CG  . LYS A 1 32 ? -8.778  2.390   15.491  1.00 36.18 ? 32  LYS A CG  1 
ATOM   213  C  CD  . LYS A 1 32 ? -10.278 2.454   15.613  1.00 44.45 ? 32  LYS A CD  1 
ATOM   214  C  CE  . LYS A 1 32 ? -10.828 1.612   16.769  1.00 46.65 ? 32  LYS A CE  1 
ATOM   215  N  NZ  . LYS A 1 32 ? -12.327 1.680   16.603  1.00 51.75 ? 32  LYS A NZ  1 
ATOM   216  N  N   . PHE A 1 33 ? -5.633  1.476   13.330  1.00 20.54 ? 33  PHE A N   1 
ATOM   217  C  CA  . PHE A 1 33 ? -4.558  0.524   13.528  1.00 19.21 ? 33  PHE A CA  1 
ATOM   218  C  C   . PHE A 1 33 ? -3.266  1.196   13.914  1.00 19.67 ? 33  PHE A C   1 
ATOM   219  O  O   . PHE A 1 33 ? -2.579  0.698   14.812  1.00 21.41 ? 33  PHE A O   1 
ATOM   220  C  CB  . PHE A 1 33 ? -4.382  -0.293  12.271  1.00 20.25 ? 33  PHE A CB  1 
ATOM   221  C  CG  . PHE A 1 33 ? -3.313  -1.334  12.356  1.00 21.99 ? 33  PHE A CG  1 
ATOM   222  C  CD1 . PHE A 1 33 ? -3.614  -2.578  12.827  1.00 22.30 ? 33  PHE A CD1 1 
ATOM   223  C  CD2 . PHE A 1 33 ? -2.017  -1.080  11.961  1.00 22.65 ? 33  PHE A CD2 1 
ATOM   224  C  CE1 . PHE A 1 33 ? -2.600  -3.549  12.966  1.00 23.34 ? 33  PHE A CE1 1 
ATOM   225  C  CE2 . PHE A 1 33 ? -1.005  -2.002  12.148  1.00 20.74 ? 33  PHE A CE2 1 
ATOM   226  C  CZ  . PHE A 1 33 ? -1.301  -3.256  12.620  1.00 22.44 ? 33  PHE A CZ  1 
ATOM   227  N  N   . ILE A 1 34 ? -2.880  2.259   13.183  1.00 21.03 ? 34  ILE A N   1 
ATOM   228  C  CA  . ILE A 1 34 ? -1.679  3.030   13.486  1.00 22.67 ? 34  ILE A CA  1 
ATOM   229  C  C   . ILE A 1 34 ? -1.668  3.528   14.951  1.00 24.99 ? 34  ILE A C   1 
ATOM   230  O  O   . ILE A 1 34 ? -0.729  3.346   15.675  1.00 24.73 ? 34  ILE A O   1 
ATOM   231  C  CB  . ILE A 1 34 ? -1.485  4.191   12.515  1.00 24.89 ? 34  ILE A CB  1 
ATOM   232  C  CG1 . ILE A 1 34 ? -1.268  3.692   11.075  1.00 25.01 ? 34  ILE A CG1 1 
ATOM   233  C  CG2 . ILE A 1 34 ? -0.353  5.130   12.963  1.00 26.94 ? 34  ILE A CG2 1 
ATOM   234  C  CD1 . ILE A 1 34 ? -1.397  4.867   10.069  1.00 26.15 ? 34  ILE A CD1 1 
ATOM   235  N  N   . ASP A 1 35 ? -2.760  4.139   15.351  1.00 25.32 ? 35  ASP A N   1 
ATOM   236  C  CA  . ASP A 1 35 ? -2.913  4.680   16.725  1.00 26.93 ? 35  ASP A CA  1 
ATOM   237  C  C   . ASP A 1 35 ? -2.831  3.606   17.784  1.00 26.70 ? 35  ASP A C   1 
ATOM   238  O  O   . ASP A 1 35 ? -2.103  3.762   18.760  1.00 29.47 ? 35  ASP A O   1 
ATOM   239  C  CB  . ASP A 1 35 ? -4.229  5.441   16.835  1.00 31.79 ? 35  ASP A CB  1 
ATOM   240  C  CG  . ASP A 1 35 ? -4.125  6.858   16.188  1.00 40.80 ? 35  ASP A CG  1 
ATOM   241  O  OD1 . ASP A 1 35 ? -2.968  7.346   15.928  1.00 46.99 ? 35  ASP A OD1 1 
ATOM   242  O  OD2 . ASP A 1 35 ? -5.201  7.436   15.915  1.00 47.76 ? 35  ASP A OD2 1 
ATOM   243  N  N   . ILE A 1 36 ? -3.478  2.484   17.540  1.00 26.12 ? 36  ILE A N   1 
ATOM   244  C  CA  . ILE A 1 36 ? -3.467  1.351   18.472  1.00 24.38 ? 36  ILE A CA  1 
ATOM   245  C  C   . ILE A 1 36 ? -2.047  0.779   18.601  1.00 28.18 ? 36  ILE A C   1 
ATOM   246  O  O   . ILE A 1 36 ? -1.542  0.589   19.714  1.00 27.50 ? 36  ILE A O   1 
ATOM   247  C  CB  . ILE A 1 36 ? -4.481  0.269   18.151  1.00 25.37 ? 36  ILE A CB  1 
ATOM   248  C  CG1 . ILE A 1 36 ? -5.883  0.787   18.441  1.00 29.98 ? 36  ILE A CG1 1 
ATOM   249  C  CG2 . ILE A 1 36 ? -4.221  -1.026  18.963  1.00 27.53 ? 36  ILE A CG2 1 
ATOM   250  C  CD1 . ILE A 1 36 ? -6.931  -0.080  17.845  1.00 29.00 ? 36  ILE A CD1 1 
ATOM   251  N  N   . TYR A 1 37 ? -1.379  0.590   17.440  1.00 23.72 ? 37  TYR A N   1 
ATOM   252  C  CA  . TYR A 1 37 ? -0.075  0.067   17.398  1.00 23.96 ? 37  TYR A CA  1 
ATOM   253  C  C   . TYR A 1 37 ? 0.931   0.927   18.165  1.00 27.28 ? 37  TYR A C   1 
ATOM   254  O  O   . TYR A 1 37 ? 1.740   0.398   18.926  1.00 32.23 ? 37  TYR A O   1 
ATOM   255  C  CB  . TYR A 1 37 ? 0.406   -0.077  15.886  1.00 25.80 ? 37  TYR A CB  1 
ATOM   256  C  CG  . TYR A 1 37 ? 1.793   -0.709  15.818  1.00 24.26 ? 37  TYR A CG  1 
ATOM   257  C  CD1 . TYR A 1 37 ? 2.930   0.068   15.965  1.00 26.11 ? 37  TYR A CD1 1 
ATOM   258  C  CD2 . TYR A 1 37 ? 1.953   -2.066  15.634  1.00 24.69 ? 37  TYR A CD2 1 
ATOM   259  C  CE1 . TYR A 1 37 ? 4.187   -0.472  15.930  1.00 30.33 ? 37  TYR A CE1 1 
ATOM   260  C  CE2 . TYR A 1 37 ? 3.234   -2.671  15.684  1.00 24.97 ? 37  TYR A CE2 1 
ATOM   261  C  CZ  . TYR A 1 37 ? 4.337   -1.867  15.863  1.00 26.29 ? 37  TYR A CZ  1 
ATOM   262  O  OH  . TYR A 1 37 ? 5.574   -2.415  15.827  1.00 30.84 ? 37  TYR A OH  1 
ATOM   263  N  N   . GLU A 1 38 ? 0.908   2.185   17.902  1.00 25.90 ? 38  GLU A N   1 
ATOM   264  C  CA  . GLU A 1 38 ? 1.960   3.123   18.372  1.00 30.68 ? 38  GLU A CA  1 
ATOM   265  C  C   . GLU A 1 38 ? 1.822   3.310   19.892  1.00 37.53 ? 38  GLU A C   1 
ATOM   266  O  O   . GLU A 1 38 ? 2.827   3.341   20.647  1.00 33.73 ? 38  GLU A O   1 
ATOM   267  C  CB  . GLU A 1 38 ? 1.897   4.445   17.586  1.00 32.35 ? 38  GLU A CB  1 
ATOM   268  C  CG  . GLU A 1 38 ? 2.439   4.316   16.146  1.00 31.56 ? 38  GLU A CG  1 
ATOM   269  C  CD  . GLU A 1 38 ? 2.509   5.559   15.354  1.00 38.65 ? 38  GLU A CD  1 
ATOM   270  O  OE1 . GLU A 1 38 ? 1.936   6.619   15.755  1.00 38.99 ? 38  GLU A OE1 1 
ATOM   271  O  OE2 . GLU A 1 38 ? 3.175   5.470   14.281  1.00 33.72 ? 38  GLU A OE2 1 
ATOM   272  N  N   . LYS A 1 39 ? 0.576   3.307   20.339  1.00 36.12 ? 39  LYS A N   1 
ATOM   273  C  CA  . LYS A 1 39 ? 0.309   3.360   21.762  1.00 39.79 ? 39  LYS A CA  1 
ATOM   274  C  C   . LYS A 1 39 ? 0.695   2.054   22.456  1.00 40.89 ? 39  LYS A C   1 
ATOM   275  O  O   . LYS A 1 39 ? 1.312   2.091   23.518  1.00 42.56 ? 39  LYS A O   1 
ATOM   276  C  CB  . LYS A 1 39 ? -1.159  3.733   22.030  1.00 40.12 ? 39  LYS A CB  1 
ATOM   277  C  CG  . LYS A 1 39 ? -1.335  4.262   23.446  1.00 48.74 ? 39  LYS A CG  1 
ATOM   278  C  CD  . LYS A 1 39 ? -2.797  4.304   23.845  1.00 47.20 ? 39  LYS A CD  1 
ATOM   279  C  CE  . LYS A 1 39 ? -2.907  4.821   25.274  1.00 53.70 ? 39  LYS A CE  1 
ATOM   280  N  NZ  . LYS A 1 39 ? -4.274  4.602   25.814  1.00 56.59 ? 39  LYS A NZ  1 
ATOM   281  N  N   . LYS A 1 40 ? 0.357   0.909   21.867  1.00 34.80 ? 40  LYS A N   1 
ATOM   282  C  CA  . LYS A 1 40 ? 0.728   -0.350  22.408  1.00 32.62 ? 40  LYS A CA  1 
ATOM   283  C  C   . LYS A 1 40 ? 2.247   -0.625  22.472  1.00 41.54 ? 40  LYS A C   1 
ATOM   284  O  O   . LYS A 1 40 ? 2.716   -1.096  23.502  1.00 39.80 ? 40  LYS A O   1 
ATOM   285  C  CB  . LYS A 1 40 ? -0.102  -1.491  21.794  1.00 34.96 ? 40  LYS A CB  1 
ATOM   286  C  CG  . LYS A 1 40 ? 0.166   -2.871  22.306  1.00 34.12 ? 40  LYS A CG  1 
ATOM   287  C  CD  . LYS A 1 40 ? -0.790  -3.914  21.762  1.00 38.12 ? 40  LYS A CD  1 
ATOM   288  C  CE  . LYS A 1 40 ? -0.358  -5.321  22.211  1.00 37.24 ? 40  LYS A CE  1 
ATOM   289  N  NZ  . LYS A 1 40 ? -1.260  -6.318  21.623  1.00 43.58 ? 40  LYS A NZ  1 
ATOM   290  N  N   . TYR A 1 41 ? 3.024   -0.277  21.442  1.00 37.36 ? 41  TYR A N   1 
ATOM   291  C  CA  . TYR A 1 41 ? 4.435   -0.626  21.359  1.00 37.35 ? 41  TYR A CA  1 
ATOM   292  C  C   . TYR A 1 41 ? 5.350   0.520   21.594  1.00 41.82 ? 41  TYR A C   1 
ATOM   293  O  O   . TYR A 1 41 ? 6.529   0.306   21.748  1.00 48.74 ? 41  TYR A O   1 
ATOM   294  C  CB  . TYR A 1 41 ? 4.724   -1.372  20.024  1.00 39.62 ? 41  TYR A CB  1 
ATOM   295  C  CG  . TYR A 1 41 ? 3.917   -2.606  19.909  1.00 34.12 ? 41  TYR A CG  1 
ATOM   296  C  CD1 . TYR A 1 41 ? 4.181   -3.705  20.706  1.00 38.42 ? 41  TYR A CD1 1 
ATOM   297  C  CD2 . TYR A 1 41 ? 2.814   -2.700  19.060  1.00 36.47 ? 41  TYR A CD2 1 
ATOM   298  C  CE1 . TYR A 1 41 ? 3.395   -4.836  20.675  1.00 31.82 ? 41  TYR A CE1 1 
ATOM   299  C  CE2 . TYR A 1 41 ? 2.042   -3.828  19.034  1.00 29.88 ? 41  TYR A CE2 1 
ATOM   300  C  CZ  . TYR A 1 41 ? 2.332   -4.897  19.823  1.00 36.66 ? 41  TYR A CZ  1 
ATOM   301  O  OH  . TYR A 1 41 ? 1.564   -6.000  19.766  1.00 33.67 ? 41  TYR A OH  1 
ATOM   302  N  N   . GLY A 1 42 ? 4.840   1.733   21.677  1.00 43.02 ? 42  GLY A N   1 
ATOM   303  C  CA  . GLY A 1 42 ? 5.630   2.864   22.085  1.00 48.13 ? 42  GLY A CA  1 
ATOM   304  C  C   . GLY A 1 42 ? 6.612   3.376   21.067  1.00 53.61 ? 42  GLY A C   1 
ATOM   305  O  O   . GLY A 1 42 ? 7.514   4.115   21.428  1.00 48.00 ? 42  GLY A O   1 
ATOM   306  N  N   . HIS A 1 43 ? 6.446   3.015   19.790  1.00 47.61 ? 43  HIS A N   1 
ATOM   307  C  CA  . HIS A 1 43 ? 7.286   3.568   18.715  1.00 44.84 ? 43  HIS A CA  1 
ATOM   308  C  C   . HIS A 1 43 ? 6.481   3.654   17.408  1.00 45.15 ? 43  HIS A C   1 
ATOM   309  O  O   . HIS A 1 43 ? 5.374   3.066   17.284  1.00 39.35 ? 43  HIS A O   1 
ATOM   310  C  CB  . HIS A 1 43 ? 8.563   2.720   18.485  1.00 50.65 ? 43  HIS A CB  1 
ATOM   311  C  CG  . HIS A 1 43 ? 8.302   1.361   17.900  1.00 49.44 ? 43  HIS A CG  1 
ATOM   312  N  ND1 . HIS A 1 43 ? 7.899   0.290   18.661  1.00 52.33 ? 43  HIS A ND1 1 
ATOM   313  C  CD2 . HIS A 1 43 ? 8.347   0.917   16.621  1.00 50.18 ? 43  HIS A CD2 1 
ATOM   314  C  CE1 . HIS A 1 43 ? 7.747   -0.770  17.880  1.00 47.50 ? 43  HIS A CE1 1 
ATOM   315  N  NE2 . HIS A 1 43 ? 8.013   -0.418  16.641  1.00 50.06 ? 43  HIS A NE2 1 
ATOM   316  N  N   . LYS A 1 44 ? 7.064   4.379   16.455  1.00 43.20 ? 44  LYS A N   1 
ATOM   317  C  CA  . LYS A 1 44 ? 6.402   4.731   15.246  1.00 41.30 ? 44  LYS A CA  1 
ATOM   318  C  C   . LYS A 1 44 ? 6.166   3.476   14.386  1.00 37.39 ? 44  LYS A C   1 
ATOM   319  O  O   . LYS A 1 44 ? 6.965   2.565   14.389  1.00 34.47 ? 44  LYS A O   1 
ATOM   320  C  CB  . LYS A 1 44 ? 7.244   5.791   14.517  1.00 47.79 ? 44  LYS A CB  1 
ATOM   321  C  CG  . LYS A 1 44 ? 6.572   6.405   13.316  1.00 57.91 ? 44  LYS A CG  1 
ATOM   322  C  CD  . LYS A 1 44 ? 7.449   7.411   12.564  1.00 69.33 ? 44  LYS A CD  1 
ATOM   323  C  CE  . LYS A 1 44 ? 7.065   7.488   11.081  1.00 74.92 ? 44  LYS A CE  1 
ATOM   324  N  NZ  . LYS A 1 44 ? 5.582   7.556   10.866  1.00 74.48 ? 44  LYS A NZ  1 
ATOM   325  N  N   . LEU A 1 45 ? 5.028   3.394   13.678  1.00 35.05 ? 45  LEU A N   1 
ATOM   326  C  CA  . LEU A 1 45 ? 4.820   2.333   12.692  1.00 30.80 ? 45  LEU A CA  1 
ATOM   327  C  C   . LEU A 1 45 ? 5.225   2.876   11.350  1.00 28.28 ? 45  LEU A C   1 
ATOM   328  O  O   . LEU A 1 45 ? 4.729   3.922   10.952  1.00 31.08 ? 45  LEU A O   1 
ATOM   329  C  CB  . LEU A 1 45 ? 3.368   1.908   12.672  1.00 27.90 ? 45  LEU A CB  1 
ATOM   330  C  CG  . LEU A 1 45 ? 2.953   0.849   11.638  1.00 29.86 ? 45  LEU A CG  1 
ATOM   331  C  CD1 . LEU A 1 45 ? 3.620   -0.461  11.905  1.00 30.73 ? 45  LEU A CD1 1 
ATOM   332  C  CD2 . LEU A 1 45 ? 1.474   0.701   11.615  1.00 27.84 ? 45  LEU A CD2 1 
ATOM   333  N  N   . ASN A 1 46 ? 6.006   2.105   10.600  1.00 28.63 ? 46  ASN A N   1 
ATOM   334  C  CA  . ASN A 1 46 ? 6.335   2.421   9.207   1.00 29.44 ? 46  ASN A CA  1 
ATOM   335  C  C   . ASN A 1 46 ? 5.254   1.744   8.319   1.00 27.32 ? 46  ASN A C   1 
ATOM   336  O  O   . ASN A 1 46 ? 5.258   0.529   8.172   1.00 24.28 ? 46  ASN A O   1 
ATOM   337  C  CB  . ASN A 1 46 ? 7.764   1.938   8.917   1.00 33.92 ? 46  ASN A CB  1 
ATOM   338  C  CG  . ASN A 1 46 ? 8.281   2.306   7.530   1.00 42.48 ? 46  ASN A CG  1 
ATOM   339  O  OD1 . ASN A 1 46 ? 7.829   3.258   6.891   1.00 57.19 ? 46  ASN A OD1 1 
ATOM   340  N  ND2 . ASN A 1 46 ? 9.262   1.538   7.059   1.00 49.08 ? 46  ASN A ND2 1 
ATOM   341  N  N   . VAL A 1 47 ? 4.286   2.494   7.801   1.00 25.25 ? 47  VAL A N   1 
ATOM   342  C  CA  . VAL A 1 47 ? 3.147   1.910   7.105   1.00 23.85 ? 47  VAL A CA  1 
ATOM   343  C  C   . VAL A 1 47 ? 3.522   1.093   5.914   1.00 24.75 ? 47  VAL A C   1 
ATOM   344  O  O   . VAL A 1 47 ? 2.872   0.070   5.586   1.00 23.90 ? 47  VAL A O   1 
ATOM   345  C  CB  . VAL A 1 47 ? 2.039   2.975   6.820   1.00 23.83 ? 47  VAL A CB  1 
ATOM   346  C  CG1 . VAL A 1 47 ? 1.017   2.446   5.883   1.00 23.56 ? 47  VAL A CG1 1 
ATOM   347  C  CG2 . VAL A 1 47 ? 1.480   3.411   8.141   1.00 27.92 ? 47  VAL A CG2 1 
ATOM   348  N  N   A SER A 1 48 ? 4.556   1.515   5.181   0.50 21.85 ? 48  SER A N   1 
ATOM   349  N  N   B SER A 1 48 ? 4.574   1.514   5.212   0.50 23.30 ? 48  SER A N   1 
ATOM   350  C  CA  A SER A 1 48 ? 5.035   0.679   4.084   0.50 23.72 ? 48  SER A CA  1 
ATOM   351  C  CA  B SER A 1 48 ? 5.101   0.699   4.131   0.50 26.13 ? 48  SER A CA  1 
ATOM   352  C  C   A SER A 1 48 ? 5.450   -0.763  4.465   0.50 23.98 ? 48  SER A C   1 
ATOM   353  C  C   B SER A 1 48 ? 5.450   -0.752  4.474   0.50 25.21 ? 48  SER A C   1 
ATOM   354  O  O   A SER A 1 48 ? 5.368   -1.656  3.623   0.50 24.23 ? 48  SER A O   1 
ATOM   355  O  O   B SER A 1 48 ? 5.317   -1.632  3.626   0.50 25.26 ? 48  SER A O   1 
ATOM   356  C  CB  A SER A 1 48 ? 6.172   1.357   3.317   0.50 25.42 ? 48  SER A CB  1 
ATOM   357  C  CB  B SER A 1 48 ? 6.296   1.383   3.491   0.50 29.52 ? 48  SER A CB  1 
ATOM   358  O  OG  A SER A 1 48 ? 7.290   1.565   4.143   0.50 23.28 ? 48  SER A OG  1 
ATOM   359  O  OG  B SER A 1 48 ? 5.790   2.292   2.537   0.50 32.82 ? 48  SER A OG  1 
ATOM   360  N  N   . ASP A 1 49 ? 5.859   -0.990  5.705   1.00 25.57 ? 49  ASP A N   1 
ATOM   361  C  CA  . ASP A 1 49 ? 6.102   -2.343  6.193   1.00 25.85 ? 49  ASP A CA  1 
ATOM   362  C  C   . ASP A 1 49 ? 4.876   -3.207  6.170   1.00 24.53 ? 49  ASP A C   1 
ATOM   363  O  O   . ASP A 1 49 ? 4.995   -4.379  5.935   1.00 23.79 ? 49  ASP A O   1 
ATOM   364  C  CB  . ASP A 1 49 ? 6.619   -2.322  7.639   1.00 26.90 ? 49  ASP A CB  1 
ATOM   365  C  CG  . ASP A 1 49 ? 7.988   -1.847  7.787   1.00 31.98 ? 49  ASP A CG  1 
ATOM   366  O  OD1 . ASP A 1 49 ? 8.693   -1.772  6.763   1.00 32.72 ? 49  ASP A OD1 1 
ATOM   367  O  OD2 . ASP A 1 49 ? 8.398   -1.654  8.970   1.00 33.58 ? 49  ASP A OD2 1 
ATOM   368  N  N   . LEU A 1 50 ? 3.678   -2.638  6.373   1.00 22.22 ? 50  LEU A N   1 
ATOM   369  C  CA  . LEU A 1 50 ? 2.442   -3.442  6.328   1.00 24.54 ? 50  LEU A CA  1 
ATOM   370  C  C   . LEU A 1 50 ? 2.242   -4.028  4.962   1.00 23.17 ? 50  LEU A C   1 
ATOM   371  O  O   . LEU A 1 50 ? 1.718   -5.104  4.829   1.00 22.69 ? 50  LEU A O   1 
ATOM   372  C  CB  . LEU A 1 50 ? 1.197   -2.566  6.746   1.00 22.33 ? 50  LEU A CB  1 
ATOM   373  C  CG  . LEU A 1 50 ? 1.251   -1.959  8.127   1.00 24.22 ? 50  LEU A CG  1 
ATOM   374  C  CD1 . LEU A 1 50 ? -0.027  -1.201  8.270   1.00 22.22 ? 50  LEU A CD1 1 
ATOM   375  C  CD2 . LEU A 1 50 ? 1.337   -3.042  9.210   1.00 24.78 ? 50  LEU A CD2 1 
ATOM   376  N  N   . TYR A 1 51 ? 2.631   -3.332  3.883   1.00 23.75 ? 51  TYR A N   1 
ATOM   377  C  CA  . TYR A 1 51 ? 2.488   -3.862  2.581   1.00 24.20 ? 51  TYR A CA  1 
ATOM   378  C  C   . TYR A 1 51 ? 3.489   -5.004  2.245   1.00 26.47 ? 51  TYR A C   1 
ATOM   379  O  O   . TYR A 1 51 ? 3.301   -5.726  1.247   1.00 25.74 ? 51  TYR A O   1 
ATOM   380  C  CB  . TYR A 1 51 ? 2.665   -2.715  1.550   1.00 25.91 ? 51  TYR A CB  1 
ATOM   381  C  CG  . TYR A 1 51 ? 1.457   -1.847  1.472   1.00 23.69 ? 51  TYR A CG  1 
ATOM   382  C  CD1 . TYR A 1 51 ? 0.367   -2.212  0.682   1.00 24.93 ? 51  TYR A CD1 1 
ATOM   383  C  CD2 . TYR A 1 51 ? 1.348   -0.741  2.262   1.00 24.69 ? 51  TYR A CD2 1 
ATOM   384  C  CE1 . TYR A 1 51 ? -0.788  -1.406  0.591   1.00 24.29 ? 51  TYR A CE1 1 
ATOM   385  C  CE2 . TYR A 1 51 ? 0.207   0.068   2.215   1.00 22.67 ? 51  TYR A CE2 1 
ATOM   386  C  CZ  . TYR A 1 51 ? -0.869  -0.253  1.369   1.00 21.11 ? 51  TYR A CZ  1 
ATOM   387  O  OH  . TYR A 1 51 ? -2.007  0.554   1.375   1.00 24.55 ? 51  TYR A OH  1 
ATOM   388  N  N   . LYS A 1 52 ? 4.463   -5.247  3.123   1.00 23.38 ? 52  LYS A N   1 
ATOM   389  C  CA  . LYS A 1 52 ? 5.345   -6.405  2.922   1.00 26.52 ? 52  LYS A CA  1 
ATOM   390  C  C   . LYS A 1 52 ? 4.744   -7.618  3.562   1.00 30.60 ? 52  LYS A C   1 
ATOM   391  O  O   . LYS A 1 52 ? 5.188   -8.706  3.321   1.00 29.40 ? 52  LYS A O   1 
ATOM   392  C  CB  . LYS A 1 52 ? 6.707   -6.131  3.519   1.00 28.69 ? 52  LYS A CB  1 
ATOM   393  C  CG  . LYS A 1 52 ? 7.361   -4.987  2.761   1.00 31.84 ? 52  LYS A CG  1 
ATOM   394  C  CD  . LYS A 1 52 ? 8.694   -4.567  3.207   1.00 35.47 ? 52  LYS A CD  1 
ATOM   395  C  CE  . LYS A 1 52 ? 9.329   -3.819  2.035   1.00 44.75 ? 52  LYS A CE  1 
ATOM   396  N  NZ  . LYS A 1 52 ? 10.350  -2.921  2.561   1.00 49.30 ? 52  LYS A NZ  1 
ATOM   397  N  N   . LEU A 1 53 ? 3.725   -7.452  4.428   1.00 23.94 ? 53  LEU A N   1 
ATOM   398  C  CA  . LEU A 1 53 ? 3.218   -8.596  5.186   1.00 24.14 ? 53  LEU A CA  1 
ATOM   399  C  C   . LEU A 1 53 ? 2.100   -9.244  4.437   1.00 24.77 ? 53  LEU A C   1 
ATOM   400  O  O   . LEU A 1 53 ? 0.976   -9.420  4.895   1.00 20.94 ? 53  LEU A O   1 
ATOM   401  C  CB  . LEU A 1 53 ? 2.764   -8.095  6.582   1.00 24.01 ? 53  LEU A CB  1 
ATOM   402  C  CG  . LEU A 1 53 ? 3.832   -7.397  7.364   1.00 24.27 ? 53  LEU A CG  1 
ATOM   403  C  CD1 . LEU A 1 53 ? 3.219   -6.917  8.677   1.00 27.05 ? 53  LEU A CD1 1 
ATOM   404  C  CD2 . LEU A 1 53 ? 5.005   -8.296  7.628   1.00 28.89 ? 53  LEU A CD2 1 
ATOM   405  N  N   . THR A 1 54 ? 2.422   -9.712  3.235   1.00 24.96 ? 54  THR A N   1 
ATOM   406  C  CA  . THR A 1 54 ? 1.352   -10.187 2.347   1.00 26.31 ? 54  THR A CA  1 
ATOM   407  C  C   . THR A 1 54 ? 0.811   -11.575 2.700   1.00 28.10 ? 54  THR A C   1 
ATOM   408  O  O   . THR A 1 54 ? -0.212  -11.977 2.137   1.00 27.31 ? 54  THR A O   1 
ATOM   409  C  CB  . THR A 1 54 ? 1.875   -10.201 0.871   1.00 31.55 ? 54  THR A CB  1 
ATOM   410  O  OG1 . THR A 1 54 ? 3.112   -10.905 0.863   1.00 35.13 ? 54  THR A OG1 1 
ATOM   411  C  CG2 . THR A 1 54 ? 2.114   -8.863  0.422   1.00 33.95 ? 54  THR A CG2 1 
ATOM   412  N  N   . ASP A 1 55 ? 1.480   -12.314 3.584   1.00 26.17 ? 55  ASP A N   1 
ATOM   413  C  CA  . ASP A 1 55 ? 0.919   -13.475 4.160   1.00 26.13 ? 55  ASP A CA  1 
ATOM   414  C  C   . ASP A 1 55 ? 0.117   -13.301 5.415   1.00 26.62 ? 55  ASP A C   1 
ATOM   415  O  O   . ASP A 1 55 ? -0.433  -14.305 5.984   1.00 27.90 ? 55  ASP A O   1 
ATOM   416  C  CB  . ASP A 1 55 ? 2.017   -14.569 4.407   1.00 30.40 ? 55  ASP A CB  1 
ATOM   417  C  CG  . ASP A 1 55 ? 2.663   -15.020 3.124   1.00 34.20 ? 55  ASP A CG  1 
ATOM   418  O  OD1 . ASP A 1 55 ? 1.978   -15.157 2.085   1.00 32.58 ? 55  ASP A OD1 1 
ATOM   419  O  OD2 . ASP A 1 55 ? 3.878   -15.095 3.117   1.00 37.43 ? 55  ASP A OD2 1 
ATOM   420  N  N   . THR A 1 56 ? 0.015   -12.039 5.911   1.00 23.68 ? 56  THR A N   1 
ATOM   421  C  CA  . THR A 1 56 ? -0.601  -11.770 7.186   1.00 24.65 ? 56  THR A CA  1 
ATOM   422  C  C   . THR A 1 56 ? -1.839  -10.981 7.020   1.00 20.47 ? 56  THR A C   1 
ATOM   423  O  O   . THR A 1 56 ? -2.885  -11.363 7.598   1.00 23.41 ? 56  THR A O   1 
ATOM   424  C  CB  . THR A 1 56 ? 0.357   -11.006 8.133   1.00 25.26 ? 56  THR A CB  1 
ATOM   425  O  OG1 . THR A 1 56 ? 1.616   -11.614 8.172   1.00 25.92 ? 56  THR A OG1 1 
ATOM   426  C  CG2 . THR A 1 56 ? -0.194  -10.982 9.569   1.00 23.41 ? 56  THR A CG2 1 
ATOM   427  N  N   . ILE A 1 57 ? -1.807  -9.919  6.212   1.00 22.11 ? 57  ILE A N   1 
ATOM   428  C  CA  . ILE A 1 57 ? -2.894  -8.938  6.096   1.00 20.46 ? 57  ILE A CA  1 
ATOM   429  C  C   . ILE A 1 57 ? -3.077  -8.523  4.633   1.00 24.31 ? 57  ILE A C   1 
ATOM   430  O  O   . ILE A 1 57 ? -2.136  -8.683  3.821   1.00 25.23 ? 57  ILE A O   1 
ATOM   431  C  CB  . ILE A 1 57 ? -2.639  -7.622  6.878   1.00 22.07 ? 57  ILE A CB  1 
ATOM   432  C  CG1 . ILE A 1 57 ? -1.248  -7.036  6.625   1.00 22.75 ? 57  ILE A CG1 1 
ATOM   433  C  CG2 . ILE A 1 57 ? -2.941  -7.820  8.357   1.00 25.29 ? 57  ILE A CG2 1 
ATOM   434  C  CD1 . ILE A 1 57 ? -1.091  -5.633  7.205   1.00 24.83 ? 57  ILE A CD1 1 
ATOM   435  N  N   . ALA A 1 58 ? -4.296  -8.088  4.284   1.00 23.60 ? 58  ALA A N   1 
ATOM   436  C  CA  . ALA A 1 58 ? -4.548  -7.385  3.075   1.00 27.61 ? 58  ALA A CA  1 
ATOM   437  C  C   . ALA A 1 58 ? -4.992  -5.990  3.480   1.00 26.47 ? 58  ALA A C   1 
ATOM   438  O  O   . ALA A 1 58 ? -5.743  -5.835  4.473   1.00 26.75 ? 58  ALA A O   1 
ATOM   439  C  CB  . ALA A 1 58 ? -5.654  -8.083  2.258   1.00 32.74 ? 58  ALA A CB  1 
ATOM   440  N  N   . ILE A 1 59 ? -4.614  -4.990  2.699   1.00 26.20 ? 59  ILE A N   1 
ATOM   441  C  CA  . ILE A 1 59 ? -4.992  -3.611  2.992   1.00 25.55 ? 59  ILE A CA  1 
ATOM   442  C  C   . ILE A 1 59 ? -5.883  -3.230  1.847   1.00 30.52 ? 59  ILE A C   1 
ATOM   443  O  O   . ILE A 1 59 ? -5.472  -3.295  0.708   1.00 36.03 ? 59  ILE A O   1 
ATOM   444  C  CB  . ILE A 1 59 ? -3.783  -2.727  3.104   1.00 24.86 ? 59  ILE A CB  1 
ATOM   445  C  CG1 . ILE A 1 59 ? -2.876  -3.209  4.193   1.00 27.08 ? 59  ILE A CG1 1 
ATOM   446  C  CG2 . ILE A 1 59 ? -4.195  -1.265  3.379   1.00 28.24 ? 59  ILE A CG2 1 
ATOM   447  C  CD1 . ILE A 1 59 ? -1.596  -2.531  4.309   1.00 33.44 ? 59  ILE A CD1 1 
ATOM   448  N  N   . ARG A 1 60 ? -7.121  -2.916  2.120   1.00 24.08 ? 60  ARG A N   1 
ATOM   449  C  CA  . ARG A 1 60 ? -8.120  -2.639  1.103   1.00 26.67 ? 60  ARG A CA  1 
ATOM   450  C  C   . ARG A 1 60 ? -8.360  -1.169  0.998   1.00 24.26 ? 60  ARG A C   1 
ATOM   451  O  O   . ARG A 1 60 ? -8.446  -0.434  2.015   1.00 23.85 ? 60  ARG A O   1 
ATOM   452  C  CB  . ARG A 1 60 ? -9.420  -3.337  1.464   1.00 31.86 ? 60  ARG A CB  1 
ATOM   453  C  CG  . ARG A 1 60 ? -9.264  -4.853  1.491   1.00 41.21 ? 60  ARG A CG  1 
ATOM   454  C  CD  . ARG A 1 60 ? -10.606 -5.594  1.650   1.00 51.11 ? 60  ARG A CD  1 
ATOM   455  N  NE  . ARG A 1 60 ? -10.348 -6.905  2.278   1.00 67.32 ? 60  ARG A NE  1 
ATOM   456  C  CZ  . ARG A 1 60 ? -9.694  -7.938  1.713   1.00 72.88 ? 60  ARG A CZ  1 
ATOM   457  N  NH1 . ARG A 1 60 ? -9.231  -7.884  0.447   1.00 74.77 ? 60  ARG A NH1 1 
ATOM   458  N  NH2 . ARG A 1 60 ? -9.506  -9.064  2.420   1.00 64.71 ? 60  ARG A NH2 1 
ATOM   459  N  N   . GLU A 1 61 ? -8.440  -0.682  -0.247  1.00 23.78 ? 61  GLU A N   1 
ATOM   460  C  CA  . GLU A 1 61 ? -8.797  0.669   -0.472  1.00 24.40 ? 61  GLU A CA  1 
ATOM   461  C  C   . GLU A 1 61 ? -10.288 0.860   -0.279  1.00 28.06 ? 61  GLU A C   1 
ATOM   462  O  O   . GLU A 1 61 ? -11.075 0.097   -0.788  1.00 29.02 ? 61  GLU A O   1 
ATOM   463  C  CB  . GLU A 1 61 ? -8.429  1.112   -1.887  1.00 25.90 ? 61  GLU A CB  1 
ATOM   464  C  CG  . GLU A 1 61 ? -6.916  0.946   -2.112  1.00 25.70 ? 61  GLU A CG  1 
ATOM   465  C  CD  . GLU A 1 61 ? -6.037  2.112   -1.528  1.00 27.01 ? 61  GLU A CD  1 
ATOM   466  O  OE1 . GLU A 1 61 ? -6.514  3.279   -1.391  1.00 24.78 ? 61  GLU A OE1 1 
ATOM   467  O  OE2 . GLU A 1 61 ? -4.877  1.800   -1.200  1.00 24.96 ? 61  GLU A OE2 1 
ATOM   468  N  N   . GLN A 1 62 ? -10.663 1.948   0.350   1.00 26.28 ? 62  GLN A N   1 
ATOM   469  C  CA  . GLN A 1 62 ? -12.041 2.343   0.415   1.00 30.72 ? 62  GLN A CA  1 
ATOM   470  C  C   . GLN A 1 62 ? -12.112 3.798   0.106   1.00 28.16 ? 62  GLN A C   1 
ATOM   471  O  O   . GLN A 1 62 ? -11.116 4.583   0.241   1.00 30.19 ? 62  GLN A O   1 
ATOM   472  C  CB  . GLN A 1 62 ? -12.666 2.036   1.805   1.00 29.20 ? 62  GLN A CB  1 
ATOM   473  C  CG  . GLN A 1 62 ? -12.724 0.553   2.084   1.00 33.78 ? 62  GLN A CG  1 
ATOM   474  C  CD  . GLN A 1 62 ? -13.413 0.244   3.418   1.00 40.38 ? 62  GLN A CD  1 
ATOM   475  O  OE1 . GLN A 1 62 ? -13.586 1.135   4.249   1.00 50.04 ? 62  GLN A OE1 1 
ATOM   476  N  NE2 . GLN A 1 62 ? -13.808 -0.984  3.605   1.00 34.48 ? 62  GLN A NE2 1 
ATOM   477  N  N   . GLY A 1 63 ? -13.320 4.244   -0.168  1.00 34.58 ? 63  GLY A N   1 
ATOM   478  C  CA  . GLY A 1 63 ? -13.488 5.662   -0.517  1.00 35.02 ? 63  GLY A CA  1 
ATOM   479  C  C   . GLY A 1 63 ? -13.003 6.663   0.491   1.00 35.34 ? 63  GLY A C   1 
ATOM   480  O  O   . GLY A 1 63 ? -12.436 7.667   0.088   1.00 36.22 ? 63  GLY A O   1 
ATOM   481  N  N   . ASN A 1 64 ? -13.171 6.392   1.815   1.00 25.78 ? 64  ASN A N   1 
ATOM   482  C  CA  . ASN A 1 64 ? -12.754 7.292   2.827   1.00 25.97 ? 64  ASN A CA  1 
ATOM   483  C  C   . ASN A 1 64 ? -11.528 6.900   3.594   1.00 26.01 ? 64  ASN A C   1 
ATOM   484  O  O   . ASN A 1 64 ? -11.154 7.543   4.584   1.00 27.14 ? 64  ASN A O   1 
ATOM   485  C  CB  . ASN A 1 64 ? -13.934 7.503   3.786   1.00 30.53 ? 64  ASN A CB  1 
ATOM   486  C  CG  . ASN A 1 64 ? -15.097 8.158   3.109   1.00 38.27 ? 64  ASN A CG  1 
ATOM   487  O  OD1 . ASN A 1 64 ? -14.884 9.142   2.398   1.00 35.25 ? 64  ASN A OD1 1 
ATOM   488  N  ND2 . ASN A 1 64 ? -16.337 7.643   3.323   1.00 32.26 ? 64  ASN A ND2 1 
ATOM   489  N  N   . GLY A 1 65 ? -10.845 5.843   3.126   1.00 26.74 ? 65  GLY A N   1 
ATOM   490  C  CA  . GLY A 1 65 ? -9.637  5.413   3.853   1.00 25.42 ? 65  GLY A CA  1 
ATOM   491  C  C   . GLY A 1 65 ? -9.449  3.899   3.734   1.00 25.87 ? 65  GLY A C   1 
ATOM   492  O  O   . GLY A 1 65 ? -10.321 3.139   3.360   1.00 32.32 ? 65  GLY A O   1 
ATOM   493  N  N   . ARG A 1 66 ? -8.258  3.461   4.029   1.00 22.19 ? 66  ARG A N   1 
ATOM   494  C  CA  . ARG A 1 66 ? -7.884  2.058   3.950   1.00 21.12 ? 66  ARG A CA  1 
ATOM   495  C  C   . ARG A 1 66 ? -8.384  1.263   5.175   1.00 19.76 ? 66  ARG A C   1 
ATOM   496  O  O   . ARG A 1 66 ? -8.429  1.794   6.269   1.00 22.53 ? 66  ARG A O   1 
ATOM   497  C  CB  . ARG A 1 66 ? -6.389  1.914   3.781   1.00 21.17 ? 66  ARG A CB  1 
ATOM   498  C  CG  . ARG A 1 66 ? -5.923  2.215   2.327   1.00 22.05 ? 66  ARG A CG  1 
ATOM   499  C  CD  . ARG A 1 66 ? -4.411  2.435   2.291   1.00 20.57 ? 66  ARG A CD  1 
ATOM   500  N  NE  . ARG A 1 66 ? -3.966  3.691   2.844   1.00 22.13 ? 66  ARG A NE  1 
ATOM   501  C  CZ  . ARG A 1 66 ? -2.699  4.058   2.950   1.00 20.07 ? 66  ARG A CZ  1 
ATOM   502  N  NH1 . ARG A 1 66 ? -1.733  3.226   2.637   1.00 21.40 ? 66  ARG A NH1 1 
ATOM   503  N  NH2 . ARG A 1 66 ? -2.386  5.238   3.451   1.00 22.34 ? 66  ARG A NH2 1 
ATOM   504  N  N   . LEU A 1 67 ? -8.550  -0.041  4.902   1.00 19.77 ? 67  LEU A N   1 
ATOM   505  C  CA  . LEU A 1 67 ? -8.948  -1.025  5.907   1.00 20.93 ? 67  LEU A CA  1 
ATOM   506  C  C   . LEU A 1 67 ? -7.872  -2.078  5.933   1.00 22.40 ? 67  LEU A C   1 
ATOM   507  O  O   . LEU A 1 67 ? -7.582  -2.656  4.905   1.00 24.07 ? 67  LEU A O   1 
ATOM   508  C  CB  . LEU A 1 67 ? -10.277 -1.633  5.372   1.00 25.01 ? 67  LEU A CB  1 
ATOM   509  C  CG  . LEU A 1 67 ? -11.048 -2.528  6.350   1.00 33.91 ? 67  LEU A CG  1 
ATOM   510  C  CD1 . LEU A 1 67 ? -11.663 -1.716  7.504   1.00 34.03 ? 67  LEU A CD1 1 
ATOM   511  C  CD2 . LEU A 1 67 ? -12.109 -3.378  5.641   1.00 37.05 ? 67  LEU A CD2 1 
ATOM   512  N  N   . VAL A 1 68 ? -7.386  -2.411  7.123   1.00 19.75 ? 68  VAL A N   1 
ATOM   513  C  CA  . VAL A 1 68 ? -6.339  -3.404  7.343   1.00 22.09 ? 68  VAL A CA  1 
ATOM   514  C  C   . VAL A 1 68 ? -7.113  -4.623  7.806   1.00 22.75 ? 68  VAL A C   1 
ATOM   515  O  O   . VAL A 1 68 ? -7.765  -4.592  8.885   1.00 23.02 ? 68  VAL A O   1 
ATOM   516  C  CB  . VAL A 1 68 ? -5.341  -2.937  8.438   1.00 22.02 ? 68  VAL A CB  1 
ATOM   517  C  CG1 . VAL A 1 68 ? -4.233  -3.948  8.605   1.00 24.52 ? 68  VAL A CG1 1 
ATOM   518  C  CG2 . VAL A 1 68 ? -4.769  -1.568  8.097   1.00 25.04 ? 68  VAL A CG2 1 
ATOM   519  N  N   . CYS A 1 69 ? -6.947  -5.730  7.055   1.00 22.48 ? 69  CYS A N   1 
ATOM   520  C  CA  . CYS A 1 69 ? -7.758  -6.962  7.247   1.00 23.66 ? 69  CYS A CA  1 
ATOM   521  C  C   . CYS A 1 69 ? -6.837  -8.175  7.470   1.00 24.85 ? 69  CYS A C   1 
ATOM   522  O  O   . CYS A 1 69 ? -5.984  -8.487  6.654   1.00 22.65 ? 69  CYS A O   1 
ATOM   523  C  CB  . CYS A 1 69 ? -8.594  -7.285  6.038   1.00 25.82 ? 69  CYS A CB  1 
ATOM   524  S  SG  . CYS A 1 69 ? -9.649  -5.856  5.551   1.00 32.15 ? 69  CYS A SG  1 
ATOM   525  N  N   . LEU A 1 70 ? -7.052  -8.850  8.570   1.00 23.82 ? 70  LEU A N   1 
ATOM   526  C  CA  . LEU A 1 70 ? -6.294  -10.083 8.887   1.00 24.93 ? 70  LEU A CA  1 
ATOM   527  C  C   . LEU A 1 70 ? -6.785  -11.204 7.963   1.00 26.58 ? 70  LEU A C   1 
ATOM   528  O  O   . LEU A 1 70 ? -7.969  -11.430 7.847   1.00 28.11 ? 70  LEU A O   1 
ATOM   529  C  CB  . LEU A 1 70 ? -6.499  -10.441 10.347  1.00 24.57 ? 70  LEU A CB  1 
ATOM   530  C  CG  . LEU A 1 70 ? -5.507  -11.410 10.916  1.00 26.45 ? 70  LEU A CG  1 
ATOM   531  C  CD1 . LEU A 1 70 ? -4.050  -10.943 10.866  1.00 26.94 ? 70  LEU A CD1 1 
ATOM   532  C  CD2 . LEU A 1 70 ? -5.976  -11.651 12.384  1.00 27.20 ? 70  LEU A CD2 1 
ATOM   533  N  N   . LEU A 1 71 ? -5.860  -11.866 7.278   1.00 26.90 ? 71  LEU A N   1 
ATOM   534  C  CA  . LEU A 1 71 ? -6.246  -12.929 6.364   1.00 29.67 ? 71  LEU A CA  1 
ATOM   535  C  C   . LEU A 1 71 ? -6.829  -14.107 7.170   1.00 36.52 ? 71  LEU A C   1 
ATOM   536  O  O   . LEU A 1 71 ? -6.392  -14.358 8.286   1.00 31.87 ? 71  LEU A O   1 
ATOM   537  C  CB  . LEU A 1 71 ? -5.080  -13.325 5.486   1.00 30.75 ? 71  LEU A CB  1 
ATOM   538  C  CG  . LEU A 1 71 ? -4.418  -12.329 4.547   1.00 33.20 ? 71  LEU A CG  1 
ATOM   539  C  CD1 . LEU A 1 71 ? -3.245  -12.989 3.851   1.00 38.35 ? 71  LEU A CD1 1 
ATOM   540  C  CD2 . LEU A 1 71 ? -5.436  -11.767 3.572   1.00 37.76 ? 71  LEU A CD2 1 
ATOM   541  N  N   . PRO A 1 72 ? -7.874  -14.776 6.612   1.00 37.76 ? 72  PRO A N   1 
ATOM   542  C  CA  . PRO A 1 72 ? -8.682  -15.814 7.288   1.00 42.17 ? 72  PRO A CA  1 
ATOM   543  C  C   . PRO A 1 72 ? -7.861  -16.840 8.007   1.00 37.82 ? 72  PRO A C   1 
ATOM   544  O  O   . PRO A 1 72 ? -8.200  -17.213 9.142   1.00 44.05 ? 72  PRO A O   1 
ATOM   545  C  CB  . PRO A 1 72 ? -9.473  -16.481 6.136   1.00 40.98 ? 72  PRO A CB  1 
ATOM   546  C  CG  . PRO A 1 72 ? -9.675  -15.367 5.153   1.00 43.15 ? 72  PRO A CG  1 
ATOM   547  C  CD  . PRO A 1 72 ? -8.380  -14.528 5.239   1.00 42.09 ? 72  PRO A CD  1 
ATOM   548  N  N   . SER A 1 73 ? -6.737  -17.242 7.423   1.00 38.57 ? 73  SER A N   1 
ATOM   549  C  CA  . SER A 1 73 ? -5.921  -18.261 8.062   1.00 40.26 ? 73  SER A CA  1 
ATOM   550  C  C   . SER A 1 73 ? -5.253  -17.827 9.334   1.00 43.51 ? 73  SER A C   1 
ATOM   551  O  O   . SER A 1 73 ? -4.708  -18.699 10.094  1.00 41.90 ? 73  SER A O   1 
ATOM   552  C  CB  . SER A 1 73 ? -4.861  -18.757 7.080   1.00 47.79 ? 73  SER A CB  1 
ATOM   553  O  OG  . SER A 1 73 ? -4.022  -17.677 6.689   1.00 45.94 ? 73  SER A OG  1 
ATOM   554  N  N   . ASN A 1 74 ? -5.213  -16.498 9.568   1.00 39.58 ? 74  ASN A N   1 
ATOM   555  C  CA  . ASN A 1 74 ? -4.485  -15.947 10.734  1.00 36.68 ? 74  ASN A CA  1 
ATOM   556  C  C   . ASN A 1 74 ? -5.389  -15.446 11.818  1.00 34.52 ? 74  ASN A C   1 
ATOM   557  O  O   . ASN A 1 74 ? -4.906  -14.948 12.848  1.00 35.73 ? 74  ASN A O   1 
ATOM   558  C  CB  . ASN A 1 74 ? -3.554  -14.828 10.267  1.00 40.00 ? 74  ASN A CB  1 
ATOM   559  C  CG  . ASN A 1 74 ? -2.543  -15.284 9.279   1.00 43.67 ? 74  ASN A CG  1 
ATOM   560  O  OD1 . ASN A 1 74 ? -2.363  -14.647 8.252   1.00 46.83 ? 74  ASN A OD1 1 
ATOM   561  N  ND2 . ASN A 1 74 ? -1.829  -16.335 9.599   1.00 42.55 ? 74  ASN A ND2 1 
ATOM   562  N  N   . GLN A 1 75 ? -6.682  -15.618 11.632  1.00 39.61 ? 75  GLN A N   1 
ATOM   563  C  CA  . GLN A 1 75 ? -7.678  -15.215 12.636  1.00 42.63 ? 75  GLN A CA  1 
ATOM   564  C  C   . GLN A 1 75 ? -7.745  -16.215 13.834  1.00 48.89 ? 75  GLN A C   1 
ATOM   565  O  O   . GLN A 1 75 ? -8.106  -15.770 14.929  1.00 51.04 ? 75  GLN A O   1 
ATOM   566  C  CB  . GLN A 1 75 ? -9.021  -15.014 11.945  1.00 41.97 ? 75  GLN A CB  1 
ATOM   567  C  CG  . GLN A 1 75 ? -8.929  -13.945 10.849  1.00 40.40 ? 75  GLN A CG  1 
ATOM   568  C  CD  . GLN A 1 75 ? -10.225 -13.635 10.141  1.00 48.14 ? 75  GLN A CD  1 
ATOM   569  O  OE1 . GLN A 1 75 ? -11.300 -14.097 10.538  1.00 51.27 ? 75  GLN A OE1 1 
ATOM   570  N  NE2 . GLN A 1 75 ? -10.130 -12.873 9.077   1.00 43.25 ? 75  GLN A NE2 1 
ATOM   571  N  N   . GLY B 1 3  ? 1.618   -15.131 -17.808 1.00 66.73 ? 3   GLY B N   1 
ATOM   572  C  CA  . GLY B 1 3  ? 0.168   -15.327 -18.133 1.00 74.48 ? 3   GLY B CA  1 
ATOM   573  C  C   . GLY B 1 3  ? -0.631  -14.028 -18.212 1.00 78.97 ? 3   GLY B C   1 
ATOM   574  O  O   . GLY B 1 3  ? -0.096  -12.990 -18.620 1.00 79.17 ? 3   GLY B O   1 
ATOM   575  N  N   . ALA B 1 4  ? -1.905  -14.096 -17.808 1.00 84.22 ? 4   ALA B N   1 
ATOM   576  C  CA  . ALA B 1 4  ? -2.821  -12.935 -17.810 1.00 83.32 ? 4   ALA B CA  1 
ATOM   577  C  C   . ALA B 1 4  ? -2.485  -11.896 -16.718 1.00 86.42 ? 4   ALA B C   1 
ATOM   578  O  O   . ALA B 1 4  ? -2.402  -10.702 -17.013 1.00 79.24 ? 4   ALA B O   1 
ATOM   579  C  CB  . ALA B 1 4  ? -4.264  -13.397 -17.666 1.00 77.58 ? 4   ALA B CB  1 
ATOM   580  N  N   . ALA B 1 5  ? -2.292  -12.359 -15.474 1.00 82.62 ? 5   ALA B N   1 
ATOM   581  C  CA  . ALA B 1 5  ? -1.950  -11.483 -14.332 1.00 74.13 ? 5   ALA B CA  1 
ATOM   582  C  C   . ALA B 1 5  ? -0.677  -10.692 -14.599 1.00 71.03 ? 5   ALA B C   1 
ATOM   583  O  O   . ALA B 1 5  ? -0.631  -9.499  -14.359 1.00 54.66 ? 5   ALA B O   1 
ATOM   584  C  CB  . ALA B 1 5  ? -1.791  -12.298 -13.055 1.00 77.04 ? 5   ALA B CB  1 
ATOM   585  N  N   . ASN B 1 6  ? 0.342   -11.355 -15.140 1.00 64.38 ? 6   ASN B N   1 
ATOM   586  C  CA  . ASN B 1 6  ? 1.621   -10.687 -15.423 1.00 66.79 ? 6   ASN B CA  1 
ATOM   587  C  C   . ASN B 1 6  ? 1.449   -9.693  -16.557 1.00 52.68 ? 6   ASN B C   1 
ATOM   588  O  O   . ASN B 1 6  ? 2.094   -8.669  -16.561 1.00 51.05 ? 6   ASN B O   1 
ATOM   589  C  CB  . ASN B 1 6  ? 2.734   -11.696 -15.757 1.00 64.53 ? 6   ASN B CB  1 
ATOM   590  C  CG  . ASN B 1 6  ? 3.066   -12.614 -14.585 1.00 75.05 ? 6   ASN B CG  1 
ATOM   591  O  OD1 . ASN B 1 6  ? 4.140   -13.224 -14.549 1.00 81.34 ? 6   ASN B OD1 1 
ATOM   592  N  ND2 . ASN B 1 6  ? 2.148   -12.718 -13.619 1.00 70.47 ? 6   ASN B ND2 1 
ATOM   593  N  N   . LYS B 1 7  ? 0.614   -10.025 -17.538 1.00 57.57 ? 7   LYS B N   1 
ATOM   594  C  CA  . LYS B 1 7  ? 0.350   -9.130  -18.664 1.00 58.50 ? 7   LYS B CA  1 
ATOM   595  C  C   . LYS B 1 7  ? -0.508  -7.888  -18.240 1.00 51.63 ? 7   LYS B C   1 
ATOM   596  O  O   . LYS B 1 7  ? -0.266  -6.781  -18.690 1.00 47.96 ? 7   LYS B O   1 
ATOM   597  C  CB  . LYS B 1 7  ? -0.305  -9.902  -19.817 1.00 66.42 ? 7   LYS B CB  1 
ATOM   598  C  CG  . LYS B 1 7  ? -0.444  -9.092  -21.096 1.00 77.42 ? 7   LYS B CG  1 
ATOM   599  C  CD  . LYS B 1 7  ? -0.965  -9.935  -22.262 1.00 85.19 ? 7   LYS B CD  1 
ATOM   600  C  CE  . LYS B 1 7  ? -1.616  -9.067  -23.343 1.00 87.65 ? 7   LYS B CE  1 
ATOM   601  N  NZ  . LYS B 1 7  ? -2.274  -9.882  -24.413 1.00 89.89 ? 7   LYS B NZ  1 
ATOM   602  N  N   . SER B 1 8  ? -1.481  -8.114  -17.379 1.00 47.82 ? 8   SER B N   1 
ATOM   603  C  CA  . SER B 1 8  ? -2.275  -7.083  -16.748 1.00 49.82 ? 8   SER B CA  1 
ATOM   604  C  C   . SER B 1 8  ? -1.342  -6.114  -15.954 1.00 45.52 ? 8   SER B C   1 
ATOM   605  O  O   . SER B 1 8  ? -1.374  -4.902  -16.193 1.00 36.46 ? 8   SER B O   1 
ATOM   606  C  CB  . SER B 1 8  ? -3.407  -7.730  -15.930 1.00 51.43 ? 8   SER B CB  1 
ATOM   607  O  OG  . SER B 1 8  ? -3.742  -6.977  -14.807 1.00 60.92 ? 8   SER B OG  1 
ATOM   608  N  N   . LEU B 1 9  ? -0.425  -6.649  -15.170 1.00 40.58 ? 9   LEU B N   1 
ATOM   609  C  CA  . LEU B 1 9  ? 0.540   -5.816  -14.417 1.00 38.92 ? 9   LEU B CA  1 
ATOM   610  C  C   . LEU B 1 9  ? 1.522   -5.151  -15.337 1.00 39.44 ? 9   LEU B C   1 
ATOM   611  O  O   . LEU B 1 9  ? 1.931   -4.015  -15.132 1.00 33.72 ? 9   LEU B O   1 
ATOM   612  C  CB  . LEU B 1 9  ? 1.291   -6.602  -13.339 1.00 39.21 ? 9   LEU B CB  1 
ATOM   613  C  CG  . LEU B 1 9  ? 0.431   -7.035  -12.135 1.00 44.34 ? 9   LEU B CG  1 
ATOM   614  C  CD1 . LEU B 1 9  ? 1.257   -7.894  -11.169 1.00 42.44 ? 9   LEU B CD1 1 
ATOM   615  C  CD2 . LEU B 1 9  ? -0.213  -5.847  -11.440 1.00 43.91 ? 9   LEU B CD2 1 
ATOM   616  N  N   . SER B 1 10 ? 1.924   -5.854  -16.384 1.00 35.36 ? 10  SER B N   1 
ATOM   617  C  CA  . SER B 1 10 ? 2.845   -5.290  -17.291 1.00 32.89 ? 10  SER B CA  1 
ATOM   618  C  C   . SER B 1 10 ? 2.266   -4.060  -18.045 1.00 28.91 ? 10  SER B C   1 
ATOM   619  O  O   . SER B 1 10 ? 2.970   -3.070  -18.261 1.00 32.92 ? 10  SER B O   1 
ATOM   620  C  CB  . SER B 1 10 ? 3.347   -6.406  -18.240 1.00 40.78 ? 10  SER B CB  1 
ATOM   621  O  OG  . SER B 1 10 ? 4.183   -5.802  -19.166 1.00 47.38 ? 10  SER B OG  1 
ATOM   622  N  N   . LEU B 1 11 ? 0.989   -4.112  -18.366 1.00 28.66 ? 11  LEU B N   1 
ATOM   623  C  CA  . LEU B 1 11 ? 0.365   -3.012  -19.029 1.00 30.73 ? 11  LEU B CA  1 
ATOM   624  C  C   . LEU B 1 11 ? 0.234   -1.839  -18.021 1.00 27.39 ? 11  LEU B C   1 
ATOM   625  O  O   . LEU B 1 11 ? 0.398   -0.714  -18.421 1.00 28.31 ? 11  LEU B O   1 
ATOM   626  C  CB  . LEU B 1 11 ? -1.002  -3.383  -19.534 1.00 33.69 ? 11  LEU B CB  1 
ATOM   627  C  CG  . LEU B 1 11 ? -1.771  -2.262  -20.238 1.00 37.69 ? 11  LEU B CG  1 
ATOM   628  C  CD1 . LEU B 1 11 ? -1.045  -1.662  -21.452 1.00 41.42 ? 11  LEU B CD1 1 
ATOM   629  C  CD2 . LEU B 1 11 ? -3.147  -2.761  -20.672 1.00 44.65 ? 11  LEU B CD2 1 
ATOM   630  N  N   . LEU B 1 12 ? -0.164  -2.162  -16.801 1.00 29.38 ? 12  LEU B N   1 
ATOM   631  C  CA  . LEU B 1 12 ? -0.327  -1.110  -15.762 1.00 28.69 ? 12  LEU B CA  1 
ATOM   632  C  C   . LEU B 1 12 ? 1.008   -0.426  -15.557 1.00 28.34 ? 12  LEU B C   1 
ATOM   633  O  O   . LEU B 1 12 ? 1.101   0.802   -15.442 1.00 25.19 ? 12  LEU B O   1 
ATOM   634  C  CB  . LEU B 1 12 ? -0.904  -1.663  -14.471 1.00 28.03 ? 12  LEU B CB  1 
ATOM   635  C  CG  . LEU B 1 12 ? -1.134  -0.611  -13.352 1.00 27.59 ? 12  LEU B CG  1 
ATOM   636  C  CD1 . LEU B 1 12 ? -2.169  0.378   -13.858 1.00 28.05 ? 12  LEU B CD1 1 
ATOM   637  C  CD2 . LEU B 1 12 ? -1.619  -1.265  -12.112 1.00 28.71 ? 12  LEU B CD2 1 
ATOM   638  N  N   . SER B 1 13 ? 2.114   -1.196  -15.554 1.00 26.50 ? 13  SER B N   1 
ATOM   639  C  CA  . SER B 1 13 ? 3.442   -0.576  -15.481 1.00 25.83 ? 13  SER B CA  1 
ATOM   640  C  C   . SER B 1 13 ? 3.731   0.436   -16.581 1.00 26.39 ? 13  SER B C   1 
ATOM   641  O  O   . SER B 1 13 ? 4.195   1.582   -16.339 1.00 23.93 ? 13  SER B O   1 
ATOM   642  C  CB  . SER B 1 13 ? 4.547   -1.702  -15.395 1.00 28.38 ? 13  SER B CB  1 
ATOM   643  O  OG  . SER B 1 13 ? 5.817   -1.126  -15.188 1.00 33.78 ? 13  SER B OG  1 
ATOM   644  N  N   . THR B 1 14 ? 3.476   0.039   -17.827 1.00 26.49 ? 14  THR B N   1 
ATOM   645  C  CA  . THR B 1 14 ? 3.675   0.915   -18.962 1.00 29.82 ? 14  THR B CA  1 
ATOM   646  C  C   . THR B 1 14 ? 2.782   2.199   -18.840 1.00 27.78 ? 14  THR B C   1 
ATOM   647  O  O   . THR B 1 14 ? 3.247   3.303   -19.042 1.00 28.44 ? 14  THR B O   1 
ATOM   648  C  CB  . THR B 1 14 ? 3.273   0.187   -20.278 1.00 32.58 ? 14  THR B CB  1 
ATOM   649  O  OG1 . THR B 1 14 ? 4.120   -0.964  -20.406 1.00 35.63 ? 14  THR B OG1 1 
ATOM   650  C  CG2 . THR B 1 14 ? 3.463   1.120   -21.430 1.00 35.29 ? 14  THR B CG2 1 
ATOM   651  N  N   . GLU B 1 15 ? 1.544   1.998   -18.449 1.00 25.82 ? 15  GLU B N   1 
ATOM   652  C  CA  . GLU B 1 15 ? 0.579   3.151   -18.327 1.00 23.50 ? 15  GLU B CA  1 
ATOM   653  C  C   . GLU B 1 15 ? 1.105   4.134   -17.175 1.00 23.35 ? 15  GLU B C   1 
ATOM   654  O  O   . GLU B 1 15 ? 1.147   5.340   -17.317 1.00 25.06 ? 15  GLU B O   1 
ATOM   655  C  CB  . GLU B 1 15 ? -0.783  2.634   -17.965 1.00 26.77 ? 15  GLU B CB  1 
ATOM   656  C  CG  . GLU B 1 15 ? -1.478  1.889   -19.077 1.00 29.42 ? 15  GLU B CG  1 
ATOM   657  C  CD  . GLU B 1 15 ? -2.786  1.231   -18.668 1.00 29.38 ? 15  GLU B CD  1 
ATOM   658  O  OE1 . GLU B 1 15 ? -2.975  0.909   -17.478 1.00 29.41 ? 15  GLU B OE1 1 
ATOM   659  O  OE2 . GLU B 1 15 ? -3.655  0.982   -19.572 1.00 33.92 ? 15  GLU B OE2 1 
ATOM   660  N  N   . THR B 1 16 ? 1.504   3.521   -16.070 1.00 23.09 ? 16  THR B N   1 
ATOM   661  C  CA  . THR B 1 16 ? 2.027   4.259   -14.897 1.00 23.40 ? 16  THR B CA  1 
ATOM   662  C  C   . THR B 1 16 ? 3.270   5.057   -15.267 1.00 26.35 ? 16  THR B C   1 
ATOM   663  O  O   . THR B 1 16 ? 3.361   6.251   -15.017 1.00 24.09 ? 16  THR B O   1 
ATOM   664  C  CB  . THR B 1 16 ? 2.308   3.269   -13.744 1.00 23.77 ? 16  THR B CB  1 
ATOM   665  O  OG1 . THR B 1 16 ? 1.093   2.627   -13.373 1.00 23.07 ? 16  THR B OG1 1 
ATOM   666  C  CG2 . THR B 1 16 ? 3.001   3.896   -12.561 1.00 25.83 ? 16  THR B CG2 1 
HETATM 667  N  N   . MSE B 1 17 ? 4.221   4.420   -15.974 1.00 23.76 ? 17  MSE B N   1 
HETATM 668  C  CA  . MSE B 1 17 ? 5.410   5.125   -16.431 1.00 27.30 ? 17  MSE B CA  1 
HETATM 669  C  C   . MSE B 1 17 ? 5.072   6.273   -17.338 1.00 25.98 ? 17  MSE B C   1 
HETATM 670  O  O   . MSE B 1 17 ? 5.682   7.341   -17.247 1.00 28.61 ? 17  MSE B O   1 
HETATM 671  C  CB  . MSE B 1 17 ? 6.409   4.169   -17.112 1.00 26.70 ? 17  MSE B CB  1 
HETATM 672  C  CG  . MSE B 1 17 ? 6.983   3.343   -16.047 1.00 35.25 ? 17  MSE B CG  1 
HETATM 673  SE SE  . MSE B 1 17 ? 8.237   2.016   -16.893 1.00 55.99 ? 17  MSE B SE  1 
HETATM 674  C  CE  . MSE B 1 17 ? 8.999   3.150   -18.364 1.00 47.70 ? 17  MSE B CE  1 
ATOM   675  N  N   . SER B 1 18 ? 4.093   6.081   -18.219 1.00 26.55 ? 18  SER B N   1 
ATOM   676  C  CA  . SER B 1 18 ? 3.742   7.131   -19.163 1.00 27.57 ? 18  SER B CA  1 
ATOM   677  C  C   . SER B 1 18 ? 3.233   8.385   -18.455 1.00 29.23 ? 18  SER B C   1 
ATOM   678  O  O   . SER B 1 18 ? 3.498   9.513   -18.899 1.00 29.55 ? 18  SER B O   1 
ATOM   679  C  CB  . SER B 1 18 ? 2.740   6.653   -20.253 1.00 29.49 ? 18  SER B CB  1 
ATOM   680  O  OG  . SER B 1 18 ? 1.362   6.601   -19.825 1.00 30.44 ? 18  SER B OG  1 
ATOM   681  N  N   . ILE B 1 19 ? 2.517   8.169   -17.349 1.00 24.83 ? 19  ILE B N   1 
ATOM   682  C  CA  . ILE B 1 19 ? 1.955   9.280   -16.579 1.00 23.61 ? 19  ILE B CA  1 
ATOM   683  C  C   . ILE B 1 19 ? 3.043   9.979   -15.747 1.00 25.63 ? 19  ILE B C   1 
ATOM   684  O  O   . ILE B 1 19 ? 2.975   11.213  -15.586 1.00 30.28 ? 19  ILE B O   1 
ATOM   685  C  CB  . ILE B 1 19 ? 0.756   8.821   -15.701 1.00 26.94 ? 19  ILE B CB  1 
ATOM   686  C  CG1 . ILE B 1 19 ? -0.472  8.634   -16.579 1.00 30.51 ? 19  ILE B CG1 1 
ATOM   687  C  CG2 . ILE B 1 19 ? 0.475   9.815   -14.585 1.00 29.76 ? 19  ILE B CG2 1 
ATOM   688  C  CD1 . ILE B 1 19 ? -1.434  7.655   -15.861 1.00 35.21 ? 19  ILE B CD1 1 
ATOM   689  N  N   . LEU B 1 20 ? 4.008   9.225   -15.230 1.00 23.00 ? 20  LEU B N   1 
ATOM   690  C  CA  . LEU B 1 20 ? 4.942   9.795   -14.244 1.00 22.98 ? 20  LEU B CA  1 
ATOM   691  C  C   . LEU B 1 20 ? 6.187   10.424  -14.882 1.00 27.17 ? 20  LEU B C   1 
ATOM   692  O  O   . LEU B 1 20 ? 6.853   11.243  -14.276 1.00 28.47 ? 20  LEU B O   1 
ATOM   693  C  CB  . LEU B 1 20 ? 5.352   8.709   -13.265 1.00 22.86 ? 20  LEU B CB  1 
ATOM   694  C  CG  . LEU B 1 20 ? 4.265   8.293   -12.314 1.00 23.00 ? 20  LEU B CG  1 
ATOM   695  C  CD1 . LEU B 1 20 ? 4.755   7.111   -11.504 1.00 24.73 ? 20  LEU B CD1 1 
ATOM   696  C  CD2 . LEU B 1 20 ? 3.922   9.433   -11.399 1.00 25.02 ? 20  LEU B CD2 1 
ATOM   697  N  N   . GLN B 1 21 ? 6.493   10.000  -16.121 1.00 29.25 ? 21  GLN B N   1 
ATOM   698  C  CA  . GLN B 1 21 ? 7.754   10.350  -16.774 1.00 33.19 ? 21  GLN B CA  1 
ATOM   699  C  C   . GLN B 1 21 ? 8.099   11.821  -16.728 1.00 28.80 ? 21  GLN B C   1 
ATOM   700  O  O   . GLN B 1 21 ? 9.254   12.149  -16.430 1.00 38.03 ? 21  GLN B O   1 
ATOM   701  C  CB  . GLN B 1 21 ? 7.790   9.893   -18.270 1.00 39.51 ? 21  GLN B CB  1 
ATOM   702  C  CG  . GLN B 1 21 ? 8.341   8.503   -18.540 1.00 55.68 ? 21  GLN B CG  1 
ATOM   703  C  CD  . GLN B 1 21 ? 9.729   8.192   -17.977 1.00 65.09 ? 21  GLN B CD  1 
ATOM   704  O  OE1 . GLN B 1 21 ? 10.536  9.085   -17.702 1.00 71.95 ? 21  GLN B OE1 1 
ATOM   705  N  NE2 . GLN B 1 21 ? 10.003  6.898   -17.805 1.00 65.95 ? 21  GLN B NE2 1 
ATOM   706  N  N   . ASP B 1 22 ? 7.155   12.670  -17.032 1.00 29.07 ? 22  ASP B N   1 
ATOM   707  C  CA  . ASP B 1 22 ? 7.317   14.124  -17.028 1.00 38.86 ? 22  ASP B CA  1 
ATOM   708  C  C   . ASP B 1 22 ? 6.646   14.882  -15.829 1.00 35.86 ? 22  ASP B C   1 
ATOM   709  O  O   . ASP B 1 22 ? 6.426   16.099  -15.860 1.00 34.96 ? 22  ASP B O   1 
ATOM   710  C  CB  . ASP B 1 22 ? 6.675   14.677  -18.297 1.00 48.77 ? 22  ASP B CB  1 
ATOM   711  C  CG  . ASP B 1 22 ? 7.116   13.930  -19.574 1.00 49.44 ? 22  ASP B CG  1 
ATOM   712  O  OD1 . ASP B 1 22 ? 8.301   13.534  -19.716 1.00 50.17 ? 22  ASP B OD1 1 
ATOM   713  O  OD2 . ASP B 1 22 ? 6.244   13.738  -20.422 1.00 57.48 ? 22  ASP B OD2 1 
ATOM   714  N  N   . ALA B 1 23 ? 6.244   14.149  -14.807 1.00 30.22 ? 23  ALA B N   1 
ATOM   715  C  CA  . ALA B 1 23 ? 5.804   14.800  -13.546 1.00 29.43 ? 23  ALA B CA  1 
ATOM   716  C  C   . ALA B 1 23 ? 7.071   15.352  -12.754 1.00 25.18 ? 23  ALA B C   1 
ATOM   717  O  O   . ALA B 1 23 ? 8.193   14.821  -12.869 1.00 26.20 ? 23  ALA B O   1 
ATOM   718  C  CB  . ALA B 1 23 ? 5.029   13.772  -12.656 1.00 26.25 ? 23  ALA B CB  1 
ATOM   719  N  N   . PRO B 1 24 ? 6.849   16.290  -11.843 1.00 25.39 ? 24  PRO B N   1 
ATOM   720  C  CA  . PRO B 1 24 ? 7.914   16.762  -10.927 1.00 26.75 ? 24  PRO B CA  1 
ATOM   721  C  C   . PRO B 1 24 ? 8.524   15.665  -10.138 1.00 24.87 ? 24  PRO B C   1 
ATOM   722  O  O   . PRO B 1 24 ? 7.851   14.904  -9.419  1.00 24.90 ? 24  PRO B O   1 
ATOM   723  C  CB  . PRO B 1 24 ? 7.203   17.844  -10.062 1.00 28.13 ? 24  PRO B CB  1 
ATOM   724  C  CG  . PRO B 1 24 ? 5.932   18.176  -10.774 1.00 31.08 ? 24  PRO B CG  1 
ATOM   725  C  CD  . PRO B 1 24 ? 5.563   16.910  -11.508 1.00 25.92 ? 24  PRO B CD  1 
ATOM   726  N  N   . ALA B 1 25 ? 9.849   15.491  -10.284 1.00 26.61 ? 25  ALA B N   1 
ATOM   727  C  CA  . ALA B 1 25 ? 10.579  14.394  -9.654  1.00 24.17 ? 25  ALA B CA  1 
ATOM   728  C  C   . ALA B 1 25 ? 10.037  12.998  -9.979  1.00 20.40 ? 25  ALA B C   1 
ATOM   729  O  O   . ALA B 1 25 ? 10.263  12.049  -9.272  1.00 24.27 ? 25  ALA B O   1 
ATOM   730  C  CB  . ALA B 1 25 ? 10.713  14.593  -8.124  1.00 26.23 ? 25  ALA B CB  1 
ATOM   731  N  N   . CYS B 1 26 ? 9.383   12.912  -11.154 1.00 24.47 ? 26  CYS B N   1 
ATOM   732  C  CA  . CYS B 1 26 ? 8.658   11.748  -11.627 1.00 23.03 ? 26  CYS B CA  1 
ATOM   733  C  C   . CYS B 1 26 ? 7.715   11.194  -10.532 1.00 21.12 ? 26  CYS B C   1 
ATOM   734  O  O   . CYS B 1 26 ? 7.657   9.979   -10.296 1.00 23.21 ? 26  CYS B O   1 
ATOM   735  C  CB  . CYS B 1 26 ? 9.543   10.654  -12.072 1.00 28.22 ? 26  CYS B CB  1 
ATOM   736  S  SG  . CYS B 1 26 ? 10.568  11.200  -13.502 1.00 34.61 ? 26  CYS B SG  1 
ATOM   737  N  N   . CYS B 1 27 ? 7.030   12.114  -9.869  1.00 23.11 ? 27  CYS B N   1 
ATOM   738  C  CA  A CYS B 1 27 ? 6.237   11.780  -8.731  0.50 23.91 ? 27  CYS B CA  1 
ATOM   739  C  CA  B CYS B 1 27 ? 6.207   11.797  -8.686  0.50 23.09 ? 27  CYS B CA  1 
ATOM   740  C  C   . CYS B 1 27 ? 4.909   12.557  -8.802  1.00 21.99 ? 27  CYS B C   1 
ATOM   741  O  O   . CYS B 1 27 ? 4.879   13.775  -9.173  1.00 22.84 ? 27  CYS B O   1 
ATOM   742  C  CB  A CYS B 1 27 ? 7.075   12.140  -7.499  0.50 25.89 ? 27  CYS B CB  1 
ATOM   743  C  CB  B CYS B 1 27 ? 6.849   12.242  -7.342  0.50 23.26 ? 27  CYS B CB  1 
ATOM   744  S  SG  A CYS B 1 27 ? 6.206   12.164  -5.969  0.50 28.43 ? 27  CYS B SG  1 
ATOM   745  S  SG  B CYS B 1 27 ? 8.221   11.264  -6.733  0.50 24.78 ? 27  CYS B SG  1 
ATOM   746  N  N   . LEU B 1 28 ? 3.819   11.865  -8.473  1.00 20.92 ? 28  LEU B N   1 
ATOM   747  C  CA  . LEU B 1 28 ? 2.476   12.510  -8.348  1.00 22.78 ? 28  LEU B CA  1 
ATOM   748  C  C   . LEU B 1 28 ? 1.816   12.118  -7.055  1.00 21.05 ? 28  LEU B C   1 
ATOM   749  O  O   . LEU B 1 28 ? 1.889   10.964  -6.616  1.00 19.44 ? 28  LEU B O   1 
ATOM   750  C  CB  . LEU B 1 28 ? 1.514   12.148  -9.497  1.00 21.62 ? 28  LEU B CB  1 
ATOM   751  C  CG  . LEU B 1 28 ? 1.791   12.608  -10.900 1.00 20.67 ? 28  LEU B CG  1 
ATOM   752  C  CD1 . LEU B 1 28 ? 0.965   11.842  -11.899 1.00 24.33 ? 28  LEU B CD1 1 
ATOM   753  C  CD2 . LEU B 1 28 ? 1.543   14.097  -10.952 1.00 21.55 ? 28  LEU B CD2 1 
ATOM   754  N  N   . PRO B 1 29 ? 1.140   13.080  -6.378  1.00 18.39 ? 29  PRO B N   1 
ATOM   755  C  CA  . PRO B 1 29 ? 0.286   12.658  -5.317  1.00 19.01 ? 29  PRO B CA  1 
ATOM   756  C  C   . PRO B 1 29 ? -0.721  11.608  -5.805  1.00 18.71 ? 29  PRO B C   1 
ATOM   757  O  O   . PRO B 1 29 ? -1.184  11.722  -6.950  1.00 19.51 ? 29  PRO B O   1 
ATOM   758  C  CB  . PRO B 1 29 ? -0.453  13.931  -4.938  1.00 21.16 ? 29  PRO B CB  1 
ATOM   759  C  CG  . PRO B 1 29 ? 0.467   15.021  -5.376  1.00 19.94 ? 29  PRO B CG  1 
ATOM   760  C  CD  . PRO B 1 29 ? 1.083   14.516  -6.639  1.00 19.43 ? 29  PRO B CD  1 
ATOM   761  N  N   . LEU B 1 30 ? -1.062  10.656  -4.950  1.00 17.70 ? 30  LEU B N   1 
ATOM   762  C  CA  . LEU B 1 30 ? -1.948  9.571   -5.377  1.00 20.20 ? 30  LEU B CA  1 
ATOM   763  C  C   . LEU B 1 30 ? -3.291  10.146  -5.914  1.00 19.14 ? 30  LEU B C   1 
ATOM   764  O  O   . LEU B 1 30 ? -3.772  9.690   -6.969  1.00 21.25 ? 30  LEU B O   1 
ATOM   765  C  CB  . LEU B 1 30 ? -2.199  8.552   -4.278  1.00 20.69 ? 30  LEU B CB  1 
ATOM   766  C  CG  . LEU B 1 30 ? -3.183  7.432   -4.564  1.00 21.29 ? 30  LEU B CG  1 
ATOM   767  C  CD1 . LEU B 1 30 ? -2.707  6.583   -5.725  1.00 21.67 ? 30  LEU B CD1 1 
ATOM   768  C  CD2 . LEU B 1 30 ? -3.367  6.525   -3.327  1.00 23.27 ? 30  LEU B CD2 1 
ATOM   769  N  N   . PHE B 1 31 ? -3.873  11.176  -5.249  1.00 21.06 ? 31  PHE B N   1 
ATOM   770  C  CA  . PHE B 1 31 ? -5.158  11.722  -5.741  1.00 22.66 ? 31  PHE B CA  1 
ATOM   771  C  C   . PHE B 1 31 ? -5.060  12.215  -7.215  1.00 23.27 ? 31  PHE B C   1 
ATOM   772  O  O   . PHE B 1 31 ? -5.988  12.002  -8.016  1.00 22.47 ? 31  PHE B O   1 
ATOM   773  C  CB  . PHE B 1 31 ? -5.761  12.863  -4.863  1.00 24.74 ? 31  PHE B CB  1 
ATOM   774  C  CG  . PHE B 1 31 ? -5.064  14.170  -5.044  1.00 25.56 ? 31  PHE B CG  1 
ATOM   775  C  CD1 . PHE B 1 31 ? -3.971  14.458  -4.271  1.00 31.35 ? 31  PHE B CD1 1 
ATOM   776  C  CD2 . PHE B 1 31 ? -5.503  15.100  -5.984  1.00 33.23 ? 31  PHE B CD2 1 
ATOM   777  C  CE1 . PHE B 1 31 ? -3.312  15.648  -4.429  1.00 31.50 ? 31  PHE B CE1 1 
ATOM   778  C  CE2 . PHE B 1 31 ? -4.829  16.267  -6.173  1.00 31.93 ? 31  PHE B CE2 1 
ATOM   779  C  CZ  . PHE B 1 31 ? -3.715  16.494  -5.379  1.00 29.08 ? 31  PHE B CZ  1 
ATOM   780  N  N   . LYS B 1 32 ? -3.924  12.801  -7.568  1.00 20.40 ? 32  LYS B N   1 
ATOM   781  C  CA  . LYS B 1 32 ? -3.654  13.361  -8.874  1.00 20.72 ? 32  LYS B CA  1 
ATOM   782  C  C   . LYS B 1 32 ? -3.332  12.264  -9.852  1.00 20.64 ? 32  LYS B C   1 
ATOM   783  O  O   . LYS B 1 32 ? -3.802  12.257  -10.985 1.00 20.97 ? 32  LYS B O   1 
ATOM   784  C  CB  . LYS B 1 32 ? -2.561  14.415  -8.817  1.00 20.71 ? 32  LYS B CB  1 
ATOM   785  C  CG  . LYS B 1 32 ? -2.350  15.087  -10.187 1.00 21.64 ? 32  LYS B CG  1 
ATOM   786  C  CD  . LYS B 1 32 ? -1.519  16.307  -10.085 1.00 23.66 ? 32  LYS B CD  1 
ATOM   787  C  CE  . LYS B 1 32 ? -1.255  16.963  -11.439 1.00 26.55 ? 32  LYS B CE  1 
ATOM   788  N  NZ  . LYS B 1 32 ? -0.591  18.263  -11.230 1.00 28.78 ? 32  LYS B NZ  1 
ATOM   789  N  N   . PHE B 1 33 ? -2.561  11.276  -9.437  1.00 19.81 ? 33  PHE B N   1 
ATOM   790  C  CA  . PHE B 1 33 ? -2.280  10.121  -10.344 1.00 20.23 ? 33  PHE B CA  1 
ATOM   791  C  C   . PHE B 1 33 ? -3.624  9.437   -10.691 1.00 20.41 ? 33  PHE B C   1 
ATOM   792  O  O   . PHE B 1 33 ? -3.839  9.060   -11.855 1.00 20.47 ? 33  PHE B O   1 
ATOM   793  C  CB  . PHE B 1 33 ? -1.389  9.123   -9.615  1.00 19.44 ? 33  PHE B CB  1 
ATOM   794  C  CG  . PHE B 1 33 ? -0.979  7.916   -10.413 1.00 18.66 ? 33  PHE B CG  1 
ATOM   795  C  CD1 . PHE B 1 33 ? 0.142   7.930   -11.155 1.00 22.03 ? 33  PHE B CD1 1 
ATOM   796  C  CD2 . PHE B 1 33 ? -1.738  6.786   -10.372 1.00 18.06 ? 33  PHE B CD2 1 
ATOM   797  C  CE1 . PHE B 1 33 ? 0.478   6.812   -11.980 1.00 25.07 ? 33  PHE B CE1 1 
ATOM   798  C  CE2 . PHE B 1 33 ? -1.464  5.669   -11.160 1.00 22.67 ? 33  PHE B CE2 1 
ATOM   799  C  CZ  . PHE B 1 33 ? -0.351  5.675   -11.932 1.00 22.67 ? 33  PHE B CZ  1 
ATOM   800  N  N   . ILE B 1 34 ? -4.521  9.280   -9.714  1.00 18.99 ? 34  ILE B N   1 
ATOM   801  C  CA  . ILE B 1 34 ? -5.819  8.642   -9.998  1.00 21.63 ? 34  ILE B CA  1 
ATOM   802  C  C   . ILE B 1 34 ? -6.576  9.482   -11.016 1.00 23.04 ? 34  ILE B C   1 
ATOM   803  O  O   . ILE B 1 34 ? -7.157  8.920   -12.007 1.00 22.47 ? 34  ILE B O   1 
ATOM   804  C  CB  . ILE B 1 34 ? -6.620  8.457   -8.723  1.00 23.26 ? 34  ILE B CB  1 
ATOM   805  C  CG1 . ILE B 1 34 ? -6.004  7.351   -7.851  1.00 23.68 ? 34  ILE B CG1 1 
ATOM   806  C  CG2 . ILE B 1 34 ? -8.079  8.171   -8.983  1.00 25.97 ? 34  ILE B CG2 1 
ATOM   807  C  CD1 . ILE B 1 34 ? -6.492  7.366   -6.416  1.00 24.48 ? 34  ILE B CD1 1 
ATOM   808  N  N   . ASP B 1 35 ? -6.634  10.778  -10.776 1.00 20.09 ? 35  ASP B N   1 
ATOM   809  C  CA  . ASP B 1 35 ? -7.428  11.687  -11.690 1.00 22.09 ? 35  ASP B CA  1 
ATOM   810  C  C   . ASP B 1 35 ? -6.894  11.578  -13.111 1.00 23.28 ? 35  ASP B C   1 
ATOM   811  O  O   . ASP B 1 35 ? -7.681  11.336  -14.071 1.00 23.96 ? 35  ASP B O   1 
ATOM   812  C  CB  . ASP B 1 35 ? -7.425  13.128  -11.185 1.00 23.08 ? 35  ASP B CB  1 
ATOM   813  C  CG  . ASP B 1 35 ? -8.341  14.046  -12.024 1.00 25.17 ? 35  ASP B CG  1 
ATOM   814  O  OD1 . ASP B 1 35 ? -9.578  13.784  -11.885 1.00 26.44 ? 35  ASP B OD1 1 
ATOM   815  O  OD2 . ASP B 1 35 ? -7.757  14.882  -12.731 1.00 26.97 ? 35  ASP B OD2 1 
ATOM   816  N  N   . ILE B 1 36 ? -5.563  11.723  -13.280 1.00 22.00 ? 36  ILE B N   1 
ATOM   817  C  CA  . ILE B 1 36 ? -4.930  11.670  -14.605 1.00 24.73 ? 36  ILE B CA  1 
ATOM   818  C  C   . ILE B 1 36 ? -5.127  10.289  -15.231 1.00 24.41 ? 36  ILE B C   1 
ATOM   819  O  O   . ILE B 1 36 ? -5.517  10.227  -16.428 1.00 21.99 ? 36  ILE B O   1 
ATOM   820  C  CB  . ILE B 1 36 ? -3.459  12.062  -14.520 1.00 23.69 ? 36  ILE B CB  1 
ATOM   821  C  CG1 . ILE B 1 36 ? -3.322  13.562  -14.179 1.00 28.07 ? 36  ILE B CG1 1 
ATOM   822  C  CG2 . ILE B 1 36 ? -2.677  11.728  -15.760 1.00 23.51 ? 36  ILE B CG2 1 
ATOM   823  C  CD1 . ILE B 1 36 ? -1.889  13.881  -13.794 1.00 31.23 ? 36  ILE B CD1 1 
ATOM   824  N  N   . TYR B 1 37 ? -4.959  9.204   -14.445 1.00 20.59 ? 37  TYR B N   1 
ATOM   825  C  CA  . TYR B 1 37 ? -5.131  7.890   -14.947 1.00 22.18 ? 37  TYR B CA  1 
ATOM   826  C  C   . TYR B 1 37 ? -6.554  7.627   -15.481 1.00 23.15 ? 37  TYR B C   1 
ATOM   827  O  O   . TYR B 1 37 ? -6.755  7.093   -16.596 1.00 22.81 ? 37  TYR B O   1 
ATOM   828  C  CB  . TYR B 1 37 ? -4.720  6.854   -13.912 1.00 21.53 ? 37  TYR B CB  1 
ATOM   829  C  CG  . TYR B 1 37 ? -4.834  5.462   -14.401 1.00 21.03 ? 37  TYR B CG  1 
ATOM   830  C  CD1 . TYR B 1 37 ? -6.070  4.816   -14.419 1.00 25.12 ? 37  TYR B CD1 1 
ATOM   831  C  CD2 . TYR B 1 37 ? -3.668  4.746   -14.808 1.00 23.35 ? 37  TYR B CD2 1 
ATOM   832  C  CE1 . TYR B 1 37 ? -6.196  3.531   -14.894 1.00 25.72 ? 37  TYR B CE1 1 
ATOM   833  C  CE2 . TYR B 1 37 ? -3.785  3.435   -15.293 1.00 23.46 ? 37  TYR B CE2 1 
ATOM   834  C  CZ  . TYR B 1 37 ? -5.016  2.822   -15.288 1.00 27.38 ? 37  TYR B CZ  1 
ATOM   835  O  OH  . TYR B 1 37 ? -5.197  1.535   -15.813 1.00 27.98 ? 37  TYR B OH  1 
ATOM   836  N  N   . GLU B 1 38 ? -7.540  8.002   -14.679 1.00 22.93 ? 38  GLU B N   1 
ATOM   837  C  CA  . GLU B 1 38 ? -8.954  7.712   -15.014 1.00 22.58 ? 38  GLU B CA  1 
ATOM   838  C  C   . GLU B 1 38 ? -9.406  8.483   -16.260 1.00 24.75 ? 38  GLU B C   1 
ATOM   839  O  O   . GLU B 1 38 ? -10.151 7.936   -17.106 1.00 22.02 ? 38  GLU B O   1 
ATOM   840  C  CB  . GLU B 1 38 ? -9.787  7.921   -13.780 1.00 23.40 ? 38  GLU B CB  1 
ATOM   841  C  CG  . GLU B 1 38 ? -9.426  6.817   -12.715 1.00 25.28 ? 38  GLU B CG  1 
ATOM   842  C  CD  . GLU B 1 38 ? -10.268 6.636   -11.503 1.00 30.06 ? 38  GLU B CD  1 
ATOM   843  O  OE1 . GLU B 1 38 ? -11.024 7.573   -11.180 1.00 28.66 ? 38  GLU B OE1 1 
ATOM   844  O  OE2 . GLU B 1 38 ? -10.062 5.560   -10.773 1.00 32.94 ? 38  GLU B OE2 1 
ATOM   845  N  N   . LYS B 1 39 ? -8.876  9.687   -16.419 1.00 22.85 ? 39  LYS B N   1 
ATOM   846  C  CA  . LYS B 1 39 ? -9.102  10.547  -17.589 1.00 23.22 ? 39  LYS B CA  1 
ATOM   847  C  C   . LYS B 1 39 ? -8.409  9.954   -18.812 1.00 25.85 ? 39  LYS B C   1 
ATOM   848  O  O   . LYS B 1 39 ? -9.019  9.921   -19.894 1.00 28.13 ? 39  LYS B O   1 
ATOM   849  C  CB  . LYS B 1 39 ? -8.633  11.981  -17.345 1.00 23.92 ? 39  LYS B CB  1 
ATOM   850  C  CG  . LYS B 1 39 ? -9.618  12.741  -16.433 1.00 23.54 ? 39  LYS B CG  1 
ATOM   851  C  CD  . LYS B 1 39 ? -9.109  14.066  -15.890 1.00 22.14 ? 39  LYS B CD  1 
ATOM   852  C  CE  . LYS B 1 39 ? -10.188 14.775  -15.107 1.00 22.96 ? 39  LYS B CE  1 
ATOM   853  N  NZ  . LYS B 1 39 ? -9.555  15.966  -14.412 1.00 21.52 ? 39  LYS B NZ  1 
ATOM   854  N  N   . LYS B 1 40 ? -7.231  9.395   -18.650 1.00 23.20 ? 40  LYS B N   1 
ATOM   855  C  CA  . LYS B 1 40 ? -6.482  8.969   -19.795 1.00 25.23 ? 40  LYS B CA  1 
ATOM   856  C  C   . LYS B 1 40 ? -6.999  7.643   -20.299 1.00 26.79 ? 40  LYS B C   1 
ATOM   857  O  O   . LYS B 1 40 ? -7.129  7.439   -21.557 1.00 25.95 ? 40  LYS B O   1 
ATOM   858  C  CB  . LYS B 1 40 ? -5.000  8.844   -19.451 1.00 26.66 ? 40  LYS B CB  1 
ATOM   859  C  CG  . LYS B 1 40 ? -4.110  8.439   -20.616 1.00 28.23 ? 40  LYS B CG  1 
ATOM   860  C  CD  . LYS B 1 40 ? -2.619  8.633   -20.353 1.00 28.91 ? 40  LYS B CD  1 
ATOM   861  C  CE  . LYS B 1 40 ? -1.826  8.176   -21.557 1.00 31.88 ? 40  LYS B CE  1 
ATOM   862  N  NZ  . LYS B 1 40 ? -0.371  8.286   -21.265 1.00 37.84 ? 40  LYS B NZ  1 
ATOM   863  N  N   . TYR B 1 41 ? -7.342  6.757   -19.383 1.00 25.93 ? 41  TYR B N   1 
ATOM   864  C  CA  . TYR B 1 41 ? -7.736  5.358   -19.704 1.00 27.74 ? 41  TYR B CA  1 
ATOM   865  C  C   . TYR B 1 41 ? -9.186  5.016   -19.667 1.00 31.10 ? 41  TYR B C   1 
ATOM   866  O  O   . TYR B 1 41 ? -9.620  3.908   -20.068 1.00 28.22 ? 41  TYR B O   1 
ATOM   867  C  CB  . TYR B 1 41 ? -6.873  4.385   -18.888 1.00 29.92 ? 41  TYR B CB  1 
ATOM   868  C  CG  . TYR B 1 41 ? -5.414  4.601   -19.202 1.00 27.22 ? 41  TYR B CG  1 
ATOM   869  C  CD1 . TYR B 1 41 ? -4.873  4.335   -20.479 1.00 28.55 ? 41  TYR B CD1 1 
ATOM   870  C  CD2 . TYR B 1 41 ? -4.513  5.106   -18.235 1.00 25.20 ? 41  TYR B CD2 1 
ATOM   871  C  CE1 . TYR B 1 41 ? -3.543  4.582   -20.792 1.00 26.17 ? 41  TYR B CE1 1 
ATOM   872  C  CE2 . TYR B 1 41 ? -3.183  5.352   -18.567 1.00 23.87 ? 41  TYR B CE2 1 
ATOM   873  C  CZ  . TYR B 1 41 ? -2.684  5.061   -19.818 1.00 27.89 ? 41  TYR B CZ  1 
ATOM   874  O  OH  . TYR B 1 41 ? -1.373  5.371   -20.055 1.00 29.38 ? 41  TYR B OH  1 
ATOM   875  N  N   . GLY B 1 42 ? -9.990  5.932   -19.097 1.00 29.17 ? 42  GLY B N   1 
ATOM   876  C  CA  . GLY B 1 42 ? -11.445 5.824   -19.054 1.00 26.71 ? 42  GLY B CA  1 
ATOM   877  C  C   . GLY B 1 42 ? -12.028 4.723   -18.296 1.00 27.94 ? 42  GLY B C   1 
ATOM   878  O  O   . GLY B 1 42 ? -13.149 4.281   -18.604 1.00 29.74 ? 42  GLY B O   1 
ATOM   879  N  N   . HIS B 1 43 ? -11.314 4.251   -17.246 1.00 23.08 ? 43  HIS B N   1 
ATOM   880  C  CA  . HIS B 1 43 ? -11.837 3.310   -16.305 1.00 26.95 ? 43  HIS B CA  1 
ATOM   881  C  C   . HIS B 1 43 ? -11.119 3.490   -14.980 1.00 25.62 ? 43  HIS B C   1 
ATOM   882  O  O   . HIS B 1 43 ? -10.112 4.208   -14.901 1.00 26.42 ? 43  HIS B O   1 
ATOM   883  C  CB  . HIS B 1 43 ? -11.664 1.857   -16.847 1.00 28.08 ? 43  HIS B CB  1 
ATOM   884  C  CG  . HIS B 1 43 ? -10.238 1.434   -17.017 1.00 28.33 ? 43  HIS B CG  1 
ATOM   885  N  ND1 . HIS B 1 43 ? -9.466  0.985   -15.964 1.00 31.15 ? 43  HIS B ND1 1 
ATOM   886  C  CD2 . HIS B 1 43 ? -9.436  1.430   -18.101 1.00 32.81 ? 43  HIS B CD2 1 
ATOM   887  C  CE1 . HIS B 1 43 ? -8.256  0.693   -16.409 1.00 31.64 ? 43  HIS B CE1 1 
ATOM   888  N  NE2 . HIS B 1 43 ? -8.204  0.974   -17.690 1.00 33.94 ? 43  HIS B NE2 1 
ATOM   889  N  N   . LYS B 1 44 ? -11.626 2.830   -13.970 1.00 27.61 ? 44  LYS B N   1 
ATOM   890  C  CA  . LYS B 1 44 ? -11.156 2.992   -12.614 1.00 31.26 ? 44  LYS B CA  1 
ATOM   891  C  C   . LYS B 1 44 ? -9.771  2.412   -12.473 1.00 34.09 ? 44  LYS B C   1 
ATOM   892  O  O   . LYS B 1 44 ? -9.425  1.430   -13.114 1.00 31.22 ? 44  LYS B O   1 
ATOM   893  C  CB  . LYS B 1 44 ? -12.169 2.259   -11.720 1.00 39.44 ? 44  LYS B CB  1 
ATOM   894  C  CG  . LYS B 1 44 ? -12.019 2.420   -10.220 1.00 50.42 ? 44  LYS B CG  1 
ATOM   895  C  CD  . LYS B 1 44 ? -13.029 1.505   -9.506  1.00 59.83 ? 44  LYS B CD  1 
ATOM   896  C  CE  . LYS B 1 44 ? -14.184 2.272   -8.853  1.00 73.04 ? 44  LYS B CE  1 
ATOM   897  N  NZ  . LYS B 1 44 ? -13.671 2.867   -7.574  1.00 82.86 ? 44  LYS B NZ  1 
ATOM   898  N  N   . LEU B 1 45 ? -8.903  3.074   -11.730 1.00 26.88 ? 45  LEU B N   1 
ATOM   899  C  CA  . LEU B 1 45 ? -7.626  2.501   -11.386 1.00 24.76 ? 45  LEU B CA  1 
ATOM   900  C  C   . LEU B 1 45 ? -7.788  1.525   -10.199 1.00 29.95 ? 45  LEU B C   1 
ATOM   901  O  O   . LEU B 1 45 ? -8.444  1.859   -9.200  1.00 30.07 ? 45  LEU B O   1 
ATOM   902  C  CB  . LEU B 1 45 ? -6.656  3.608   -11.001 1.00 26.16 ? 45  LEU B CB  1 
ATOM   903  C  CG  . LEU B 1 45 ? -5.310  3.158   -10.416 1.00 23.25 ? 45  LEU B CG  1 
ATOM   904  C  CD1 . LEU B 1 45 ? -4.361  2.581   -11.470 1.00 28.69 ? 45  LEU B CD1 1 
ATOM   905  C  CD2 . LEU B 1 45 ? -4.585  4.410   -9.919  1.00 25.28 ? 45  LEU B CD2 1 
ATOM   906  N  N   . ASN B 1 46 ? -7.091  0.403   -10.325 1.00 33.40 ? 46  ASN B N   1 
ATOM   907  C  CA  . ASN B 1 46 ? -7.031  -0.652  -9.293  1.00 33.78 ? 46  ASN B CA  1 
ATOM   908  C  C   . ASN B 1 46 ? -5.818  -0.309  -8.440  1.00 24.64 ? 46  ASN B C   1 
ATOM   909  O  O   . ASN B 1 46 ? -4.709  -0.586  -8.822  1.00 31.13 ? 46  ASN B O   1 
ATOM   910  C  CB  . ASN B 1 46 ? -6.846  -1.995  -9.984  1.00 39.99 ? 46  ASN B CB  1 
ATOM   911  C  CG  . ASN B 1 46 ? -6.872  -3.169  -9.001  1.00 47.44 ? 46  ASN B CG  1 
ATOM   912  O  OD1 . ASN B 1 46 ? -6.292  -3.080  -7.925  1.00 46.84 ? 46  ASN B OD1 1 
ATOM   913  N  ND2 . ASN B 1 46 ? -7.530  -4.287  -9.386  1.00 47.22 ? 46  ASN B ND2 1 
ATOM   914  N  N   . VAL B 1 47 ? -6.052  0.493   -7.407  1.00 28.43 ? 47  VAL B N   1 
ATOM   915  C  CA  . VAL B 1 47 ? -4.884  1.049   -6.626  1.00 31.13 ? 47  VAL B CA  1 
ATOM   916  C  C   . VAL B 1 47 ? -4.075  -0.065  -6.001  1.00 30.19 ? 47  VAL B C   1 
ATOM   917  O  O   . VAL B 1 47 ? -2.826  -0.057  -5.975  1.00 27.91 ? 47  VAL B O   1 
ATOM   918  C  CB  . VAL B 1 47 ? -5.352  2.143   -5.654  1.00 32.02 ? 47  VAL B CB  1 
ATOM   919  C  CG1 . VAL B 1 47 ? -4.273  2.527   -4.626  1.00 35.54 ? 47  VAL B CG1 1 
ATOM   920  C  CG2 . VAL B 1 47 ? -5.863  3.362   -6.404  1.00 33.12 ? 47  VAL B CG2 1 
ATOM   921  N  N   . SER B 1 48 ? -4.735  -1.110  -5.511  1.00 31.67 ? 48  SER B N   1 
ATOM   922  C  CA  . SER B 1 48 ? -3.965  -2.304  -5.064  1.00 37.98 ? 48  SER B CA  1 
ATOM   923  C  C   . SER B 1 48 ? -3.021  -2.957  -6.060  1.00 42.29 ? 48  SER B C   1 
ATOM   924  O  O   . SER B 1 48 ? -2.002  -3.502  -5.638  1.00 41.45 ? 48  SER B O   1 
ATOM   925  C  CB  . SER B 1 48 ? -4.851  -3.353  -4.441  1.00 42.63 ? 48  SER B CB  1 
ATOM   926  O  OG  . SER B 1 48 ? -5.756  -3.841  -5.424  1.00 48.60 ? 48  SER B OG  1 
ATOM   927  N  N   . ASP B 1 49 ? -3.345  -2.976  -7.350  1.00 36.74 ? 49  ASP B N   1 
ATOM   928  C  CA  . ASP B 1 49 ? -2.408  -3.437  -8.369  1.00 33.81 ? 49  ASP B CA  1 
ATOM   929  C  C   . ASP B 1 49 ? -1.150  -2.549  -8.460  1.00 30.29 ? 49  ASP B C   1 
ATOM   930  O  O   . ASP B 1 49 ? -0.050  -3.064  -8.706  1.00 31.31 ? 49  ASP B O   1 
ATOM   931  C  CB  . ASP B 1 49 ? -3.029  -3.518  -9.765  1.00 42.40 ? 49  ASP B CB  1 
ATOM   932  C  CG  . ASP B 1 49 ? -3.845  -4.792  -10.001 1.00 52.88 ? 49  ASP B CG  1 
ATOM   933  O  OD1 . ASP B 1 49 ? -3.685  -5.799  -9.278  1.00 56.83 ? 49  ASP B OD1 1 
ATOM   934  O  OD2 . ASP B 1 49 ? -4.642  -4.744  -10.950 1.00 52.74 ? 49  ASP B OD2 1 
ATOM   935  N  N   . LEU B 1 50 ? -1.241  -1.248  -8.150  1.00 28.76 ? 50  LEU B N   1 
ATOM   936  C  CA  . LEU B 1 50 ? -0.069  -0.418  -8.170  1.00 26.47 ? 50  LEU B CA  1 
ATOM   937  C  C   . LEU B 1 50 ? 0.974   -0.909  -7.174  1.00 24.95 ? 50  LEU B C   1 
ATOM   938  O  O   . LEU B 1 50 ? 2.165   -0.801  -7.367  1.00 28.50 ? 50  LEU B O   1 
ATOM   939  C  CB  . LEU B 1 50 ? -0.407  1.028   -7.710  1.00 28.94 ? 50  LEU B CB  1 
ATOM   940  C  CG  . LEU B 1 50 ? -0.974  2.010   -8.652  1.00 30.12 ? 50  LEU B CG  1 
ATOM   941  C  CD1 . LEU B 1 50 ? -1.142  3.379   -7.952  1.00 27.99 ? 50  LEU B CD1 1 
ATOM   942  C  CD2 . LEU B 1 50 ? -0.114  2.195   -9.892  1.00 27.65 ? 50  LEU B CD2 1 
ATOM   943  N  N   . TYR B 1 51 ? 0.506   -1.423  -6.056  1.00 27.79 ? 51  TYR B N   1 
ATOM   944  C  CA  . TYR B 1 51 ? 1.400   -1.946  -5.015  1.00 28.25 ? 51  TYR B CA  1 
ATOM   945  C  C   . TYR B 1 51 ? 2.138   -3.212  -5.442  1.00 32.44 ? 51  TYR B C   1 
ATOM   946  O  O   . TYR B 1 51 ? 3.155   -3.541  -4.842  1.00 31.97 ? 51  TYR B O   1 
ATOM   947  C  CB  . TYR B 1 51 ? 0.614   -2.229  -3.718  1.00 27.47 ? 51  TYR B CB  1 
ATOM   948  C  CG  . TYR B 1 51 ? 0.377   -0.968  -2.912  1.00 22.16 ? 51  TYR B CG  1 
ATOM   949  C  CD1 . TYR B 1 51 ? 1.364   -0.509  -2.050  1.00 24.11 ? 51  TYR B CD1 1 
ATOM   950  C  CD2 . TYR B 1 51 ? -0.829  -0.254  -2.976  1.00 23.86 ? 51  TYR B CD2 1 
ATOM   951  C  CE1 . TYR B 1 51 ? 1.205   0.687   -1.292  1.00 24.07 ? 51  TYR B CE1 1 
ATOM   952  C  CE2 . TYR B 1 51 ? -0.965  0.915   -2.234  1.00 23.08 ? 51  TYR B CE2 1 
ATOM   953  C  CZ  . TYR B 1 51 ? 0.067   1.355   -1.422  1.00 22.57 ? 51  TYR B CZ  1 
ATOM   954  O  OH  . TYR B 1 51 ? -0.095  2.472   -0.654  1.00 23.38 ? 51  TYR B OH  1 
ATOM   955  N  N   . LYS B 1 52 ? 1.637   -3.869  -6.478  1.00 29.15 ? 52  LYS B N   1 
ATOM   956  C  CA  . LYS B 1 52 ? 2.388   -4.965  -7.103  1.00 34.25 ? 52  LYS B CA  1 
ATOM   957  C  C   . LYS B 1 52 ? 3.493   -4.562  -8.068  1.00 39.23 ? 52  LYS B C   1 
ATOM   958  O  O   . LYS B 1 52 ? 4.323   -5.405  -8.453  1.00 37.88 ? 52  LYS B O   1 
ATOM   959  C  CB  . LYS B 1 52 ? 1.425   -5.919  -7.770  1.00 33.59 ? 52  LYS B CB  1 
ATOM   960  C  CG  . LYS B 1 52 ? 0.574   -6.600  -6.743  1.00 37.54 ? 52  LYS B CG  1 
ATOM   961  C  CD  . LYS B 1 52 ? -0.557  -7.348  -7.390  1.00 41.95 ? 52  LYS B CD  1 
ATOM   962  C  CE  . LYS B 1 52 ? -1.238  -8.135  -6.291  1.00 49.48 ? 52  LYS B CE  1 
ATOM   963  N  NZ  . LYS B 1 52 ? -2.124  -9.143  -6.901  1.00 55.86 ? 52  LYS B NZ  1 
ATOM   964  N  N   . LEU B 1 53 ? 3.577   -3.287  -8.431  1.00 30.19 ? 53  LEU B N   1 
ATOM   965  C  CA  . LEU B 1 53 ? 4.617   -2.797  -9.350  1.00 30.72 ? 53  LEU B CA  1 
ATOM   966  C  C   . LEU B 1 53 ? 5.899   -2.404  -8.662  1.00 33.07 ? 53  LEU B C   1 
ATOM   967  O  O   . LEU B 1 53 ? 6.470   -1.344  -8.910  1.00 30.49 ? 53  LEU B O   1 
ATOM   968  C  CB  . LEU B 1 53 ? 4.043   -1.665  -10.208 1.00 28.60 ? 53  LEU B CB  1 
ATOM   969  C  CG  . LEU B 1 53 ? 2.687   -1.916  -10.882 1.00 34.01 ? 53  LEU B CG  1 
ATOM   970  C  CD1 . LEU B 1 53 ? 2.318   -0.680  -11.681 1.00 32.10 ? 53  LEU B CD1 1 
ATOM   971  C  CD2 . LEU B 1 53 ? 2.837   -3.154  -11.778 1.00 37.34 ? 53  LEU B CD2 1 
ATOM   972  N  N   . THR B 1 54 ? 6.454   -3.340  -7.878  1.00 35.62 ? 54  THR B N   1 
ATOM   973  C  CA  . THR B 1 54 ? 7.592   -3.042  -7.034  1.00 38.75 ? 54  THR B CA  1 
ATOM   974  C  C   . THR B 1 54 ? 8.888   -2.850  -7.817  1.00 37.86 ? 54  THR B C   1 
ATOM   975  O  O   . THR B 1 54 ? 9.766   -2.248  -7.279  1.00 41.02 ? 54  THR B O   1 
ATOM   976  C  CB  . THR B 1 54 ? 7.773   -4.124  -5.929  1.00 42.26 ? 54  THR B CB  1 
ATOM   977  O  OG1 . THR B 1 54 ? 7.729   -5.385  -6.562  1.00 41.42 ? 54  THR B OG1 1 
ATOM   978  C  CG2 . THR B 1 54 ? 6.647   -4.100  -4.949  1.00 41.39 ? 54  THR B CG2 1 
ATOM   979  N  N   . ASP B 1 55 ? 8.954   -3.257  -9.089  1.00 40.65 ? 55  ASP B N   1 
ATOM   980  C  CA  . ASP B 1 55 ? 10.077  -2.902  -9.972  1.00 41.34 ? 55  ASP B CA  1 
ATOM   981  C  C   . ASP B 1 55 ? 9.879   -1.623  -10.761 1.00 44.27 ? 55  ASP B C   1 
ATOM   982  O  O   . ASP B 1 55 ? 10.781  -1.223  -11.460 1.00 42.15 ? 55  ASP B O   1 
ATOM   983  C  CB  . ASP B 1 55 ? 10.324  -4.026  -10.995 1.00 47.06 ? 55  ASP B CB  1 
ATOM   984  C  CG  . ASP B 1 55 ? 10.813  -5.325  -10.365 1.00 53.37 ? 55  ASP B CG  1 
ATOM   985  O  OD1 . ASP B 1 55 ? 11.540  -5.283  -9.355  1.00 60.10 ? 55  ASP B OD1 1 
ATOM   986  O  OD2 . ASP B 1 55 ? 10.488  -6.401  -10.921 1.00 65.72 ? 55  ASP B OD2 1 
ATOM   987  N  N   . THR B 1 56 ? 8.731   -0.954  -10.690 1.00 33.99 ? 56  THR B N   1 
ATOM   988  C  CA  . THR B 1 56 ? 8.494   0.293   -11.483 1.00 32.32 ? 56  THR B CA  1 
ATOM   989  C  C   . THR B 1 56 ? 8.342   1.549   -10.627 1.00 27.70 ? 56  THR B C   1 
ATOM   990  O  O   . THR B 1 56 ? 8.953   2.590   -10.903 1.00 28.81 ? 56  THR B O   1 
ATOM   991  C  CB  . THR B 1 56 ? 7.139   0.136   -12.207 1.00 33.22 ? 56  THR B CB  1 
ATOM   992  O  OG1 . THR B 1 56 ? 7.094   -1.122  -12.832 1.00 33.53 ? 56  THR B OG1 1 
ATOM   993  C  CG2 . THR B 1 56 ? 6.863   1.227   -13.185 1.00 37.85 ? 56  THR B CG2 1 
ATOM   994  N  N   . ILE B 1 57 ? 7.540   1.409   -9.541  1.00 27.81 ? 57  ILE B N   1 
ATOM   995  C  CA  . ILE B 1 57 ? 7.234   2.559   -8.663  1.00 28.12 ? 57  ILE B CA  1 
ATOM   996  C  C   . ILE B 1 57 ? 7.403   2.272   -7.187  1.00 27.59 ? 57  ILE B C   1 
ATOM   997  O  O   . ILE B 1 57 ? 7.418   1.089   -6.759  1.00 29.12 ? 57  ILE B O   1 
ATOM   998  C  CB  . ILE B 1 57 ? 5.766   3.057   -8.840  1.00 27.42 ? 57  ILE B CB  1 
ATOM   999  C  CG1 . ILE B 1 57 ? 4.803   1.874   -8.685  1.00 31.94 ? 57  ILE B CG1 1 
ATOM   1000 C  CG2 . ILE B 1 57 ? 5.616   3.745   -10.171 1.00 31.62 ? 57  ILE B CG2 1 
ATOM   1001 C  CD1 . ILE B 1 57 ? 3.416   2.334   -8.368  1.00 33.07 ? 57  ILE B CD1 1 
ATOM   1002 N  N   . ALA B 1 58 ? 7.566   3.328   -6.393  1.00 24.64 ? 58  ALA B N   1 
ATOM   1003 C  CA  . ALA B 1 58 ? 7.431   3.219   -4.982  1.00 24.25 ? 58  ALA B CA  1 
ATOM   1004 C  C   . ALA B 1 58 ? 6.240   4.092   -4.584  1.00 22.49 ? 58  ALA B C   1 
ATOM   1005 O  O   . ALA B 1 58 ? 6.082   5.178   -5.172  1.00 24.81 ? 58  ALA B O   1 
ATOM   1006 C  CB  . ALA B 1 58 ? 8.671   3.651   -4.265  1.00 27.47 ? 58  ALA B CB  1 
ATOM   1007 N  N   . ILE B 1 59 ? 5.413   3.611   -3.652  1.00 24.79 ? 59  ILE B N   1 
ATOM   1008 C  CA  . ILE B 1 59 ? 4.341   4.437   -3.131  1.00 21.07 ? 59  ILE B CA  1 
ATOM   1009 C  C   . ILE B 1 59 ? 4.820   4.902   -1.754  1.00 25.37 ? 59  ILE B C   1 
ATOM   1010 O  O   . ILE B 1 59 ? 5.125   4.065   -0.878  1.00 28.29 ? 59  ILE B O   1 
ATOM   1011 C  CB  . ILE B 1 59 ? 3.058   3.674   -3.101  1.00 22.11 ? 59  ILE B CB  1 
ATOM   1012 C  CG1 . ILE B 1 59 ? 2.673   3.294   -4.531  1.00 26.81 ? 59  ILE B CG1 1 
ATOM   1013 C  CG2 . ILE B 1 59 ? 1.952   4.531   -2.495  1.00 24.94 ? 59  ILE B CG2 1 
ATOM   1014 C  CD1 . ILE B 1 59 ? 1.527   2.374   -4.675  1.00 31.82 ? 59  ILE B CD1 1 
ATOM   1015 N  N   . ARG B 1 60 ? 4.956   6.183   -1.570  1.00 21.63 ? 60  ARG B N   1 
ATOM   1016 C  CA  . ARG B 1 60 ? 5.492   6.777   -0.371  1.00 20.25 ? 60  ARG B CA  1 
ATOM   1017 C  C   . ARG B 1 60 ? 4.395   7.187   0.531   1.00 23.13 ? 60  ARG B C   1 
ATOM   1018 O  O   . ARG B 1 60 ? 3.539   7.935   0.130   1.00 21.95 ? 60  ARG B O   1 
ATOM   1019 C  CB  . ARG B 1 60 ? 6.379   7.966   -0.677  1.00 25.92 ? 60  ARG B CB  1 
ATOM   1020 C  CG  . ARG B 1 60 ? 7.382   7.763   -1.846  1.00 33.33 ? 60  ARG B CG  1 
ATOM   1021 C  CD  . ARG B 1 60 ? 8.341   6.644   -1.578  1.00 39.51 ? 60  ARG B CD  1 
ATOM   1022 N  NE  . ARG B 1 60 ? 9.059   6.855   -0.351  1.00 48.22 ? 60  ARG B NE  1 
ATOM   1023 C  CZ  . ARG B 1 60 ? 10.029  7.747   -0.188  1.00 54.30 ? 60  ARG B CZ  1 
ATOM   1024 N  NH1 . ARG B 1 60 ? 10.412  8.552   -1.196  1.00 51.71 ? 60  ARG B NH1 1 
ATOM   1025 N  NH2 . ARG B 1 60 ? 10.581  7.849   1.024   1.00 50.67 ? 60  ARG B NH2 1 
ATOM   1026 N  N   . GLU B 1 61 ? 4.476   6.788   1.805   1.00 21.46 ? 61  GLU B N   1 
ATOM   1027 C  CA  . GLU B 1 61 ? 3.499   7.262   2.791   1.00 24.68 ? 61  GLU B CA  1 
ATOM   1028 C  C   . GLU B 1 61 ? 4.023   8.573   3.269   1.00 30.50 ? 61  GLU B C   1 
ATOM   1029 O  O   . GLU B 1 61 ? 5.229   8.740   3.605   1.00 40.17 ? 61  GLU B O   1 
ATOM   1030 C  CB  . GLU B 1 61 ? 3.454   6.327   3.977   1.00 32.55 ? 61  GLU B CB  1 
ATOM   1031 C  CG  . GLU B 1 61 ? 2.920   5.047   3.600   1.00 25.22 ? 61  GLU B CG  1 
ATOM   1032 C  CD  . GLU B 1 61 ? 1.320   5.058   3.535   1.00 29.44 ? 61  GLU B CD  1 
ATOM   1033 O  OE1 . GLU B 1 61 ? 0.480   5.898   4.143   1.00 29.21 ? 61  GLU B OE1 1 
ATOM   1034 O  OE2 . GLU B 1 61 ? 0.961   4.191   2.726   1.00 23.95 ? 61  GLU B OE2 1 
ATOM   1035 N  N   . GLN B 1 62 ? 3.224   9.560   3.189   1.00 25.95 ? 62  GLN B N   1 
ATOM   1036 C  CA  . GLN B 1 62 ? 3.575   10.782  3.805   1.00 27.34 ? 62  GLN B CA  1 
ATOM   1037 C  C   . GLN B 1 62 ? 2.388   11.344  4.514   1.00 31.04 ? 62  GLN B C   1 
ATOM   1038 O  O   . GLN B 1 62 ? 1.233   11.071  4.136   1.00 25.21 ? 62  GLN B O   1 
ATOM   1039 C  CB  . GLN B 1 62 ? 3.923   11.873  2.747   1.00 29.53 ? 62  GLN B CB  1 
ATOM   1040 C  CG  . GLN B 1 62 ? 4.920   11.550  1.727   1.00 31.70 ? 62  GLN B CG  1 
ATOM   1041 C  CD  . GLN B 1 62 ? 5.585   12.811  1.116   1.00 43.77 ? 62  GLN B CD  1 
ATOM   1042 O  OE1 . GLN B 1 62 ? 4.945   13.978  0.738   1.00 34.44 ? 62  GLN B OE1 1 
ATOM   1043 N  NE2 . GLN B 1 62 ? 6.851   12.606  0.962   1.00 41.75 ? 62  GLN B NE2 1 
ATOM   1044 N  N   . GLY B 1 63 ? 2.680   12.302  5.408   1.00 32.70 ? 63  GLY B N   1 
ATOM   1045 C  CA  . GLY B 1 63 ? 1.681   12.983  6.210   1.00 32.31 ? 63  GLY B CA  1 
ATOM   1046 C  C   . GLY B 1 63 ? 0.566   13.617  5.441   1.00 31.57 ? 63  GLY B C   1 
ATOM   1047 O  O   . GLY B 1 63 ? -0.623  13.487  5.785   1.00 33.49 ? 63  GLY B O   1 
ATOM   1048 N  N   . ASN B 1 64 ? 0.876   14.217  4.295   1.00 24.22 ? 64  ASN B N   1 
ATOM   1049 C  CA  . ASN B 1 64 ? -0.143  14.861  3.502   1.00 24.38 ? 64  ASN B CA  1 
ATOM   1050 C  C   . ASN B 1 64 ? -0.810  13.985  2.413   1.00 25.30 ? 64  ASN B C   1 
ATOM   1051 O  O   . ASN B 1 64 ? -1.547  14.487  1.586   1.00 26.27 ? 64  ASN B O   1 
ATOM   1052 C  CB  . ASN B 1 64 ? 0.426   16.147  2.870   1.00 28.18 ? 64  ASN B CB  1 
ATOM   1053 C  CG  . ASN B 1 64 ? 0.863   17.134  3.899   1.00 33.71 ? 64  ASN B CG  1 
ATOM   1054 O  OD1 . ASN B 1 64 ? 0.010   17.686  4.608   1.00 38.37 ? 64  ASN B OD1 1 
ATOM   1055 N  ND2 . ASN B 1 64 ? 2.145   17.377  3.989   1.00 29.02 ? 64  ASN B ND2 1 
ATOM   1056 N  N   . GLY B 1 65 ? -0.530  12.702  2.466   1.00 23.68 ? 65  GLY B N   1 
ATOM   1057 C  CA  . GLY B 1 65 ? -1.039  11.725  1.538   1.00 23.72 ? 65  GLY B CA  1 
ATOM   1058 C  C   . GLY B 1 65 ? 0.044   11.025  0.736   1.00 23.29 ? 65  GLY B C   1 
ATOM   1059 O  O   . GLY B 1 65 ? 1.213   11.428  0.686   1.00 23.48 ? 65  GLY B O   1 
ATOM   1060 N  N   . ARG B 1 66 ? -0.375  9.940   0.078   1.00 19.34 ? 66  ARG B N   1 
ATOM   1061 C  CA  . ARG B 1 66 ? 0.601   9.097   -0.621  1.00 19.15 ? 66  ARG B CA  1 
ATOM   1062 C  C   . ARG B 1 66 ? 1.140   9.760   -1.833  1.00 18.44 ? 66  ARG B C   1 
ATOM   1063 O  O   . ARG B 1 66 ? 0.413   10.493  -2.517  1.00 18.39 ? 66  ARG B O   1 
ATOM   1064 C  CB  . ARG B 1 66 ? 0.020   7.721   -0.939  1.00 19.52 ? 66  ARG B CB  1 
ATOM   1065 C  CG  . ARG B 1 66 ? -0.106  6.816   0.324   1.00 20.51 ? 66  ARG B CG  1 
ATOM   1066 C  CD  . ARG B 1 66 ? -0.859  5.553   0.016   1.00 22.70 ? 66  ARG B CD  1 
ATOM   1067 N  NE  . ARG B 1 66 ? -2.286  5.815   -0.022  1.00 22.01 ? 66  ARG B NE  1 
ATOM   1068 C  CZ  . ARG B 1 66 ? -3.203  4.873   -0.394  1.00 21.14 ? 66  ARG B CZ  1 
ATOM   1069 N  NH1 . ARG B 1 66 ? -2.845  3.662   -0.776  1.00 22.96 ? 66  ARG B NH1 1 
ATOM   1070 N  NH2 . ARG B 1 66 ? -4.473  5.174   -0.397  1.00 21.81 ? 66  ARG B NH2 1 
ATOM   1071 N  N   . LEU B 1 67 ? 2.386   9.420   -2.158  1.00 19.61 ? 67  LEU B N   1 
ATOM   1072 C  CA  . LEU B 1 67 ? 2.992   9.820   -3.436  1.00 21.36 ? 67  LEU B CA  1 
ATOM   1073 C  C   . LEU B 1 67 ? 3.294   8.608   -4.247  1.00 20.51 ? 67  LEU B C   1 
ATOM   1074 O  O   . LEU B 1 67 ? 3.788   7.601   -3.703  1.00 22.84 ? 67  LEU B O   1 
ATOM   1075 C  CB  . LEU B 1 67 ? 4.293   10.540  -3.195  1.00 19.77 ? 67  LEU B CB  1 
ATOM   1076 C  CG  . LEU B 1 67 ? 4.281   11.805  -2.390  1.00 23.72 ? 67  LEU B CG  1 
ATOM   1077 C  CD1 . LEU B 1 67 ? 5.693   12.347  -2.355  1.00 27.55 ? 67  LEU B CD1 1 
ATOM   1078 C  CD2 . LEU B 1 67 ? 3.304   12.835  -2.955  1.00 22.25 ? 67  LEU B CD2 1 
ATOM   1079 N  N   . VAL B 1 68 ? 3.056   8.712   -5.558  1.00 20.19 ? 68  VAL B N   1 
ATOM   1080 C  CA  . VAL B 1 68 ? 3.395   7.623   -6.466  1.00 19.96 ? 68  VAL B CA  1 
ATOM   1081 C  C   . VAL B 1 68 ? 4.654   8.072   -7.225  1.00 21.82 ? 68  VAL B C   1 
ATOM   1082 O  O   . VAL B 1 68 ? 4.601   9.102   -7.891  1.00 21.91 ? 68  VAL B O   1 
ATOM   1083 C  CB  . VAL B 1 68 ? 2.243   7.355   -7.452  1.00 21.50 ? 68  VAL B CB  1 
ATOM   1084 C  CG1 . VAL B 1 68 ? 2.599   6.171   -8.362  1.00 24.65 ? 68  VAL B CG1 1 
ATOM   1085 C  CG2 . VAL B 1 68 ? 0.929   7.030   -6.754  1.00 22.23 ? 68  VAL B CG2 1 
ATOM   1086 N  N   . CYS B 1 69 ? 5.766   7.319   -7.126  1.00 22.50 ? 69  CYS B N   1 
ATOM   1087 C  CA  . CYS B 1 69 ? 7.065   7.794   -7.528  1.00 23.43 ? 69  CYS B CA  1 
ATOM   1088 C  C   . CYS B 1 69 ? 7.691   6.738   -8.442  1.00 25.39 ? 69  CYS B C   1 
ATOM   1089 O  O   . CYS B 1 69 ? 7.733   5.558   -8.116  1.00 26.95 ? 69  CYS B O   1 
ATOM   1090 C  CB  . CYS B 1 69 ? 8.012   7.962   -6.360  1.00 26.47 ? 69  CYS B CB  1 
ATOM   1091 S  SG  . CYS B 1 69 ? 7.375   9.135   -5.117  1.00 34.61 ? 69  CYS B SG  1 
ATOM   1092 N  N   . LEU B 1 70 ? 8.190   7.179   -9.569  1.00 26.45 ? 70  LEU B N   1 
ATOM   1093 C  CA  . LEU B 1 70 ? 8.899   6.279   -10.431 1.00 29.25 ? 70  LEU B CA  1 
ATOM   1094 C  C   . LEU B 1 70 ? 10.275  6.029   -9.840  1.00 33.38 ? 70  LEU B C   1 
ATOM   1095 O  O   . LEU B 1 70 ? 10.965  6.968   -9.453  1.00 37.22 ? 70  LEU B O   1 
ATOM   1096 C  CB  . LEU B 1 70 ? 8.998   7.013   -11.777 1.00 33.84 ? 70  LEU B CB  1 
ATOM   1097 C  CG  . LEU B 1 70 ? 9.171   6.306   -13.072 1.00 39.44 ? 70  LEU B CG  1 
ATOM   1098 C  CD1 . LEU B 1 70 ? 8.058   5.300   -13.167 1.00 34.69 ? 70  LEU B CD1 1 
ATOM   1099 C  CD2 . LEU B 1 70 ? 9.190   7.364   -14.191 1.00 35.24 ? 70  LEU B CD2 1 
ATOM   1100 N  N   . LEU B 1 71 ? 10.721  4.800   -9.840  1.00 36.05 ? 71  LEU B N   1 
ATOM   1101 C  CA  . LEU B 1 71 ? 12.079  4.511   -9.363  1.00 43.65 ? 71  LEU B CA  1 
ATOM   1102 C  C   . LEU B 1 71 ? 13.117  5.094   -10.355 1.00 40.35 ? 71  LEU B C   1 
ATOM   1103 O  O   . LEU B 1 71 ? 12.858  5.150   -11.557 1.00 43.13 ? 71  LEU B O   1 
ATOM   1104 C  CB  . LEU B 1 71 ? 12.267  2.997   -9.193  1.00 41.78 ? 71  LEU B CB  1 
ATOM   1105 C  CG  . LEU B 1 71 ? 11.273  2.266   -8.317  1.00 44.27 ? 71  LEU B CG  1 
ATOM   1106 C  CD1 . LEU B 1 71 ? 11.507  0.769   -8.348  1.00 46.03 ? 71  LEU B CD1 1 
ATOM   1107 C  CD2 . LEU B 1 71 ? 11.363  2.745   -6.884  1.00 48.37 ? 71  LEU B CD2 1 
ATOM   1108 N  N   . PRO B 1 72 ? 14.286  5.510   -9.854  1.00 52.96 ? 72  PRO B N   1 
ATOM   1109 C  CA  . PRO B 1 72 ? 15.515  5.683   -10.719 1.00 62.58 ? 72  PRO B CA  1 
ATOM   1110 C  C   . PRO B 1 72 ? 15.600  4.751   -11.986 1.00 69.74 ? 72  PRO B C   1 
ATOM   1111 O  O   . PRO B 1 72 ? 15.915  3.562   -11.880 1.00 64.15 ? 72  PRO B O   1 
ATOM   1112 C  CB  . PRO B 1 72 ? 16.637  5.370   -9.736  1.00 56.46 ? 72  PRO B CB  1 
ATOM   1113 C  CG  . PRO B 1 72 ? 16.111  5.921   -8.450  1.00 58.95 ? 72  PRO B CG  1 
ATOM   1114 C  CD  . PRO B 1 72 ? 14.631  5.599   -8.420  1.00 52.67 ? 72  PRO B CD  1 
ATOM   1115 N  N   . SER B 1 73 ? 15.279  5.323   -13.154 1.00 87.60 ? 73  SER B N   1 
ATOM   1116 C  CA  . SER B 1 73 ? 14.997  4.602   -14.433 1.00 90.58 ? 73  SER B CA  1 
ATOM   1117 C  C   . SER B 1 73 ? 13.941  5.418   -15.229 1.00 89.34 ? 73  SER B C   1 
ATOM   1118 O  O   . SER B 1 73 ? 12.724  5.203   -15.119 1.00 74.56 ? 73  SER B O   1 
ATOM   1119 C  CB  . SER B 1 73 ? 14.530  3.149   -14.223 1.00 85.34 ? 73  SER B CB  1 
HETATM 1120 S  S   . SO4 C 2 .  ? -5.818  6.503   4.655   1.00 34.69 ? 101 SO4 A S   1 
HETATM 1121 O  O1  . SO4 C 2 .  ? -6.048  5.458   3.703   1.00 34.12 ? 101 SO4 A O1  1 
HETATM 1122 O  O2  . SO4 C 2 .  ? -4.367  6.840   4.735   1.00 33.76 ? 101 SO4 A O2  1 
HETATM 1123 O  O3  . SO4 C 2 .  ? -6.598  7.628   4.109   1.00 40.67 ? 101 SO4 A O3  1 
HETATM 1124 O  O4  . SO4 C 2 .  ? -6.331  6.324   6.055   1.00 43.16 ? 101 SO4 A O4  1 
HETATM 1125 C  C1  . GOL D 3 .  ? 9.733   3.939   3.336   1.00 70.78 ? 102 GOL A C1  1 
HETATM 1126 O  O1  . GOL D 3 .  ? 8.946   3.682   4.496   1.00 72.28 ? 102 GOL A O1  1 
HETATM 1127 C  C2  . GOL D 3 .  ? 9.036   4.971   2.406   1.00 60.09 ? 102 GOL A C2  1 
HETATM 1128 O  O2  . GOL D 3 .  ? 8.913   6.300   2.848   1.00 55.82 ? 102 GOL A O2  1 
HETATM 1129 C  C3  . GOL D 3 .  ? 7.640   4.632   2.107   1.00 44.24 ? 102 GOL A C3  1 
HETATM 1130 O  O3  . GOL D 3 .  ? 6.548   5.159   2.872   1.00 30.46 ? 102 GOL A O3  1 
HETATM 1131 S  S   . SO4 E 2 .  ? -7.389  22.613  -10.528 1.00 86.81 ? 101 SO4 B S   1 
HETATM 1132 O  O1  . SO4 E 2 .  ? -6.374  21.920  -11.371 1.00 81.76 ? 101 SO4 B O1  1 
HETATM 1133 O  O2  . SO4 E 2 .  ? -6.717  23.691  -9.765  1.00 97.58 ? 101 SO4 B O2  1 
HETATM 1134 O  O3  . SO4 E 2 .  ? -8.462  23.214  -11.375 1.00 78.86 ? 101 SO4 B O3  1 
HETATM 1135 O  O4  . SO4 E 2 .  ? -7.956  21.692  -9.505  1.00 84.42 ? 101 SO4 B O4  1 
HETATM 1136 S  S   . SO4 F 2 .  ? -4.213  9.201   0.072   1.00 43.23 ? 102 SO4 B S   1 
HETATM 1137 O  O1  . SO4 F 2 .  ? -2.944  8.595   0.547   1.00 31.07 ? 102 SO4 B O1  1 
HETATM 1138 O  O2  . SO4 F 2 .  ? -4.176  10.013  -1.233  1.00 39.34 ? 102 SO4 B O2  1 
HETATM 1139 O  O3  . SO4 F 2 .  ? -5.305  8.105   -0.198  1.00 39.53 ? 102 SO4 B O3  1 
HETATM 1140 O  O4  . SO4 F 2 .  ? -4.665  10.064  1.206   1.00 46.85 ? 102 SO4 B O4  1 
HETATM 1141 O  O   . HOH G 4 .  ? 6.029   4.133   5.487   1.00 29.23 ? 201 HOH A O   1 
HETATM 1142 O  O   . HOH G 4 .  ? -7.723  5.293   7.785   1.00 25.33 ? 202 HOH A O   1 
HETATM 1143 O  O   . HOH G 4 .  ? -4.980  -12.559 19.920  1.00 43.18 ? 203 HOH A O   1 
HETATM 1144 O  O   . HOH G 4 .  ? 6.433   -6.616  20.482  1.00 48.45 ? 204 HOH A O   1 
HETATM 1145 O  O   . HOH G 4 .  ? 7.882   8.664   3.084   1.00 47.24 ? 205 HOH A O   1 
HETATM 1146 O  O   . HOH G 4 .  ? -3.936  -0.403  -0.148  1.00 26.80 ? 206 HOH A O   1 
HETATM 1147 O  O   . HOH G 4 .  ? 4.255   1.915   0.451   1.00 34.14 ? 207 HOH A O   1 
HETATM 1148 O  O   . HOH G 4 .  ? -12.284 -10.658 16.206  1.00 44.87 ? 208 HOH A O   1 
HETATM 1149 O  O   . HOH G 4 .  ? 8.923   -0.808  4.307   1.00 38.52 ? 209 HOH A O   1 
HETATM 1150 O  O   . HOH G 4 .  ? 2.960   5.785   11.653  1.00 47.67 ? 210 HOH A O   1 
HETATM 1151 O  O   . HOH G 4 .  ? -11.948 0.957   6.342   1.00 90.72 ? 211 HOH A O   1 
HETATM 1152 O  O   . HOH G 4 .  ? -5.442  9.420   14.150  1.00 48.52 ? 212 HOH A O   1 
HETATM 1153 O  O   . HOH G 4 .  ? 10.658  -0.238  8.887   1.00 49.08 ? 213 HOH A O   1 
HETATM 1154 O  O   . HOH G 4 .  ? 6.268   -1.544  1.109   1.00 32.59 ? 214 HOH A O   1 
HETATM 1155 O  O   . HOH G 4 .  ? 0.369   -17.095 8.273   1.00 48.80 ? 215 HOH A O   1 
HETATM 1156 O  O   . HOH G 4 .  ? -7.427  4.860   -3.359  1.00 36.22 ? 216 HOH A O   1 
HETATM 1157 O  O   . HOH G 4 .  ? -8.281  4.165   0.435   1.00 29.93 ? 217 HOH A O   1 
HETATM 1158 O  O   . HOH G 4 .  ? 9.532   -5.357  14.356  1.00 45.12 ? 218 HOH A O   1 
HETATM 1159 O  O   . HOH G 4 .  ? -2.813  -16.681 16.608  1.00 41.09 ? 219 HOH A O   1 
HETATM 1160 O  O   . HOH G 4 .  ? -0.290  7.512   17.014  1.00 40.50 ? 220 HOH A O   1 
HETATM 1161 O  O   . HOH G 4 .  ? -1.040  6.222   19.279  1.00 41.55 ? 221 HOH A O   1 
HETATM 1162 O  O   . HOH G 4 .  ? -2.133  -9.938  1.390   1.00 33.23 ? 222 HOH A O   1 
HETATM 1163 O  O   . HOH G 4 .  ? -7.063  6.606   1.431   1.00 41.74 ? 223 HOH A O   1 
HETATM 1164 O  O   . HOH G 4 .  ? 10.152  -15.793 11.249  1.00 32.65 ? 224 HOH A O   1 
HETATM 1165 O  O   . HOH G 4 .  ? 5.997   -12.517 18.525  1.00 23.97 ? 225 HOH A O   1 
HETATM 1166 O  O   . HOH G 4 .  ? -3.530  7.504   12.992  1.00 39.88 ? 226 HOH A O   1 
HETATM 1167 O  O   . HOH G 4 .  ? -3.042  0.426   22.028  1.00 33.55 ? 227 HOH A O   1 
HETATM 1168 O  O   . HOH G 4 .  ? -8.896  8.364   5.967   1.00 41.22 ? 228 HOH A O   1 
HETATM 1169 O  O   . HOH G 4 .  ? 1.785   -5.078  -1.002  1.00 45.22 ? 229 HOH A O   1 
HETATM 1170 O  O   . HOH G 4 .  ? -4.631  -10.467 20.840  1.00 45.09 ? 230 HOH A O   1 
HETATM 1171 O  O   . HOH G 4 .  ? 5.218   -16.997 1.550   1.00 54.93 ? 231 HOH A O   1 
HETATM 1172 O  O   . HOH G 4 .  ? 7.248   -0.354  11.253  1.00 33.54 ? 232 HOH A O   1 
HETATM 1173 O  O   . HOH G 4 .  ? 3.375   -11.773 5.959   1.00 27.41 ? 233 HOH A O   1 
HETATM 1174 O  O   . HOH G 4 .  ? -3.974  -5.649  21.130  1.00 44.36 ? 234 HOH A O   1 
HETATM 1175 O  O   . HOH G 4 .  ? -3.580  -2.838  -1.366  1.00 41.69 ? 235 HOH A O   1 
HETATM 1176 O  O   . HOH G 4 .  ? 4.980   -12.308 2.486   1.00 50.33 ? 236 HOH A O   1 
HETATM 1177 O  O   . HOH G 4 .  ? -10.026 4.037   6.989   1.00 25.35 ? 237 HOH A O   1 
HETATM 1178 O  O   . HOH G 4 .  ? 11.108  -3.269  6.493   1.00 47.90 ? 238 HOH A O   1 
HETATM 1179 O  O   . HOH G 4 .  ? 9.216   -4.006  10.431  1.00 42.57 ? 239 HOH A O   1 
HETATM 1180 O  O   . HOH G 4 .  ? -8.273  -2.483  -2.515  1.00 31.31 ? 240 HOH A O   1 
HETATM 1181 O  O   . HOH G 4 .  ? 7.408   -1.779  13.645  1.00 43.60 ? 241 HOH A O   1 
HETATM 1182 O  O   . HOH G 4 .  ? -3.050  -5.744  0.347   1.00 47.20 ? 242 HOH A O   1 
HETATM 1183 O  O   . HOH G 4 .  ? 7.806   -3.230  18.864  1.00 50.67 ? 243 HOH A O   1 
HETATM 1184 O  O   . HOH G 4 .  ? -7.944  -3.995  18.305  1.00 45.92 ? 244 HOH A O   1 
HETATM 1185 O  O   . HOH G 4 .  ? 4.451   5.461   7.644   1.00 31.03 ? 245 HOH A O   1 
HETATM 1186 O  O   . HOH G 4 .  ? 0.057   -6.822  3.025   1.00 30.82 ? 246 HOH A O   1 
HETATM 1187 O  O   . HOH G 4 .  ? 18.032  -7.049  6.396   1.00 62.95 ? 247 HOH A O   1 
HETATM 1188 O  O   . HOH G 4 .  ? -3.532  7.441   18.883  1.00 83.54 ? 248 HOH A O   1 
HETATM 1189 O  O   . HOH G 4 .  ? -18.330 9.894   3.157   1.00 44.32 ? 249 HOH A O   1 
HETATM 1190 O  O   . HOH G 4 .  ? -5.853  -16.936 4.305   1.00 47.59 ? 250 HOH A O   1 
HETATM 1191 O  O   . HOH G 4 .  ? -15.496 1.999   -0.794  1.00 48.18 ? 251 HOH A O   1 
HETATM 1192 O  O   . HOH G 4 .  ? 11.918  -4.248  8.739   1.00 46.76 ? 252 HOH A O   1 
HETATM 1193 O  O   . HOH G 4 .  ? -9.645  8.673   1.500   1.00 52.54 ? 253 HOH A O   1 
HETATM 1194 O  O   . HOH G 4 .  ? -2.022  0.459   24.554  1.00 48.34 ? 254 HOH A O   1 
HETATM 1195 O  O   . HOH G 4 .  ? -5.338  4.112   20.651  1.00 53.93 ? 255 HOH A O   1 
HETATM 1196 O  O   . HOH G 4 .  ? -7.886  9.947   15.003  1.00 42.93 ? 256 HOH A O   1 
HETATM 1197 O  O   . HOH G 4 .  ? 6.094   -3.797  -0.782  1.00 43.96 ? 257 HOH A O   1 
HETATM 1198 O  O   . HOH G 4 .  ? 9.315   -3.092  13.105  1.00 41.95 ? 258 HOH A O   1 
HETATM 1199 O  O   . HOH G 4 .  ? -10.347 -3.197  18.241  1.00 46.41 ? 259 HOH A O   1 
HETATM 1200 O  O   . HOH G 4 .  ? 4.827   -0.403  -0.783  1.00 37.62 ? 260 HOH A O   1 
HETATM 1201 O  O   . HOH G 4 .  ? -5.111  1.924   22.054  1.00 40.94 ? 261 HOH A O   1 
HETATM 1202 O  O   . HOH G 4 .  ? -4.087  -2.114  22.465  1.00 43.26 ? 262 HOH A O   1 
HETATM 1203 O  O   . HOH H 4 .  ? -3.171  11.761  -2.489  1.00 28.81 ? 201 HOH B O   1 
HETATM 1204 O  O   . HOH H 4 .  ? 11.672  11.172  -17.023 1.00 52.74 ? 202 HOH B O   1 
HETATM 1205 O  O   . HOH H 4 .  ? 10.126  9.706   -8.381  1.00 46.17 ? 203 HOH B O   1 
HETATM 1206 O  O   . HOH H 4 .  ? -6.211  0.620   -19.396 1.00 40.91 ? 204 HOH B O   1 
HETATM 1207 O  O   . HOH H 4 .  ? -10.731 13.244  -9.609  1.00 35.37 ? 205 HOH B O   1 
HETATM 1208 O  O   . HOH H 4 .  ? -0.252  4.340   -22.177 1.00 42.53 ? 206 HOH B O   1 
HETATM 1209 O  O   . HOH H 4 .  ? -11.575 2.553   -21.167 1.00 40.05 ? 207 HOH B O   1 
HETATM 1210 O  O   . HOH H 4 .  ? -10.507 11.607  -13.027 1.00 27.89 ? 208 HOH B O   1 
HETATM 1211 O  O   . HOH H 4 .  ? -1.635  -5.298  -3.752  1.00 34.19 ? 209 HOH B O   1 
HETATM 1212 O  O   . HOH H 4 .  ? -3.322  1.279   -22.176 1.00 33.76 ? 210 HOH B O   1 
HETATM 1213 O  O   . HOH H 4 .  ? -8.476  11.570  -7.205  1.00 39.16 ? 211 HOH B O   1 
HETATM 1214 O  O   . HOH H 4 .  ? -2.695  8.800   3.184   1.00 39.91 ? 212 HOH B O   1 
HETATM 1215 O  O   . HOH H 4 .  ? -3.726  -3.651  -16.502 1.00 56.89 ? 213 HOH B O   1 
HETATM 1216 O  O   . HOH H 4 .  ? 1.979   13.988  0.451   1.00 28.18 ? 214 HOH B O   1 
HETATM 1217 O  O   . HOH H 4 .  ? 3.944   -3.252  -2.280  1.00 52.35 ? 215 HOH B O   1 
HETATM 1218 O  O   . HOH H 4 .  ? 5.605   -3.132  -18.867 1.00 48.37 ? 216 HOH B O   1 
HETATM 1219 O  O   . HOH H 4 .  ? 5.281   3.853   -20.758 1.00 32.80 ? 217 HOH B O   1 
HETATM 1220 O  O   . HOH H 4 .  ? 3.559   15.202  3.175   1.00 42.27 ? 218 HOH B O   1 
HETATM 1221 O  O   . HOH H 4 .  ? -9.056  4.048   -7.695  1.00 55.34 ? 219 HOH B O   1 
HETATM 1222 O  O   . HOH H 4 .  ? 1.101   13.109  -16.178 1.00 40.69 ? 220 HOH B O   1 
HETATM 1223 O  O   . HOH H 4 .  ? 0.391   18.905  7.027   1.00 46.84 ? 221 HOH B O   1 
HETATM 1224 O  O   . HOH H 4 .  ? 9.203   -0.372  -5.262  1.00 53.37 ? 222 HOH B O   1 
HETATM 1225 O  O   . HOH H 4 .  ? -0.125  6.236   6.808   1.00 45.47 ? 223 HOH B O   1 
HETATM 1226 O  O   . HOH H 4 .  ? 9.824   14.618  -15.083 1.00 37.38 ? 224 HOH B O   1 
HETATM 1227 O  O   . HOH H 4 .  ? 0.236   8.569   3.466   1.00 28.62 ? 225 HOH B O   1 
HETATM 1228 O  O   . HOH H 4 .  ? -11.075 8.450   -21.041 1.00 35.02 ? 226 HOH B O   1 
HETATM 1229 O  O   . HOH H 4 .  ? -9.157  -1.344  -13.189 1.00 49.88 ? 227 HOH B O   1 
HETATM 1230 O  O   . HOH H 4 .  ? -4.419  -1.458  -17.166 1.00 42.73 ? 228 HOH B O   1 
HETATM 1231 O  O   . HOH H 4 .  ? -7.841  17.232  -16.235 1.00 39.07 ? 229 HOH B O   1 
HETATM 1232 O  O   . HOH H 4 .  ? 11.586  16.903  -12.014 1.00 34.01 ? 230 HOH B O   1 
HETATM 1233 O  O   . HOH H 4 .  ? -5.112  12.345  -18.271 1.00 28.60 ? 231 HOH B O   1 
HETATM 1234 O  O   . HOH H 4 .  ? -6.197  9.360   -3.125  1.00 42.45 ? 232 HOH B O   1 
HETATM 1235 O  O   . HOH H 4 .  ? 7.035   -3.645  -11.516 1.00 42.88 ? 233 HOH B O   1 
HETATM 1236 O  O   . HOH H 4 .  ? -2.589  19.843  -9.939  1.00 40.99 ? 234 HOH B O   1 
HETATM 1237 O  O   . HOH H 4 .  ? -5.286  16.062  -11.897 1.00 34.48 ? 235 HOH B O   1 
HETATM 1238 O  O   . HOH H 4 .  ? 7.707   3.078   -0.081  1.00 46.74 ? 236 HOH B O   1 
HETATM 1239 O  O   . HOH H 4 .  ? 4.394   12.114  -18.048 1.00 46.26 ? 237 HOH B O   1 
HETATM 1240 O  O   . HOH H 4 .  ? 1.037   7.600   -23.681 1.00 46.84 ? 238 HOH B O   1 
HETATM 1241 O  O   . HOH H 4 .  ? 5.779   0.875   -2.762  1.00 38.57 ? 239 HOH B O   1 
HETATM 1242 O  O   . HOH H 4 .  ? -0.560  19.090  -14.017 1.00 54.35 ? 240 HOH B O   1 
HETATM 1243 O  O   . HOH H 4 .  ? 4.719   -0.706  -5.968  1.00 41.30 ? 241 HOH B O   1 
HETATM 1244 O  O   . HOH H 4 .  ? 2.192   17.631  -10.622 1.00 27.70 ? 242 HOH B O   1 
HETATM 1245 O  O   . HOH H 4 .  ? 0.321   10.757  -19.853 1.00 47.15 ? 243 HOH B O   1 
HETATM 1246 O  O   . HOH H 4 .  ? 2.713   -2.937  -22.054 1.00 51.68 ? 244 HOH B O   1 
HETATM 1247 O  O   . HOH H 4 .  ? -8.739  8.903   -23.524 1.00 38.62 ? 245 HOH B O   1 
HETATM 1248 O  O   . HOH H 4 .  ? -8.633  0.693   -6.012  1.00 39.56 ? 246 HOH B O   1 
HETATM 1249 O  O   . HOH H 4 .  ? -14.370 1.772   -14.273 1.00 35.38 ? 247 HOH B O   1 
HETATM 1250 O  O   . HOH H 4 .  ? -15.258 2.708   -17.195 1.00 41.78 ? 248 HOH B O   1 
HETATM 1251 O  O   . HOH H 4 .  ? -7.710  -1.423  -4.936  1.00 36.37 ? 249 HOH B O   1 
HETATM 1252 O  O   . HOH H 4 .  ? 5.756   9.730   -20.976 1.00 64.39 ? 250 HOH B O   1 
HETATM 1253 O  O   . HOH H 4 .  ? -5.917  -0.434  -13.061 1.00 40.30 ? 251 HOH B O   1 
HETATM 1254 O  O   . HOH H 4 .  ? -7.166  7.400   -2.671  1.00 43.89 ? 252 HOH B O   1 
HETATM 1255 O  O   . HOH H 4 .  ? 1.480   -5.814  -21.219 1.00 61.85 ? 253 HOH B O   1 
HETATM 1256 O  O   . HOH H 4 .  ? 5.146   -1.113  -3.522  1.00 56.48 ? 254 HOH B O   1 
HETATM 1257 O  O   . HOH H 4 .  ? -6.622  12.374  -20.544 1.00 32.84 ? 255 HOH B O   1 
HETATM 1258 O  O   . HOH H 4 .  ? 13.042  8.963   -11.435 1.00 56.79 ? 256 HOH B O   1 
HETATM 1259 O  O   . HOH H 4 .  ? 13.516  8.456   -13.596 1.00 56.07 ? 257 HOH B O   1 
HETATM 1260 O  O   . HOH H 4 .  ? 2.056   6.779   7.519   1.00 43.01 ? 258 HOH B O   1 
HETATM 1261 O  O   . HOH H 4 .  ? 2.538   17.131  -13.306 1.00 41.24 ? 259 HOH B O   1 
HETATM 1262 O  O   . HOH H 4 .  ? 0.727   -6.049  -2.804  1.00 49.37 ? 260 HOH B O   1 
HETATM 1263 O  O   . HOH H 4 .  ? 11.642  4.985   -2.979  1.00 52.69 ? 261 HOH B O   1 
HETATM 1264 O  O   . HOH H 4 .  ? -0.589  1.649   -22.768 1.00 55.46 ? 262 HOH B O   1 
HETATM 1265 O  O   . HOH H 4 .  ? -5.474  14.778  -17.361 1.00 35.89 ? 263 HOH B O   1 
HETATM 1266 O  O   . HOH H 4 .  ? -2.741  12.414  -19.489 1.00 39.03 ? 264 HOH B O   1 
HETATM 1267 O  O   . HOH H 4 .  ? 0.977   15.542  -14.760 1.00 50.62 ? 265 HOH B O   1 
# 
